data_8JZG
#
_entry.id   8JZG
#
_cell.length_a   61.311
_cell.length_b   116.806
_cell.length_c   116.314
_cell.angle_alpha   90.00
_cell.angle_beta   103.31
_cell.angle_gamma   90.00
#
_symmetry.space_group_name_H-M   'P 1 21 1'
#
loop_
_entity.id
_entity.type
_entity.pdbx_description
1 polymer 'S-adenosylmethionine synthase'
2 non-polymer ADENOSINE
3 non-polymer TRIPHOSPHATE
4 non-polymer S-ADENOSYLMETHIONINE
5 non-polymer GLYCEROL
6 non-polymer 'PYROPHOSPHATE 2-'
7 non-polymer 'MAGNESIUM ION'
8 non-polymer 'POTASSIUM ION'
9 water water
#
_entity_poly.entity_id   1
_entity_poly.type   'polypeptide(L)'
_entity_poly.pdbx_seq_one_letter_code
;MAQPTAVRLFTSESVTEGHPDKICDAISDTILDALLEKDPQSRVAVETVVTTGIVHVVGEVRTSAYVEIPQLVRNKLIEI
GFNSSEVGFDGRTCGVSVSIGEQSQEIADGVDNSDEARTNGDVEEDDRAGAGDQGLMFGYATNETEEYMPLPIALAHRLS
RRLTQVRKEGIVPHLRPDGKTQVTFAYDAQDRPSHLDTVVISTQHDPEVDRAWLETQLREHVIDWVIKDAGIEDLATGEI
TVLINPSGSFILGGPMGDAGLTGRKIIVDTYGGMARHGGGAFSGKDPSKVDRSAAYAMRWVAKNIVAAGLADRAEVQVAY
AIGRAKPVGLYVETFDTNKEGLSDEQIQAAVLEVFDLRPAAIIRELDLLRPIYADTAAYGHFGRTDLDLPWEAIDRVDEL
RAALKLA
;
_entity_poly.pdbx_strand_id   A,B,C,D
#
loop_
_chem_comp.id
_chem_comp.type
_chem_comp.name
_chem_comp.formula
3PO non-polymer TRIPHOSPHATE 'H5 O10 P3'
ADN non-polymer ADENOSINE 'C10 H13 N5 O4'
GOL non-polymer GLYCEROL 'C3 H8 O3'
K non-polymer 'POTASSIUM ION' 'K 1'
MG non-polymer 'MAGNESIUM ION' 'Mg 2'
POP non-polymer 'PYROPHOSPHATE 2-' 'H2 O7 P2 -2'
SAM non-polymer S-ADENOSYLMETHIONINE 'C15 H22 N6 O5 S'
#
# COMPACT_ATOMS: atom_id res chain seq x y z
N ALA A 2 -56.41 13.88 -12.36
CA ALA A 2 -56.18 14.26 -13.79
C ALA A 2 -56.15 13.01 -14.67
N GLN A 3 -56.37 13.17 -15.98
CA GLN A 3 -56.47 12.03 -16.94
C GLN A 3 -55.11 11.67 -17.56
N PRO A 4 -54.08 12.55 -17.65
CA PRO A 4 -52.80 12.16 -18.23
C PRO A 4 -52.29 10.91 -17.50
N THR A 5 -51.94 9.88 -18.27
CA THR A 5 -51.19 8.69 -17.80
C THR A 5 -49.86 8.64 -18.56
N ALA A 6 -48.79 8.13 -17.93
CA ALA A 6 -47.50 7.79 -18.57
C ALA A 6 -47.29 6.28 -18.44
N VAL A 7 -46.49 5.66 -19.31
CA VAL A 7 -46.08 4.23 -19.18
C VAL A 7 -44.97 4.11 -18.13
N ARG A 8 -45.14 3.15 -17.21
CA ARG A 8 -44.13 2.72 -16.22
C ARG A 8 -43.09 1.83 -16.90
N LEU A 9 -41.85 2.32 -16.94
CA LEU A 9 -40.64 1.63 -17.41
C LEU A 9 -39.84 1.21 -16.17
N PHE A 10 -39.42 -0.05 -16.11
CA PHE A 10 -38.55 -0.61 -15.05
C PHE A 10 -37.20 -1.00 -15.65
N THR A 11 -36.09 -0.64 -15.02
CA THR A 11 -34.71 -0.85 -15.55
C THR A 11 -33.88 -1.80 -14.64
N SER A 12 -33.08 -2.70 -15.22
CA SER A 12 -31.99 -3.40 -14.49
C SER A 12 -30.72 -3.40 -15.33
N GLU A 13 -29.55 -3.36 -14.66
CA GLU A 13 -28.22 -3.36 -15.31
C GLU A 13 -27.45 -4.64 -14.98
N SER A 14 -26.41 -4.92 -15.76
CA SER A 14 -25.35 -5.92 -15.48
C SER A 14 -24.02 -5.34 -15.94
N VAL A 15 -22.93 -6.00 -15.54
CA VAL A 15 -21.54 -5.66 -15.95
C VAL A 15 -20.81 -6.96 -16.33
N THR A 16 -19.81 -6.83 -17.17
CA THR A 16 -18.93 -7.96 -17.54
C THR A 16 -17.98 -8.30 -16.38
N GLU A 17 -17.20 -9.35 -16.57
CA GLU A 17 -16.16 -9.75 -15.60
C GLU A 17 -15.02 -8.73 -15.61
N GLY A 18 -14.93 -7.88 -16.64
CA GLY A 18 -13.81 -6.92 -16.77
C GLY A 18 -14.04 -5.59 -16.06
N HIS A 19 -15.24 -5.37 -15.56
CA HIS A 19 -15.61 -4.21 -14.72
C HIS A 19 -14.88 -4.36 -13.40
N PRO A 20 -14.16 -3.32 -12.98
CA PRO A 20 -13.25 -3.39 -11.83
C PRO A 20 -13.91 -3.87 -10.54
N ASP A 21 -15.18 -3.54 -10.32
CA ASP A 21 -15.94 -4.11 -9.18
C ASP A 21 -16.06 -5.64 -9.33
N LYS A 22 -16.43 -6.14 -10.51
CA LYS A 22 -16.63 -7.61 -10.76
C LYS A 22 -15.28 -8.29 -10.74
N ILE A 23 -14.21 -7.64 -11.20
CA ILE A 23 -12.82 -8.14 -11.08
C ILE A 23 -12.53 -8.49 -9.62
N CYS A 24 -12.91 -7.59 -8.71
CA CYS A 24 -12.70 -7.73 -7.26
C CYS A 24 -13.58 -8.84 -6.70
N ASP A 25 -14.83 -8.92 -7.14
CA ASP A 25 -15.77 -9.97 -6.66
C ASP A 25 -15.19 -11.33 -7.08
N ALA A 26 -14.69 -11.40 -8.32
CA ALA A 26 -14.10 -12.60 -8.95
C ALA A 26 -12.78 -12.99 -8.27
N ILE A 27 -11.87 -12.04 -8.02
CA ILE A 27 -10.56 -12.38 -7.36
C ILE A 27 -10.90 -12.91 -5.98
N SER A 28 -11.82 -12.27 -5.27
CA SER A 28 -12.25 -12.65 -3.91
C SER A 28 -12.77 -14.09 -3.91
N ASP A 29 -13.64 -14.47 -4.86
CA ASP A 29 -14.26 -15.83 -4.91
C ASP A 29 -13.28 -16.90 -5.43
N THR A 30 -12.29 -16.50 -6.24
CA THR A 30 -11.19 -17.35 -6.74
C THR A 30 -10.28 -17.75 -5.59
N ILE A 31 -10.04 -16.80 -4.69
CA ILE A 31 -9.16 -17.03 -3.51
C ILE A 31 -9.93 -17.98 -2.58
N LEU A 32 -11.23 -17.74 -2.39
CA LEU A 32 -12.09 -18.57 -1.52
C LEU A 32 -12.09 -20.02 -2.04
N ASP A 33 -12.37 -20.22 -3.32
CA ASP A 33 -12.38 -21.53 -4.03
C ASP A 33 -11.03 -22.23 -3.83
N ALA A 34 -9.91 -21.59 -4.16
CA ALA A 34 -8.55 -22.13 -3.97
C ALA A 34 -8.41 -22.68 -2.55
N LEU A 35 -8.92 -21.95 -1.54
CA LEU A 35 -8.82 -22.39 -0.13
C LEU A 35 -9.74 -23.60 0.14
N LEU A 36 -11.02 -23.55 -0.26
CA LEU A 36 -12.00 -24.65 -0.03
C LEU A 36 -11.53 -25.94 -0.72
N GLU A 37 -10.87 -25.85 -1.88
CA GLU A 37 -10.23 -26.97 -2.60
C GLU A 37 -9.36 -27.75 -1.61
N LYS A 38 -8.61 -27.07 -0.76
CA LYS A 38 -7.56 -27.68 0.09
C LYS A 38 -8.06 -27.89 1.52
N ASP A 39 -8.92 -27.01 2.02
CA ASP A 39 -9.48 -27.06 3.39
C ASP A 39 -10.92 -26.57 3.31
N PRO A 40 -11.92 -27.46 3.13
CA PRO A 40 -13.31 -27.06 3.02
C PRO A 40 -13.88 -26.19 4.15
N GLN A 41 -13.33 -26.31 5.36
CA GLN A 41 -13.74 -25.57 6.60
C GLN A 41 -13.02 -24.22 6.71
N SER A 42 -12.23 -23.82 5.70
CA SER A 42 -11.53 -22.51 5.65
C SER A 42 -12.52 -21.39 6.00
N ARG A 43 -12.19 -20.59 7.00
CA ARG A 43 -12.95 -19.37 7.34
C ARG A 43 -12.31 -18.22 6.55
N VAL A 44 -13.12 -17.56 5.74
CA VAL A 44 -12.61 -16.61 4.69
C VAL A 44 -13.53 -15.41 4.56
N ALA A 45 -12.98 -14.21 4.74
CA ALA A 45 -13.62 -12.90 4.52
C ALA A 45 -12.57 -11.98 3.87
N VAL A 46 -12.48 -12.05 2.56
CA VAL A 46 -11.38 -11.46 1.76
C VAL A 46 -12.01 -10.40 0.85
N GLU A 47 -11.62 -9.15 1.09
CA GLU A 47 -11.91 -7.98 0.21
C GLU A 47 -10.78 -7.83 -0.81
N THR A 48 -11.12 -7.67 -2.08
CA THR A 48 -10.17 -7.24 -3.11
C THR A 48 -10.48 -5.77 -3.44
N VAL A 49 -9.45 -4.95 -3.66
CA VAL A 49 -9.54 -3.55 -4.19
C VAL A 49 -8.62 -3.44 -5.41
N VAL A 50 -9.13 -2.86 -6.50
CA VAL A 50 -8.31 -2.69 -7.72
C VAL A 50 -8.18 -1.21 -8.06
N THR A 51 -6.95 -0.75 -8.25
CA THR A 51 -6.71 0.64 -8.69
C THR A 51 -5.63 0.56 -9.77
N THR A 52 -5.39 1.64 -10.50
CA THR A 52 -4.40 1.61 -11.62
C THR A 52 -3.14 0.84 -11.22
N GLY A 53 -2.83 -0.26 -11.93
CA GLY A 53 -1.58 -1.00 -11.73
C GLY A 53 -1.48 -1.87 -10.49
N ILE A 54 -2.49 -1.89 -9.64
CA ILE A 54 -2.31 -2.63 -8.35
C ILE A 54 -3.60 -3.31 -7.86
N VAL A 55 -3.45 -4.50 -7.28
CA VAL A 55 -4.60 -5.22 -6.66
C VAL A 55 -4.27 -5.36 -5.17
N HIS A 56 -5.19 -4.97 -4.29
CA HIS A 56 -4.99 -5.11 -2.84
C HIS A 56 -5.90 -6.24 -2.38
N VAL A 57 -5.32 -7.17 -1.65
CA VAL A 57 -6.03 -8.32 -1.04
C VAL A 57 -5.89 -8.18 0.46
N VAL A 58 -7.04 -8.16 1.11
CA VAL A 58 -7.25 -7.60 2.46
C VAL A 58 -8.33 -8.45 3.09
N GLY A 59 -8.21 -8.79 4.37
CA GLY A 59 -9.32 -9.38 5.13
C GLY A 59 -8.81 -10.49 6.02
N GLU A 60 -9.69 -11.40 6.41
CA GLU A 60 -9.42 -12.40 7.48
C GLU A 60 -9.54 -13.81 6.88
N VAL A 61 -8.53 -14.63 7.08
CA VAL A 61 -8.49 -16.07 6.68
C VAL A 61 -8.12 -16.94 7.89
N ARG A 62 -8.88 -18.00 8.15
CA ARG A 62 -8.48 -19.16 9.01
C ARG A 62 -8.46 -20.40 8.12
N THR A 63 -7.31 -21.05 7.96
CA THR A 63 -7.11 -22.15 6.99
C THR A 63 -5.87 -22.96 7.39
N SER A 64 -5.87 -24.23 7.00
CA SER A 64 -4.76 -25.19 7.14
C SER A 64 -3.94 -25.18 5.84
N ALA A 65 -4.56 -24.83 4.72
CA ALA A 65 -3.97 -24.83 3.35
C ALA A 65 -2.96 -23.69 3.18
N TYR A 66 -2.10 -23.76 2.17
CA TYR A 66 -1.40 -22.58 1.59
C TYR A 66 -1.79 -22.41 0.12
N VAL A 67 -2.04 -21.18 -0.27
CA VAL A 67 -2.52 -20.75 -1.62
C VAL A 67 -1.64 -19.57 -2.06
N GLU A 68 -1.18 -19.57 -3.32
CA GLU A 68 -0.26 -18.56 -3.89
C GLU A 68 -1.11 -17.39 -4.41
N ILE A 69 -1.52 -16.49 -3.52
CA ILE A 69 -2.50 -15.40 -3.79
C ILE A 69 -2.08 -14.56 -5.00
N PRO A 70 -0.83 -14.08 -5.12
CA PRO A 70 -0.46 -13.27 -6.28
C PRO A 70 -0.59 -14.03 -7.61
N GLN A 71 -0.37 -15.34 -7.62
CA GLN A 71 -0.49 -16.16 -8.87
C GLN A 71 -1.98 -16.29 -9.19
N LEU A 72 -2.79 -16.51 -8.16
CA LEU A 72 -4.27 -16.61 -8.33
C LEU A 72 -4.71 -15.29 -8.93
N VAL A 73 -4.19 -14.16 -8.43
CA VAL A 73 -4.67 -12.83 -8.87
C VAL A 73 -4.28 -12.63 -10.34
N ARG A 74 -3.03 -12.84 -10.68
CA ARG A 74 -2.47 -12.51 -12.02
C ARG A 74 -3.14 -13.40 -13.06
N ASN A 75 -3.35 -14.67 -12.72
CA ASN A 75 -4.02 -15.64 -13.61
C ASN A 75 -5.47 -15.24 -13.82
N LYS A 76 -6.19 -14.77 -12.80
CA LYS A 76 -7.64 -14.48 -12.95
C LYS A 76 -7.74 -13.25 -13.84
N LEU A 77 -6.84 -12.30 -13.64
CA LEU A 77 -6.78 -11.05 -14.45
C LEU A 77 -6.58 -11.46 -15.90
N ILE A 78 -5.81 -12.52 -16.14
CA ILE A 78 -5.46 -12.96 -17.53
C ILE A 78 -6.64 -13.70 -18.14
N GLU A 79 -7.34 -14.58 -17.42
CA GLU A 79 -8.56 -15.20 -18.00
C GLU A 79 -9.50 -14.06 -18.38
N ILE A 80 -9.64 -13.08 -17.50
CA ILE A 80 -10.62 -11.99 -17.70
C ILE A 80 -10.24 -11.27 -19.00
N GLY A 81 -8.94 -11.24 -19.30
CA GLY A 81 -8.41 -10.62 -20.53
C GLY A 81 -7.58 -9.38 -20.28
N PHE A 82 -7.18 -9.08 -19.03
CA PHE A 82 -6.26 -7.93 -18.78
C PHE A 82 -4.82 -8.42 -18.90
N ASN A 83 -4.30 -8.42 -20.14
CA ASN A 83 -3.04 -9.11 -20.52
C ASN A 83 -2.04 -8.15 -21.17
N SER A 84 -2.24 -6.83 -21.06
CA SER A 84 -1.25 -5.80 -21.46
C SER A 84 -1.61 -4.42 -20.88
N SER A 85 -0.57 -3.58 -20.83
CA SER A 85 -0.57 -2.10 -20.64
C SER A 85 -1.32 -1.39 -21.77
N GLU A 86 -1.46 -2.04 -22.95
CA GLU A 86 -2.19 -1.47 -24.12
C GLU A 86 -3.69 -1.36 -23.79
N VAL A 87 -4.22 -2.38 -23.10
CA VAL A 87 -5.65 -2.51 -22.70
C VAL A 87 -5.85 -1.86 -21.31
N GLY A 88 -4.76 -1.51 -20.64
CA GLY A 88 -4.79 -0.61 -19.47
C GLY A 88 -4.45 -1.32 -18.17
N PHE A 89 -4.26 -2.63 -18.24
CA PHE A 89 -3.96 -3.47 -17.06
C PHE A 89 -3.36 -4.79 -17.51
N ASP A 90 -2.38 -5.34 -16.78
CA ASP A 90 -1.70 -6.61 -17.16
C ASP A 90 -1.49 -7.47 -15.91
N GLY A 91 -2.13 -8.64 -15.87
CA GLY A 91 -1.96 -9.62 -14.80
C GLY A 91 -0.48 -9.95 -14.60
N ARG A 92 0.30 -10.06 -15.67
CA ARG A 92 1.71 -10.53 -15.57
C ARG A 92 2.57 -9.47 -14.84
N THR A 93 2.23 -8.19 -14.94
CA THR A 93 3.12 -7.08 -14.49
C THR A 93 2.43 -6.15 -13.49
N CYS A 94 1.19 -6.40 -13.07
CA CYS A 94 0.48 -5.52 -12.09
C CYS A 94 0.98 -5.82 -10.67
N GLY A 95 0.75 -4.89 -9.73
CA GLY A 95 1.08 -5.08 -8.31
C GLY A 95 0.12 -6.04 -7.63
N VAL A 96 0.60 -6.80 -6.65
CA VAL A 96 -0.30 -7.48 -5.68
C VAL A 96 0.26 -7.23 -4.29
N SER A 97 -0.63 -6.80 -3.42
CA SER A 97 -0.33 -6.52 -2.00
C SER A 97 -1.30 -7.34 -1.15
N VAL A 98 -0.80 -8.03 -0.14
CA VAL A 98 -1.66 -8.92 0.70
C VAL A 98 -1.62 -8.44 2.13
N SER A 99 -2.78 -8.15 2.70
CA SER A 99 -2.92 -7.84 4.14
C SER A 99 -3.97 -8.78 4.74
N ILE A 100 -3.61 -10.03 5.00
CA ILE A 100 -4.54 -11.06 5.55
C ILE A 100 -4.14 -11.33 7.01
N GLY A 101 -5.11 -11.53 7.88
CA GLY A 101 -4.86 -12.05 9.24
C GLY A 101 -5.99 -12.96 9.67
N GLU A 102 -6.11 -13.21 10.97
CA GLU A 102 -7.24 -13.96 11.57
C GLU A 102 -7.66 -13.30 12.90
N GLN A 103 -8.34 -12.13 12.83
CA GLN A 103 -8.72 -11.31 14.02
C GLN A 103 -7.46 -10.88 14.77
N GLU A 125 -21.26 -25.59 11.50
CA GLU A 125 -20.53 -26.66 12.24
C GLU A 125 -21.54 -27.48 13.09
N ASP A 126 -21.78 -27.11 14.36
CA ASP A 126 -22.85 -27.70 15.20
C ASP A 126 -24.20 -27.30 14.58
N ASP A 127 -25.19 -28.21 14.55
CA ASP A 127 -26.59 -27.93 14.11
C ASP A 127 -27.08 -26.62 14.76
N ARG A 128 -26.72 -26.37 16.03
CA ARG A 128 -27.21 -25.26 16.90
C ARG A 128 -26.09 -24.24 17.19
N ALA A 129 -24.97 -24.26 16.45
CA ALA A 129 -23.95 -23.20 16.49
C ALA A 129 -24.60 -21.96 15.86
N GLY A 130 -24.44 -20.78 16.47
CA GLY A 130 -25.15 -19.53 16.13
C GLY A 130 -24.52 -18.77 14.98
N ALA A 131 -25.29 -17.88 14.35
CA ALA A 131 -24.85 -16.92 13.31
C ALA A 131 -23.57 -16.20 13.74
N GLY A 132 -22.64 -16.03 12.80
CA GLY A 132 -21.36 -15.34 13.02
C GLY A 132 -21.50 -13.82 13.09
N ASP A 133 -22.69 -13.31 12.72
CA ASP A 133 -23.03 -11.87 12.68
C ASP A 133 -24.56 -11.76 12.77
N GLN A 134 -25.08 -10.60 13.18
CA GLN A 134 -26.51 -10.22 12.93
C GLN A 134 -26.70 -9.94 11.43
N GLY A 135 -27.93 -9.65 11.00
CA GLY A 135 -28.20 -9.15 9.64
C GLY A 135 -29.47 -9.71 9.01
N LEU A 136 -29.85 -9.14 7.88
CA LEU A 136 -31.07 -9.49 7.13
C LEU A 136 -30.63 -9.84 5.72
N MET A 137 -31.38 -10.72 5.07
CA MET A 137 -31.09 -11.37 3.78
C MET A 137 -32.43 -11.63 3.09
N PHE A 138 -32.55 -11.34 1.80
CA PHE A 138 -33.81 -11.45 1.02
C PHE A 138 -33.60 -12.48 -0.10
N GLY A 139 -34.66 -13.17 -0.54
CA GLY A 139 -34.63 -14.01 -1.75
C GLY A 139 -35.93 -13.82 -2.51
N TYR A 140 -35.91 -14.12 -3.80
CA TYR A 140 -36.97 -13.73 -4.76
C TYR A 140 -37.08 -14.81 -5.84
N ALA A 141 -38.28 -14.99 -6.37
CA ALA A 141 -38.54 -15.85 -7.56
C ALA A 141 -39.86 -15.42 -8.21
N THR A 142 -39.97 -15.68 -9.52
CA THR A 142 -41.10 -15.26 -10.38
C THR A 142 -41.19 -16.25 -11.54
N ASN A 143 -42.33 -16.24 -12.23
CA ASN A 143 -42.78 -17.22 -13.25
C ASN A 143 -42.36 -16.79 -14.64
N GLU A 144 -42.02 -15.51 -14.74
CA GLU A 144 -41.98 -14.75 -16.02
C GLU A 144 -40.98 -15.36 -16.97
N THR A 145 -39.97 -16.03 -16.41
CA THR A 145 -38.84 -16.69 -17.13
C THR A 145 -38.77 -18.13 -16.65
N GLU A 146 -38.11 -19.01 -17.39
CA GLU A 146 -37.87 -20.42 -16.98
C GLU A 146 -36.92 -20.44 -15.76
N GLU A 147 -35.94 -19.51 -15.71
CA GLU A 147 -34.88 -19.42 -14.65
C GLU A 147 -35.50 -18.98 -13.31
N TYR A 148 -36.81 -18.72 -13.31
CA TYR A 148 -37.58 -18.09 -12.19
C TYR A 148 -36.98 -16.72 -11.86
N MET A 149 -36.52 -15.96 -12.85
CA MET A 149 -35.89 -14.63 -12.61
C MET A 149 -36.68 -13.52 -13.28
N PRO A 150 -36.78 -12.33 -12.65
CA PRO A 150 -37.44 -11.19 -13.29
C PRO A 150 -36.76 -10.94 -14.63
N LEU A 151 -37.52 -10.54 -15.64
CA LEU A 151 -37.06 -10.36 -17.05
C LEU A 151 -35.97 -9.31 -17.20
N PRO A 152 -36.10 -8.11 -16.59
CA PRO A 152 -35.10 -7.07 -16.82
C PRO A 152 -33.65 -7.52 -16.50
N ILE A 153 -33.40 -8.04 -15.29
CA ILE A 153 -32.04 -8.48 -14.85
C ILE A 153 -31.60 -9.73 -15.65
N ALA A 154 -32.52 -10.67 -15.87
CA ALA A 154 -32.26 -11.90 -16.66
C ALA A 154 -31.71 -11.50 -18.03
N LEU A 155 -32.35 -10.51 -18.65
CA LEU A 155 -31.94 -9.97 -19.97
C LEU A 155 -30.62 -9.22 -19.85
N ALA A 156 -30.47 -8.40 -18.81
CA ALA A 156 -29.25 -7.60 -18.60
C ALA A 156 -28.03 -8.52 -18.45
N HIS A 157 -28.16 -9.54 -17.59
CA HIS A 157 -27.19 -10.66 -17.42
C HIS A 157 -26.89 -11.31 -18.79
N ARG A 158 -27.91 -11.71 -19.55
CA ARG A 158 -27.67 -12.41 -20.84
C ARG A 158 -26.81 -11.54 -21.77
N LEU A 159 -27.09 -10.23 -21.83
CA LEU A 159 -26.35 -9.25 -22.68
C LEU A 159 -24.92 -9.13 -22.19
N SER A 160 -24.69 -9.02 -20.89
CA SER A 160 -23.32 -8.97 -20.31
C SER A 160 -22.56 -10.30 -20.51
N ARG A 161 -23.19 -11.47 -20.34
CA ARG A 161 -22.55 -12.80 -20.65
C ARG A 161 -22.13 -12.83 -22.13
N ARG A 162 -23.05 -12.43 -23.00
CA ARG A 162 -22.88 -12.50 -24.47
C ARG A 162 -21.77 -11.53 -24.92
N LEU A 163 -21.69 -10.37 -24.26
CA LEU A 163 -20.71 -9.32 -24.64
C LEU A 163 -19.32 -9.84 -24.33
N THR A 164 -19.17 -10.57 -23.23
CA THR A 164 -17.89 -11.25 -22.88
C THR A 164 -17.67 -12.40 -23.90
N GLN A 165 -18.69 -13.18 -24.21
CA GLN A 165 -18.60 -14.38 -25.10
C GLN A 165 -18.12 -13.97 -26.49
N VAL A 166 -18.75 -12.99 -27.14
CA VAL A 166 -18.37 -12.60 -28.53
C VAL A 166 -16.93 -12.09 -28.57
N ARG A 167 -16.39 -11.55 -27.47
CA ARG A 167 -14.95 -11.18 -27.42
C ARG A 167 -14.11 -12.45 -27.31
N LYS A 168 -14.43 -13.29 -26.34
CA LYS A 168 -13.59 -14.45 -25.97
C LYS A 168 -13.58 -15.47 -27.11
N GLU A 169 -14.72 -15.77 -27.71
CA GLU A 169 -14.78 -16.72 -28.84
C GLU A 169 -14.39 -16.02 -30.15
N GLY A 170 -14.09 -14.71 -30.11
CA GLY A 170 -13.67 -13.92 -31.29
C GLY A 170 -14.76 -13.85 -32.34
N ILE A 171 -16.00 -13.57 -31.97
CA ILE A 171 -17.16 -13.39 -32.89
C ILE A 171 -17.20 -11.91 -33.32
N VAL A 172 -16.85 -11.02 -32.39
CA VAL A 172 -16.64 -9.57 -32.66
C VAL A 172 -15.21 -9.26 -32.24
N PRO A 173 -14.39 -8.78 -33.20
CA PRO A 173 -13.01 -8.41 -32.90
C PRO A 173 -12.92 -7.01 -32.25
N HIS A 174 -11.72 -6.65 -31.80
CA HIS A 174 -11.35 -5.33 -31.25
C HIS A 174 -12.07 -5.02 -29.93
N LEU A 175 -12.66 -6.00 -29.21
CA LEU A 175 -13.37 -5.67 -27.92
C LEU A 175 -12.39 -5.83 -26.75
N ARG A 176 -12.67 -5.22 -25.61
CA ARG A 176 -11.82 -5.34 -24.39
C ARG A 176 -12.71 -5.66 -23.21
N PRO A 177 -12.17 -6.16 -22.07
CA PRO A 177 -13.00 -6.83 -21.06
C PRO A 177 -14.06 -5.97 -20.35
N ASP A 178 -13.83 -4.67 -20.15
CA ASP A 178 -14.75 -3.77 -19.41
C ASP A 178 -16.00 -3.54 -20.26
N GLY A 179 -17.18 -3.65 -19.65
CA GLY A 179 -18.50 -3.47 -20.27
C GLY A 179 -19.59 -3.36 -19.21
N LYS A 180 -20.67 -2.68 -19.53
CA LYS A 180 -21.94 -2.60 -18.77
C LYS A 180 -23.09 -2.71 -19.78
N THR A 181 -24.20 -3.29 -19.36
CA THR A 181 -25.43 -3.44 -20.18
C THR A 181 -26.56 -2.93 -19.32
N GLN A 182 -27.63 -2.45 -19.95
CA GLN A 182 -28.84 -2.02 -19.22
C GLN A 182 -30.08 -2.28 -20.07
N VAL A 183 -31.18 -2.58 -19.42
CA VAL A 183 -32.43 -3.06 -20.06
C VAL A 183 -33.57 -2.38 -19.33
N THR A 184 -34.44 -1.73 -20.08
CA THR A 184 -35.64 -1.01 -19.58
C THR A 184 -36.84 -1.67 -20.27
N PHE A 185 -37.85 -2.05 -19.48
CA PHE A 185 -39.03 -2.74 -20.04
C PHE A 185 -40.28 -1.94 -19.72
N ALA A 186 -41.23 -1.91 -20.65
CA ALA A 186 -42.52 -1.26 -20.36
C ALA A 186 -43.34 -2.22 -19.50
N TYR A 187 -44.11 -1.68 -18.57
CA TYR A 187 -44.90 -2.55 -17.66
C TYR A 187 -46.38 -2.15 -17.72
N ASP A 188 -47.27 -3.15 -17.69
CA ASP A 188 -48.73 -2.88 -17.70
C ASP A 188 -49.14 -2.36 -16.33
N ALA A 189 -50.42 -2.04 -16.15
CA ALA A 189 -50.90 -1.48 -14.86
C ALA A 189 -50.83 -2.55 -13.77
N GLN A 190 -50.71 -3.82 -14.15
CA GLN A 190 -50.73 -4.92 -13.16
C GLN A 190 -49.30 -5.28 -12.77
N ASP A 191 -48.35 -4.40 -13.10
CA ASP A 191 -46.93 -4.62 -12.72
C ASP A 191 -46.41 -5.87 -13.44
N ARG A 192 -46.69 -6.00 -14.74
CA ARG A 192 -46.18 -7.15 -15.54
C ARG A 192 -45.39 -6.64 -16.74
N PRO A 193 -44.24 -7.26 -17.07
CA PRO A 193 -43.47 -6.86 -18.25
C PRO A 193 -44.37 -6.83 -19.49
N SER A 194 -44.18 -5.84 -20.38
CA SER A 194 -45.07 -5.69 -21.56
C SER A 194 -44.27 -5.53 -22.85
N HIS A 195 -43.16 -4.79 -22.82
CA HIS A 195 -42.37 -4.54 -24.06
C HIS A 195 -40.93 -4.12 -23.74
N LEU A 196 -39.97 -4.57 -24.54
CA LEU A 196 -38.56 -4.16 -24.39
C LEU A 196 -38.44 -2.77 -25.00
N ASP A 197 -38.08 -1.77 -24.19
CA ASP A 197 -38.21 -0.34 -24.54
C ASP A 197 -36.84 0.19 -24.92
N THR A 198 -35.83 -0.07 -24.06
CA THR A 198 -34.48 0.53 -24.19
C THR A 198 -33.42 -0.47 -23.74
N VAL A 199 -32.40 -0.63 -24.58
CA VAL A 199 -31.23 -1.51 -24.36
C VAL A 199 -30.01 -0.61 -24.45
N VAL A 200 -29.16 -0.56 -23.41
CA VAL A 200 -27.88 0.20 -23.42
C VAL A 200 -26.73 -0.81 -23.36
N ILE A 201 -25.75 -0.71 -24.23
CA ILE A 201 -24.52 -1.53 -24.09
C ILE A 201 -23.35 -0.59 -24.19
N SER A 202 -22.48 -0.54 -23.18
CA SER A 202 -21.17 0.15 -23.29
C SER A 202 -20.06 -0.89 -23.18
N THR A 203 -19.17 -0.97 -24.17
CA THR A 203 -18.03 -1.91 -24.13
C THR A 203 -16.73 -1.12 -24.29
N GLN A 204 -15.70 -1.50 -23.54
CA GLN A 204 -14.28 -1.25 -23.83
C GLN A 204 -13.87 -1.89 -25.17
N HIS A 205 -12.92 -1.29 -25.88
CA HIS A 205 -12.56 -1.69 -27.27
C HIS A 205 -11.23 -1.07 -27.70
N ASP A 206 -10.66 -1.53 -28.82
CA ASP A 206 -9.41 -0.99 -29.39
C ASP A 206 -9.74 0.37 -29.98
N PRO A 207 -8.75 1.28 -30.10
CA PRO A 207 -8.95 2.56 -30.78
C PRO A 207 -9.13 2.43 -32.29
N GLU A 208 -8.78 1.30 -32.90
CA GLU A 208 -8.85 1.12 -34.38
C GLU A 208 -10.31 0.94 -34.80
N VAL A 209 -11.23 0.84 -33.83
CA VAL A 209 -12.67 0.57 -34.04
C VAL A 209 -13.47 1.79 -33.58
N ASP A 210 -14.51 2.15 -34.35
CA ASP A 210 -15.37 3.34 -34.14
C ASP A 210 -16.72 2.95 -33.51
N ARG A 211 -17.69 3.86 -33.56
CA ARG A 211 -18.99 3.77 -32.84
C ARG A 211 -20.05 3.14 -33.74
N ALA A 212 -20.01 3.38 -35.06
CA ALA A 212 -21.01 2.87 -36.02
C ALA A 212 -20.84 1.36 -36.22
N TRP A 213 -19.60 0.94 -36.48
CA TRP A 213 -19.15 -0.47 -36.65
C TRP A 213 -19.50 -1.27 -35.38
N LEU A 214 -19.21 -0.73 -34.20
CA LEU A 214 -19.54 -1.41 -32.93
C LEU A 214 -21.05 -1.60 -32.84
N GLU A 215 -21.80 -0.58 -33.22
CA GLU A 215 -23.28 -0.61 -33.12
C GLU A 215 -23.79 -1.80 -33.96
N THR A 216 -23.32 -1.99 -35.19
CA THR A 216 -23.93 -3.02 -36.06
C THR A 216 -23.40 -4.37 -35.55
N GLN A 217 -22.18 -4.40 -35.03
CA GLN A 217 -21.57 -5.64 -34.52
C GLN A 217 -22.35 -6.14 -33.29
N LEU A 218 -22.61 -5.25 -32.35
CA LEU A 218 -23.24 -5.65 -31.07
C LEU A 218 -24.73 -5.85 -31.30
N ARG A 219 -25.34 -5.12 -32.26
CA ARG A 219 -26.82 -5.16 -32.48
C ARG A 219 -27.12 -6.56 -32.98
N GLU A 220 -26.27 -7.01 -33.91
CA GLU A 220 -26.28 -8.32 -34.60
C GLU A 220 -25.90 -9.42 -33.62
N HIS A 221 -24.66 -9.36 -33.12
CA HIS A 221 -23.99 -10.52 -32.48
C HIS A 221 -24.32 -10.63 -30.99
N VAL A 222 -24.88 -9.58 -30.35
CA VAL A 222 -25.20 -9.54 -28.87
C VAL A 222 -26.71 -9.34 -28.64
N ILE A 223 -27.30 -8.26 -29.12
CA ILE A 223 -28.70 -7.88 -28.81
C ILE A 223 -29.68 -8.83 -29.51
N ASP A 224 -29.60 -8.91 -30.84
CA ASP A 224 -30.48 -9.77 -31.68
C ASP A 224 -30.24 -11.21 -31.27
N TRP A 225 -29.01 -11.55 -30.97
CA TRP A 225 -28.67 -12.92 -30.53
C TRP A 225 -29.33 -13.22 -29.17
N VAL A 226 -29.11 -12.46 -28.11
CA VAL A 226 -29.78 -12.72 -26.81
C VAL A 226 -31.30 -12.71 -26.98
N ILE A 227 -31.88 -11.75 -27.69
CA ILE A 227 -33.37 -11.66 -27.80
C ILE A 227 -33.92 -13.00 -28.35
N LYS A 228 -33.25 -13.65 -29.32
CA LYS A 228 -33.66 -14.99 -29.84
C LYS A 228 -33.44 -16.08 -28.78
N ASP A 229 -32.24 -16.13 -28.18
CA ASP A 229 -31.81 -17.19 -27.23
C ASP A 229 -32.66 -17.13 -25.95
N ALA A 230 -33.20 -15.97 -25.57
CA ALA A 230 -34.03 -15.83 -24.35
C ALA A 230 -35.49 -16.19 -24.67
N GLY A 231 -35.83 -16.26 -25.95
CA GLY A 231 -37.19 -16.53 -26.44
C GLY A 231 -38.14 -15.36 -26.20
N ILE A 232 -37.72 -14.11 -26.44
CA ILE A 232 -38.61 -12.93 -26.15
C ILE A 232 -38.85 -12.09 -27.42
N GLU A 233 -38.70 -12.67 -28.62
CA GLU A 233 -38.89 -11.91 -29.89
C GLU A 233 -40.29 -11.28 -29.95
N ASP A 234 -41.25 -11.74 -29.16
CA ASP A 234 -42.62 -11.16 -29.17
C ASP A 234 -42.70 -9.96 -28.21
N LEU A 235 -41.66 -9.69 -27.41
CA LEU A 235 -41.61 -8.47 -26.57
C LEU A 235 -40.69 -7.44 -27.21
N ALA A 236 -40.22 -7.64 -28.44
CA ALA A 236 -39.15 -6.85 -29.08
C ALA A 236 -39.50 -6.45 -30.54
N THR A 237 -40.78 -6.30 -30.84
CA THR A 237 -41.28 -5.79 -32.14
C THR A 237 -41.32 -4.25 -32.13
N GLY A 238 -41.28 -3.64 -33.31
CA GLY A 238 -41.44 -2.18 -33.47
C GLY A 238 -40.20 -1.41 -33.05
N GLU A 239 -40.40 -0.22 -32.49
CA GLU A 239 -39.34 0.75 -32.13
C GLU A 239 -38.71 0.31 -30.80
N ILE A 240 -37.43 -0.03 -30.81
CA ILE A 240 -36.62 -0.22 -29.59
C ILE A 240 -35.48 0.77 -29.68
N THR A 241 -35.34 1.62 -28.67
CA THR A 241 -34.16 2.49 -28.51
C THR A 241 -32.95 1.62 -28.21
N VAL A 242 -31.92 1.66 -29.05
CA VAL A 242 -30.62 0.99 -28.85
C VAL A 242 -29.53 2.04 -28.67
N LEU A 243 -28.87 2.02 -27.51
CA LEU A 243 -27.78 2.95 -27.19
C LEU A 243 -26.49 2.13 -26.99
N ILE A 244 -25.58 2.23 -27.96
CA ILE A 244 -24.28 1.49 -27.87
C ILE A 244 -23.14 2.51 -27.70
N ASN A 245 -22.36 2.38 -26.62
CA ASN A 245 -21.28 3.35 -26.32
C ASN A 245 -21.80 4.77 -26.55
N PRO A 246 -22.89 5.19 -25.87
CA PRO A 246 -23.51 6.50 -26.14
C PRO A 246 -22.71 7.71 -25.63
N SER A 247 -21.61 7.48 -24.91
CA SER A 247 -20.86 8.62 -24.33
C SER A 247 -19.38 8.29 -24.18
N GLY A 248 -18.50 9.11 -24.77
CA GLY A 248 -17.06 8.94 -24.53
C GLY A 248 -16.45 7.76 -25.26
N SER A 249 -15.13 7.79 -25.41
CA SER A 249 -14.42 6.67 -26.08
C SER A 249 -13.98 5.66 -25.02
N PHE A 250 -14.57 4.46 -25.05
CA PHE A 250 -14.25 3.44 -24.03
C PHE A 250 -13.00 2.68 -24.46
N ILE A 251 -11.86 3.36 -24.52
CA ILE A 251 -10.63 2.66 -25.00
C ILE A 251 -10.01 2.00 -23.79
N LEU A 252 -9.86 2.74 -22.70
CA LEU A 252 -9.25 2.22 -21.45
C LEU A 252 -10.37 1.84 -20.49
N GLY A 253 -10.10 0.87 -19.62
CA GLY A 253 -11.09 0.41 -18.64
C GLY A 253 -10.47 -0.51 -17.60
N GLY A 254 -11.31 -1.29 -16.93
CA GLY A 254 -10.86 -2.07 -15.79
C GLY A 254 -10.31 -1.11 -14.74
N PRO A 255 -9.32 -1.54 -13.93
CA PRO A 255 -8.92 -0.71 -12.79
C PRO A 255 -8.36 0.64 -13.27
N MET A 256 -7.83 0.74 -14.51
CA MET A 256 -7.19 1.99 -15.01
C MET A 256 -8.24 3.09 -15.07
N GLY A 257 -8.06 4.12 -14.24
CA GLY A 257 -8.95 5.29 -14.18
C GLY A 257 -10.13 5.12 -13.23
N ASP A 258 -10.53 3.88 -12.87
CA ASP A 258 -11.82 3.60 -12.18
C ASP A 258 -11.68 2.52 -11.10
N ALA A 259 -11.56 2.89 -9.82
CA ALA A 259 -11.31 1.95 -8.69
C ALA A 259 -12.44 0.94 -8.52
N GLY A 260 -12.11 -0.32 -8.25
CA GLY A 260 -13.13 -1.35 -7.99
C GLY A 260 -12.94 -1.91 -6.60
N LEU A 261 -14.03 -2.34 -5.97
CA LEU A 261 -14.00 -3.03 -4.65
C LEU A 261 -14.97 -4.22 -4.66
N THR A 262 -14.70 -5.23 -3.87
CA THR A 262 -15.58 -6.39 -3.65
C THR A 262 -16.88 -5.82 -3.09
N GLY A 263 -18.03 -6.27 -3.56
CA GLY A 263 -19.33 -6.03 -2.90
C GLY A 263 -19.88 -4.65 -3.21
N ARG A 264 -19.67 -4.18 -4.43
CA ARG A 264 -20.17 -2.88 -4.96
C ARG A 264 -21.08 -3.17 -6.17
N LYS A 265 -21.54 -4.40 -6.29
CA LYS A 265 -22.44 -4.82 -7.40
C LYS A 265 -23.47 -5.79 -6.81
N ILE A 266 -23.97 -5.48 -5.60
CA ILE A 266 -24.89 -6.40 -4.87
C ILE A 266 -26.25 -6.49 -5.59
N ILE A 267 -26.65 -5.46 -6.32
CA ILE A 267 -27.98 -5.54 -6.99
C ILE A 267 -27.83 -6.26 -8.33
N VAL A 268 -26.74 -6.05 -9.03
CA VAL A 268 -26.34 -6.86 -10.20
C VAL A 268 -26.23 -8.33 -9.77
N ASP A 269 -25.65 -8.59 -8.59
CA ASP A 269 -25.42 -9.96 -8.07
C ASP A 269 -26.75 -10.73 -7.85
N THR A 270 -27.88 -10.02 -7.72
CA THR A 270 -29.16 -10.53 -7.16
C THR A 270 -30.41 -10.60 -8.03
N TYR A 271 -31.11 -9.49 -8.20
CA TYR A 271 -32.47 -9.50 -8.80
C TYR A 271 -32.64 -8.17 -9.53
N GLY A 272 -31.53 -7.43 -9.69
CA GLY A 272 -31.41 -6.21 -10.52
C GLY A 272 -32.37 -5.11 -10.10
N GLY A 273 -32.72 -5.04 -8.83
CA GLY A 273 -33.64 -3.99 -8.31
C GLY A 273 -35.09 -4.44 -8.26
N MET A 274 -35.46 -5.57 -8.88
CA MET A 274 -36.87 -6.09 -8.81
C MET A 274 -37.20 -6.50 -7.38
N ALA A 275 -36.21 -7.01 -6.64
CA ALA A 275 -36.36 -7.51 -5.27
C ALA A 275 -35.57 -6.67 -4.27
N ARG A 276 -35.96 -6.78 -3.00
CA ARG A 276 -35.32 -6.06 -1.88
C ARG A 276 -34.04 -6.82 -1.55
N HIS A 277 -33.19 -6.25 -0.70
CA HIS A 277 -31.82 -6.72 -0.35
C HIS A 277 -31.48 -6.30 1.08
N GLY A 278 -30.80 -7.17 1.83
CA GLY A 278 -30.44 -6.92 3.25
C GLY A 278 -29.15 -6.13 3.43
N GLY A 279 -28.44 -5.90 2.32
CA GLY A 279 -27.25 -5.01 2.24
C GLY A 279 -25.91 -5.73 2.23
N GLY A 280 -25.84 -7.01 2.59
CA GLY A 280 -24.58 -7.77 2.71
C GLY A 280 -24.06 -8.22 1.35
N ALA A 281 -22.75 -8.14 1.12
CA ALA A 281 -22.07 -8.68 -0.08
C ALA A 281 -21.91 -10.20 0.03
N PHE A 282 -21.65 -10.85 -1.10
CA PHE A 282 -21.47 -12.33 -1.21
C PHE A 282 -19.98 -12.64 -1.34
N SER A 283 -19.32 -12.18 -2.41
CA SER A 283 -17.95 -12.63 -2.80
C SER A 283 -16.96 -12.40 -1.68
N GLY A 284 -15.95 -13.27 -1.62
CA GLY A 284 -14.90 -13.30 -0.59
C GLY A 284 -15.35 -13.92 0.73
N LYS A 285 -16.61 -14.34 0.85
CA LYS A 285 -17.13 -14.91 2.11
C LYS A 285 -17.38 -16.43 1.91
N ASP A 286 -16.83 -17.25 2.80
CA ASP A 286 -17.14 -18.70 2.89
C ASP A 286 -18.55 -18.90 3.41
N PRO A 287 -19.17 -20.08 3.18
CA PRO A 287 -20.58 -20.27 3.49
C PRO A 287 -20.97 -20.17 4.97
N SER A 288 -20.00 -20.04 5.86
CA SER A 288 -20.28 -19.79 7.29
C SER A 288 -20.91 -18.39 7.46
N LYS A 289 -20.79 -17.53 6.44
CA LYS A 289 -21.23 -16.10 6.51
C LYS A 289 -22.65 -16.09 6.00
N VAL A 290 -23.53 -15.81 6.95
CA VAL A 290 -25.00 -15.83 6.76
C VAL A 290 -25.42 -14.77 5.72
N ASP A 291 -24.68 -13.67 5.57
CA ASP A 291 -24.89 -12.72 4.44
C ASP A 291 -25.00 -13.53 3.13
N ARG A 292 -24.12 -14.52 2.92
CA ARG A 292 -24.07 -15.32 1.67
C ARG A 292 -25.05 -16.49 1.72
N SER A 293 -24.95 -17.34 2.74
CA SER A 293 -25.63 -18.66 2.78
C SER A 293 -27.12 -18.46 3.00
N ALA A 294 -27.51 -17.48 3.81
CA ALA A 294 -28.96 -17.23 4.07
C ALA A 294 -29.59 -16.56 2.82
N ALA A 295 -28.89 -15.66 2.15
CA ALA A 295 -29.36 -15.12 0.85
C ALA A 295 -29.67 -16.31 -0.09
N TYR A 296 -28.74 -17.22 -0.27
CA TYR A 296 -28.87 -18.44 -1.15
C TYR A 296 -30.08 -19.29 -0.70
N ALA A 297 -30.19 -19.53 0.61
CA ALA A 297 -31.33 -20.22 1.26
C ALA A 297 -32.64 -19.54 0.88
N MET A 298 -32.70 -18.21 1.00
CA MET A 298 -33.94 -17.45 0.67
C MET A 298 -34.23 -17.59 -0.82
N ARG A 299 -33.21 -17.69 -1.67
CA ARG A 299 -33.42 -17.99 -3.11
C ARG A 299 -34.10 -19.35 -3.22
N TRP A 300 -33.56 -20.34 -2.49
CA TRP A 300 -34.02 -21.75 -2.50
C TRP A 300 -35.49 -21.82 -2.06
N VAL A 301 -35.77 -21.34 -0.85
CA VAL A 301 -37.15 -21.19 -0.27
C VAL A 301 -38.06 -20.49 -1.30
N ALA A 302 -37.63 -19.38 -1.91
CA ALA A 302 -38.51 -18.57 -2.79
C ALA A 302 -38.87 -19.35 -4.04
N LYS A 303 -37.87 -19.99 -4.65
CA LYS A 303 -38.03 -20.69 -5.96
C LYS A 303 -38.99 -21.87 -5.75
N ASN A 304 -38.86 -22.55 -4.61
CA ASN A 304 -39.69 -23.72 -4.22
C ASN A 304 -41.13 -23.28 -3.91
N ILE A 305 -41.29 -22.10 -3.32
CA ILE A 305 -42.62 -21.46 -3.10
C ILE A 305 -43.32 -21.29 -4.46
N VAL A 306 -42.59 -20.82 -5.48
CA VAL A 306 -43.20 -20.45 -6.78
C VAL A 306 -43.43 -21.69 -7.66
N ALA A 307 -42.48 -22.62 -7.70
CA ALA A 307 -42.54 -23.83 -8.55
C ALA A 307 -43.53 -24.84 -7.92
N ALA A 308 -43.77 -24.79 -6.61
CA ALA A 308 -44.89 -25.53 -5.97
C ALA A 308 -46.25 -24.83 -6.22
N GLY A 309 -46.31 -23.81 -7.09
CA GLY A 309 -47.55 -23.08 -7.45
C GLY A 309 -48.28 -22.47 -6.25
N LEU A 310 -47.57 -22.04 -5.19
CA LEU A 310 -48.16 -21.30 -4.05
C LEU A 310 -48.30 -19.82 -4.40
N ALA A 311 -47.72 -19.39 -5.52
CA ALA A 311 -47.76 -17.99 -5.99
C ALA A 311 -46.94 -17.90 -7.28
N ASP A 312 -47.10 -16.79 -8.01
CA ASP A 312 -46.36 -16.45 -9.26
C ASP A 312 -45.04 -15.75 -8.92
N ARG A 313 -45.07 -14.89 -7.89
CA ARG A 313 -43.94 -14.08 -7.34
C ARG A 313 -43.83 -14.35 -5.83
N ALA A 314 -42.63 -14.56 -5.32
CA ALA A 314 -42.43 -14.69 -3.86
C ALA A 314 -41.13 -14.00 -3.48
N GLU A 315 -41.13 -13.31 -2.35
CA GLU A 315 -39.95 -12.68 -1.72
C GLU A 315 -39.95 -13.04 -0.23
N VAL A 316 -38.80 -13.51 0.26
CA VAL A 316 -38.67 -13.93 1.67
C VAL A 316 -37.45 -13.27 2.31
N GLN A 317 -37.70 -12.51 3.35
CA GLN A 317 -36.60 -12.00 4.19
C GLN A 317 -36.41 -12.99 5.33
N VAL A 318 -35.16 -13.13 5.75
CA VAL A 318 -34.73 -13.76 7.02
C VAL A 318 -33.75 -12.77 7.66
N ALA A 319 -33.61 -12.81 8.99
CA ALA A 319 -32.63 -12.06 9.81
C ALA A 319 -32.18 -12.92 10.99
N TYR A 320 -31.00 -12.61 11.53
CA TYR A 320 -30.26 -13.39 12.56
C TYR A 320 -29.71 -12.42 13.60
N ALA A 321 -29.53 -12.89 14.83
CA ALA A 321 -28.72 -12.18 15.85
C ALA A 321 -27.38 -12.92 15.91
N ILE A 322 -26.26 -12.21 16.08
CA ILE A 322 -24.94 -12.88 16.30
C ILE A 322 -25.08 -13.76 17.56
N GLY A 323 -24.55 -14.99 17.53
CA GLY A 323 -24.60 -15.94 18.67
C GLY A 323 -25.83 -16.83 18.64
N ARG A 324 -26.96 -16.37 18.10
CA ARG A 324 -28.19 -17.18 17.98
C ARG A 324 -28.23 -17.87 16.62
N ALA A 325 -28.86 -19.05 16.58
CA ALA A 325 -28.90 -19.98 15.44
C ALA A 325 -30.29 -19.95 14.79
N LYS A 326 -31.37 -19.92 15.58
CA LYS A 326 -32.74 -19.72 15.03
C LYS A 326 -32.82 -18.29 14.50
N PRO A 327 -33.26 -18.09 13.23
CA PRO A 327 -33.53 -16.75 12.72
C PRO A 327 -34.35 -15.95 13.74
N VAL A 328 -34.02 -14.68 13.93
CA VAL A 328 -34.79 -13.73 14.80
C VAL A 328 -36.02 -13.26 14.01
N GLY A 329 -36.05 -13.49 12.70
CA GLY A 329 -37.17 -13.01 11.85
C GLY A 329 -37.31 -13.75 10.53
N LEU A 330 -38.53 -13.81 10.03
CA LEU A 330 -38.84 -14.37 8.70
C LEU A 330 -40.14 -13.72 8.22
N TYR A 331 -40.16 -13.33 6.94
CA TYR A 331 -41.21 -12.48 6.32
C TYR A 331 -41.46 -12.98 4.90
N VAL A 332 -42.69 -13.47 4.64
CA VAL A 332 -43.09 -13.98 3.31
C VAL A 332 -43.99 -12.95 2.63
N GLU A 333 -43.75 -12.65 1.36
CA GLU A 333 -44.61 -11.77 0.53
C GLU A 333 -44.78 -12.38 -0.86
N THR A 334 -46.01 -12.42 -1.38
CA THR A 334 -46.35 -12.95 -2.73
C THR A 334 -47.08 -11.90 -3.59
N PHE A 335 -47.20 -10.66 -3.10
CA PHE A 335 -47.64 -9.48 -3.90
C PHE A 335 -49.01 -9.76 -4.53
N ASP A 336 -49.87 -10.46 -3.79
CA ASP A 336 -51.26 -10.79 -4.24
C ASP A 336 -51.26 -11.91 -5.28
N THR A 337 -50.13 -12.61 -5.44
CA THR A 337 -50.04 -13.74 -6.41
C THR A 337 -50.37 -15.03 -5.67
N ASN A 338 -50.67 -14.93 -4.37
CA ASN A 338 -50.99 -16.12 -3.53
C ASN A 338 -52.02 -17.00 -4.23
N LYS A 339 -51.96 -18.32 -4.01
CA LYS A 339 -52.86 -19.25 -4.74
C LYS A 339 -53.47 -20.29 -3.80
N GLU A 340 -54.41 -21.10 -4.31
CA GLU A 340 -55.14 -22.12 -3.50
C GLU A 340 -55.78 -21.43 -2.28
N GLY A 341 -56.18 -20.17 -2.44
CA GLY A 341 -56.69 -19.30 -1.36
C GLY A 341 -55.85 -19.38 -0.11
N LEU A 342 -54.52 -19.28 -0.25
CA LEU A 342 -53.52 -19.31 0.85
C LEU A 342 -53.08 -17.88 1.19
N SER A 343 -52.83 -17.62 2.47
CA SER A 343 -52.21 -16.39 3.00
C SER A 343 -50.68 -16.55 3.02
N ASP A 344 -49.97 -15.44 3.15
CA ASP A 344 -48.49 -15.41 3.33
C ASP A 344 -48.14 -15.99 4.71
N GLU A 345 -48.99 -15.79 5.74
CA GLU A 345 -48.74 -16.35 7.09
C GLU A 345 -48.81 -17.88 7.06
N GLN A 346 -49.61 -18.44 6.14
CA GLN A 346 -49.88 -19.90 5.97
C GLN A 346 -48.67 -20.57 5.29
N ILE A 347 -48.31 -20.09 4.10
CA ILE A 347 -47.07 -20.45 3.38
C ILE A 347 -45.86 -20.40 4.33
N GLN A 348 -45.69 -19.29 5.07
CA GLN A 348 -44.52 -19.09 5.97
C GLN A 348 -44.44 -20.22 7.02
N ALA A 349 -45.57 -20.58 7.64
CA ALA A 349 -45.73 -21.76 8.52
C ALA A 349 -45.18 -23.02 7.82
N ALA A 350 -45.58 -23.24 6.56
CA ALA A 350 -45.08 -24.32 5.69
C ALA A 350 -43.55 -24.20 5.55
N VAL A 351 -43.04 -22.99 5.34
CA VAL A 351 -41.58 -22.76 5.12
C VAL A 351 -40.87 -23.23 6.40
N LEU A 352 -41.41 -22.88 7.56
CA LEU A 352 -40.80 -23.22 8.86
C LEU A 352 -40.88 -24.74 9.03
N GLU A 353 -41.98 -25.34 8.57
CA GLU A 353 -42.17 -26.82 8.60
C GLU A 353 -41.16 -27.51 7.65
N VAL A 354 -40.93 -26.99 6.43
CA VAL A 354 -40.12 -27.69 5.37
C VAL A 354 -38.60 -27.39 5.47
N PHE A 355 -38.20 -26.13 5.71
CA PHE A 355 -36.78 -25.70 5.59
C PHE A 355 -36.18 -25.50 6.97
N ASP A 356 -34.91 -25.84 7.13
CA ASP A 356 -34.18 -25.58 8.39
C ASP A 356 -33.18 -24.44 8.12
N LEU A 357 -33.30 -23.35 8.88
CA LEU A 357 -32.67 -22.04 8.53
C LEU A 357 -31.61 -21.69 9.56
N ARG A 358 -31.16 -22.66 10.36
CA ARG A 358 -29.93 -22.47 11.15
C ARG A 358 -28.77 -22.47 10.15
N PRO A 359 -27.72 -21.67 10.39
CA PRO A 359 -26.64 -21.53 9.44
C PRO A 359 -26.02 -22.90 9.08
N ALA A 360 -25.75 -23.73 10.09
CA ALA A 360 -25.06 -25.03 9.92
C ALA A 360 -25.93 -26.01 9.13
N ALA A 361 -27.27 -25.92 9.25
CA ALA A 361 -28.20 -26.78 8.47
C ALA A 361 -28.21 -26.36 7.00
N ILE A 362 -28.14 -25.05 6.72
CA ILE A 362 -28.24 -24.54 5.31
C ILE A 362 -27.06 -25.11 4.52
N ILE A 363 -25.88 -25.15 5.15
CA ILE A 363 -24.61 -25.60 4.52
C ILE A 363 -24.75 -27.09 4.19
N ARG A 364 -25.26 -27.86 5.15
CA ARG A 364 -25.53 -29.30 4.99
C ARG A 364 -26.53 -29.45 3.83
N GLU A 365 -27.69 -28.78 3.93
CA GLU A 365 -28.82 -28.91 2.97
C GLU A 365 -28.35 -28.62 1.54
N LEU A 366 -27.57 -27.55 1.36
CA LEU A 366 -27.14 -27.05 0.02
C LEU A 366 -25.72 -27.51 -0.30
N ASP A 367 -25.10 -28.31 0.59
CA ASP A 367 -23.72 -28.85 0.36
C ASP A 367 -22.79 -27.69 -0.10
N LEU A 368 -22.64 -26.65 0.73
CA LEU A 368 -21.93 -25.42 0.27
C LEU A 368 -20.40 -25.49 0.46
N LEU A 369 -19.88 -26.48 1.18
CA LEU A 369 -18.41 -26.50 1.43
C LEU A 369 -17.68 -27.04 0.20
N ARG A 370 -17.75 -26.30 -0.93
CA ARG A 370 -17.11 -26.74 -2.19
C ARG A 370 -16.68 -25.52 -3.03
N PRO A 371 -15.64 -25.63 -3.88
CA PRO A 371 -15.18 -24.53 -4.73
C PRO A 371 -16.07 -24.22 -5.94
N ILE A 372 -17.27 -23.72 -5.70
CA ILE A 372 -18.27 -23.41 -6.77
C ILE A 372 -18.50 -21.91 -6.85
N TYR A 373 -17.73 -21.07 -6.14
CA TYR A 373 -18.12 -19.64 -5.92
C TYR A 373 -17.56 -18.73 -7.01
N ALA A 374 -16.41 -19.03 -7.59
CA ALA A 374 -15.79 -18.18 -8.60
C ALA A 374 -16.75 -17.96 -9.78
N ASP A 375 -17.59 -18.95 -10.10
CA ASP A 375 -18.59 -18.91 -11.21
C ASP A 375 -19.71 -17.88 -10.92
N THR A 376 -19.97 -17.60 -9.64
CA THR A 376 -21.07 -16.68 -9.23
C THR A 376 -20.64 -15.21 -9.20
N ALA A 377 -19.33 -14.93 -9.24
CA ALA A 377 -18.81 -13.55 -9.07
C ALA A 377 -19.18 -12.62 -10.22
N ALA A 378 -19.59 -13.15 -11.38
CA ALA A 378 -20.08 -12.28 -12.46
C ALA A 378 -21.28 -12.94 -13.16
N TYR A 379 -22.23 -12.14 -13.66
CA TYR A 379 -23.38 -12.67 -14.44
C TYR A 379 -24.14 -13.51 -13.39
N GLY A 380 -24.40 -12.95 -12.22
CA GLY A 380 -25.51 -13.26 -11.29
C GLY A 380 -25.23 -14.49 -10.47
N HIS A 381 -25.76 -14.55 -9.24
CA HIS A 381 -25.61 -15.74 -8.37
C HIS A 381 -26.91 -16.55 -8.46
N PHE A 382 -27.88 -16.05 -9.20
CA PHE A 382 -29.22 -16.66 -9.26
C PHE A 382 -29.68 -16.74 -10.70
N GLY A 383 -30.51 -17.74 -10.99
CA GLY A 383 -31.09 -18.05 -12.31
C GLY A 383 -30.01 -18.28 -13.36
N ARG A 384 -29.04 -19.14 -13.04
CA ARG A 384 -27.84 -19.42 -13.87
C ARG A 384 -28.04 -20.76 -14.60
N THR A 385 -28.58 -20.71 -15.82
CA THR A 385 -28.82 -21.91 -16.68
C THR A 385 -27.48 -22.56 -17.08
N ASP A 386 -26.45 -21.76 -17.36
CA ASP A 386 -25.08 -22.25 -17.66
C ASP A 386 -24.41 -22.92 -16.45
N LEU A 387 -24.94 -22.83 -15.23
CA LEU A 387 -24.29 -23.44 -14.02
C LEU A 387 -25.24 -24.46 -13.39
N ASP A 388 -24.83 -25.08 -12.27
CA ASP A 388 -25.58 -26.14 -11.55
C ASP A 388 -25.60 -25.86 -10.05
N LEU A 389 -26.30 -24.81 -9.61
CA LEU A 389 -26.15 -24.25 -8.25
C LEU A 389 -27.10 -24.97 -7.27
N PRO A 390 -26.60 -25.41 -6.09
CA PRO A 390 -27.44 -26.10 -5.12
C PRO A 390 -28.71 -25.35 -4.68
N TRP A 391 -28.68 -24.00 -4.65
CA TRP A 391 -29.80 -23.15 -4.16
C TRP A 391 -30.84 -22.93 -5.25
N GLU A 392 -30.60 -23.46 -6.46
CA GLU A 392 -31.53 -23.31 -7.61
C GLU A 392 -32.35 -24.58 -7.76
N ALA A 393 -32.11 -25.58 -6.90
CA ALA A 393 -32.84 -26.86 -6.97
C ALA A 393 -34.29 -26.70 -6.52
N ILE A 394 -35.24 -27.17 -7.32
CA ILE A 394 -36.68 -27.13 -6.93
C ILE A 394 -37.03 -28.53 -6.39
N ASP A 395 -36.43 -28.91 -5.27
CA ASP A 395 -36.61 -30.28 -4.72
C ASP A 395 -37.28 -30.24 -3.34
N ARG A 396 -38.11 -29.23 -3.09
CA ARG A 396 -38.84 -29.13 -1.81
C ARG A 396 -40.31 -28.82 -2.12
N VAL A 397 -40.65 -28.80 -3.41
CA VAL A 397 -42.04 -28.46 -3.85
C VAL A 397 -43.03 -29.45 -3.22
N ASP A 398 -42.77 -30.75 -3.37
CA ASP A 398 -43.68 -31.79 -2.81
C ASP A 398 -43.85 -31.56 -1.31
N GLU A 399 -42.77 -31.44 -0.56
CA GLU A 399 -42.85 -31.30 0.91
C GLU A 399 -43.66 -30.04 1.28
N LEU A 400 -43.54 -28.97 0.51
CA LEU A 400 -44.35 -27.75 0.77
C LEU A 400 -45.83 -28.06 0.54
N ARG A 401 -46.16 -28.71 -0.59
CA ARG A 401 -47.57 -28.99 -0.93
C ARG A 401 -48.17 -29.91 0.14
N ALA A 402 -47.37 -30.85 0.66
CA ALA A 402 -47.86 -31.75 1.72
C ALA A 402 -48.19 -30.94 2.97
N ALA A 403 -47.30 -30.02 3.36
CA ALA A 403 -47.50 -29.25 4.61
C ALA A 403 -48.76 -28.38 4.49
N LEU A 404 -49.19 -28.07 3.28
CA LEU A 404 -50.38 -27.20 3.09
C LEU A 404 -51.59 -28.06 2.70
N LYS A 405 -51.45 -29.39 2.77
CA LYS A 405 -52.57 -30.32 2.45
C LYS A 405 -52.99 -30.16 0.98
N LEU A 406 -52.01 -30.04 0.08
CA LEU A 406 -52.33 -29.85 -1.36
C LEU A 406 -52.05 -31.16 -2.11
N ALA A 407 -52.39 -31.20 -3.41
CA ALA A 407 -52.20 -32.42 -4.22
C ALA A 407 -51.13 -32.18 -5.29
N GLN B 3 -52.78 -25.04 6.95
CA GLN B 3 -53.68 -24.23 7.82
C GLN B 3 -52.90 -23.41 8.84
N PRO B 4 -51.97 -23.99 9.66
CA PRO B 4 -51.26 -23.21 10.68
C PRO B 4 -50.62 -21.96 10.07
N THR B 5 -50.29 -20.98 10.91
CA THR B 5 -49.94 -19.60 10.51
C THR B 5 -48.69 -19.18 11.29
N ALA B 6 -47.81 -18.40 10.67
CA ALA B 6 -46.63 -17.82 11.34
C ALA B 6 -46.82 -16.31 11.37
N VAL B 7 -46.27 -15.64 12.38
CA VAL B 7 -46.23 -14.16 12.47
C VAL B 7 -45.08 -13.72 11.54
N ARG B 8 -45.38 -12.88 10.55
CA ARG B 8 -44.39 -12.22 9.66
C ARG B 8 -43.65 -11.13 10.44
N LEU B 9 -42.34 -11.26 10.45
CA LEU B 9 -41.41 -10.45 11.25
C LEU B 9 -40.41 -9.84 10.28
N PHE B 10 -40.35 -8.50 10.28
CA PHE B 10 -39.51 -7.69 9.40
C PHE B 10 -38.37 -7.10 10.22
N THR B 11 -37.19 -7.10 9.62
CA THR B 11 -35.93 -6.69 10.23
C THR B 11 -35.17 -5.69 9.35
N SER B 12 -34.56 -4.73 10.05
CA SER B 12 -33.66 -3.68 9.53
C SER B 12 -32.58 -3.47 10.59
N GLU B 13 -31.38 -3.14 10.15
CA GLU B 13 -30.24 -2.90 11.07
C GLU B 13 -29.62 -1.53 10.79
N SER B 14 -28.85 -1.09 11.76
CA SER B 14 -27.97 0.09 11.65
C SER B 14 -26.65 -0.23 12.37
N VAL B 15 -25.66 0.59 12.09
CA VAL B 15 -24.30 0.55 12.68
C VAL B 15 -23.94 1.98 13.12
N THR B 16 -23.09 2.09 14.15
CA THR B 16 -22.48 3.35 14.63
C THR B 16 -21.46 3.89 13.62
N GLU B 17 -21.04 5.13 13.81
CA GLU B 17 -19.97 5.73 12.97
C GLU B 17 -18.64 5.01 13.18
N GLY B 18 -18.52 4.19 14.22
CA GLY B 18 -17.29 3.48 14.60
C GLY B 18 -17.15 2.14 13.87
N HIS B 19 -18.18 1.70 13.18
CA HIS B 19 -18.16 0.47 12.38
C HIS B 19 -17.26 0.70 11.18
N PRO B 20 -16.32 -0.22 10.85
CA PRO B 20 -15.30 0.07 9.86
C PRO B 20 -15.81 0.47 8.46
N ASP B 21 -16.96 -0.03 8.08
CA ASP B 21 -17.60 0.35 6.81
C ASP B 21 -18.03 1.82 6.90
N LYS B 22 -18.67 2.20 8.00
CA LYS B 22 -19.17 3.58 8.22
C LYS B 22 -17.98 4.52 8.35
N ILE B 23 -16.86 4.10 8.94
CA ILE B 23 -15.63 4.91 9.03
C ILE B 23 -15.24 5.29 7.60
N CYS B 24 -15.21 4.34 6.68
CA CYS B 24 -14.88 4.56 5.25
C CYS B 24 -15.84 5.55 4.62
N ASP B 25 -17.15 5.41 4.85
CA ASP B 25 -18.21 6.25 4.23
C ASP B 25 -18.00 7.69 4.74
N ALA B 26 -17.74 7.82 6.04
CA ALA B 26 -17.55 9.10 6.73
C ALA B 26 -16.25 9.77 6.24
N ILE B 27 -15.14 9.02 6.14
CA ILE B 27 -13.85 9.58 5.63
C ILE B 27 -14.05 10.06 4.18
N SER B 28 -14.70 9.25 3.34
CA SER B 28 -14.96 9.56 1.93
C SER B 28 -15.76 10.85 1.84
N ASP B 29 -16.80 11.02 2.65
CA ASP B 29 -17.69 12.22 2.61
C ASP B 29 -17.07 13.42 3.35
N THR B 30 -16.07 13.21 4.20
CA THR B 30 -15.28 14.29 4.84
C THR B 30 -14.38 14.94 3.77
N ILE B 31 -13.74 14.14 2.91
CA ILE B 31 -12.89 14.56 1.76
C ILE B 31 -13.76 15.31 0.75
N LEU B 32 -14.90 14.75 0.39
CA LEU B 32 -15.90 15.43 -0.51
C LEU B 32 -16.23 16.81 0.06
N ASP B 33 -16.64 16.89 1.32
CA ASP B 33 -17.06 18.16 1.96
C ASP B 33 -15.89 19.16 1.91
N ALA B 34 -14.73 18.78 2.44
CA ALA B 34 -13.49 19.58 2.44
C ALA B 34 -13.25 20.14 1.04
N LEU B 35 -13.45 19.34 -0.01
CA LEU B 35 -13.20 19.81 -1.40
C LEU B 35 -14.32 20.74 -1.86
N LEU B 36 -15.59 20.47 -1.57
CA LEU B 36 -16.73 21.31 -1.99
C LEU B 36 -16.69 22.70 -1.32
N GLU B 37 -16.16 22.82 -0.09
CA GLU B 37 -15.94 24.07 0.69
C GLU B 37 -15.03 25.00 -0.12
N LYS B 38 -13.97 24.47 -0.75
CA LYS B 38 -12.97 25.27 -1.49
C LYS B 38 -13.36 25.40 -2.95
N ASP B 39 -14.03 24.40 -3.53
CA ASP B 39 -14.34 24.34 -4.99
C ASP B 39 -15.60 23.51 -5.20
N PRO B 40 -16.79 24.15 -5.14
CA PRO B 40 -18.07 23.45 -5.30
C PRO B 40 -18.27 22.59 -6.56
N GLN B 41 -17.52 22.83 -7.63
CA GLN B 41 -17.61 22.05 -8.90
C GLN B 41 -16.66 20.85 -8.84
N SER B 42 -16.03 20.56 -7.70
CA SER B 42 -15.10 19.42 -7.55
C SER B 42 -15.76 18.13 -8.08
N ARG B 43 -15.05 17.33 -8.86
CA ARG B 43 -15.46 15.94 -9.20
C ARG B 43 -14.72 14.96 -8.29
N VAL B 44 -15.48 14.14 -7.55
CA VAL B 44 -14.94 13.32 -6.44
C VAL B 44 -15.62 11.96 -6.52
N ALA B 45 -14.81 10.93 -6.67
CA ALA B 45 -15.21 9.51 -6.60
C ALA B 45 -14.13 8.85 -5.74
N VAL B 46 -14.27 9.02 -4.44
CA VAL B 46 -13.20 8.69 -3.44
C VAL B 46 -13.67 7.53 -2.57
N GLU B 47 -12.89 6.46 -2.61
CA GLU B 47 -13.14 5.20 -1.90
C GLU B 47 -12.14 5.17 -0.77
N THR B 48 -12.60 4.79 0.42
CA THR B 48 -11.74 4.51 1.59
C THR B 48 -11.83 3.01 1.93
N VAL B 49 -10.68 2.43 2.29
CA VAL B 49 -10.51 1.05 2.79
C VAL B 49 -9.85 1.17 4.16
N VAL B 50 -10.32 0.45 5.15
CA VAL B 50 -9.59 0.43 6.44
C VAL B 50 -9.30 -1.01 6.78
N THR B 51 -8.11 -1.23 7.31
CA THR B 51 -7.74 -2.49 7.97
C THR B 51 -6.74 -2.17 9.07
N THR B 52 -6.28 -3.20 9.78
CA THR B 52 -5.40 -3.00 10.96
C THR B 52 -4.35 -1.94 10.62
N GLY B 53 -4.44 -0.80 11.30
CA GLY B 53 -3.40 0.23 11.41
C GLY B 53 -3.38 1.19 10.23
N ILE B 54 -4.23 1.04 9.22
CA ILE B 54 -4.00 1.77 7.95
C ILE B 54 -5.34 2.14 7.29
N VAL B 55 -5.42 3.37 6.78
CA VAL B 55 -6.51 3.89 5.91
C VAL B 55 -5.90 4.04 4.52
N HIS B 56 -6.53 3.44 3.52
CA HIS B 56 -6.21 3.64 2.08
C HIS B 56 -7.25 4.58 1.51
N VAL B 57 -6.82 5.66 0.86
CA VAL B 57 -7.72 6.59 0.15
C VAL B 57 -7.43 6.45 -1.33
N VAL B 58 -8.47 6.27 -2.12
CA VAL B 58 -8.37 5.73 -3.50
C VAL B 58 -9.50 6.34 -4.31
N GLY B 59 -9.22 6.68 -5.56
CA GLY B 59 -10.27 7.05 -6.53
C GLY B 59 -9.88 8.24 -7.39
N GLU B 60 -10.87 8.97 -7.88
CA GLU B 60 -10.72 9.99 -8.94
C GLU B 60 -11.07 11.35 -8.31
N VAL B 61 -10.25 12.37 -8.54
CA VAL B 61 -10.60 13.72 -8.02
C VAL B 61 -10.22 14.79 -9.04
N ARG B 62 -11.18 15.64 -9.41
CA ARG B 62 -10.87 16.81 -10.29
C ARG B 62 -11.26 18.07 -9.52
N THR B 63 -10.26 18.83 -9.07
CA THR B 63 -10.54 20.04 -8.26
C THR B 63 -9.46 21.10 -8.49
N SER B 64 -9.74 22.33 -8.08
CA SER B 64 -8.74 23.43 -8.17
C SER B 64 -8.20 23.65 -6.76
N ALA B 65 -8.61 22.80 -5.82
CA ALA B 65 -8.26 23.02 -4.40
C ALA B 65 -7.28 21.98 -3.88
N TYR B 66 -6.62 22.29 -2.77
CA TYR B 66 -5.76 21.28 -2.11
C TYR B 66 -6.35 21.02 -0.73
N VAL B 67 -6.46 19.75 -0.36
CA VAL B 67 -6.93 19.41 1.02
C VAL B 67 -5.88 18.47 1.63
N GLU B 68 -5.66 18.58 2.93
CA GLU B 68 -4.72 17.65 3.63
C GLU B 68 -5.49 16.38 4.00
N ILE B 69 -5.54 15.40 3.09
CA ILE B 69 -6.30 14.13 3.32
C ILE B 69 -5.85 13.45 4.62
N PRO B 70 -4.54 13.24 4.87
CA PRO B 70 -4.12 12.51 6.07
C PRO B 70 -4.65 13.17 7.34
N GLN B 71 -4.60 14.51 7.42
CA GLN B 71 -5.10 15.24 8.61
C GLN B 71 -6.62 15.05 8.74
N LEU B 72 -7.36 15.18 7.64
CA LEU B 72 -8.83 14.96 7.66
C LEU B 72 -9.12 13.53 8.14
N VAL B 73 -8.34 12.55 7.67
CA VAL B 73 -8.56 11.12 8.03
C VAL B 73 -8.33 10.95 9.54
N ARG B 74 -7.19 11.43 10.05
CA ARG B 74 -6.85 11.26 11.47
C ARG B 74 -7.85 12.01 12.35
N ASN B 75 -8.27 13.20 11.92
CA ASN B 75 -9.22 14.01 12.71
C ASN B 75 -10.57 13.29 12.77
N LYS B 76 -11.02 12.71 11.66
CA LYS B 76 -12.33 12.00 11.63
C LYS B 76 -12.28 10.81 12.60
N LEU B 77 -11.17 10.07 12.59
CA LEU B 77 -11.03 8.88 13.46
C LEU B 77 -11.06 9.31 14.92
N ILE B 78 -10.33 10.37 15.26
CA ILE B 78 -10.26 10.87 16.66
C ILE B 78 -11.66 11.35 17.09
N GLU B 79 -12.38 11.98 16.17
CA GLU B 79 -13.77 12.43 16.47
C GLU B 79 -14.67 11.21 16.65
N ILE B 80 -14.49 10.18 15.82
CA ILE B 80 -15.30 8.94 15.93
C ILE B 80 -14.99 8.26 17.27
N GLY B 81 -13.75 8.37 17.76
CA GLY B 81 -13.40 7.80 19.08
C GLY B 81 -12.18 6.90 19.03
N PHE B 82 -11.65 6.64 17.84
CA PHE B 82 -10.44 5.79 17.69
C PHE B 82 -9.24 6.68 17.99
N ASN B 83 -8.85 6.75 19.26
CA ASN B 83 -7.76 7.66 19.69
C ASN B 83 -6.69 6.92 20.47
N SER B 84 -6.65 5.59 20.37
CA SER B 84 -5.68 4.81 21.17
C SER B 84 -5.47 3.40 20.60
N SER B 85 -4.31 2.80 20.85
CA SER B 85 -4.07 1.40 20.44
C SER B 85 -4.87 0.49 21.36
N GLU B 86 -5.26 1.02 22.52
CA GLU B 86 -6.07 0.26 23.50
C GLU B 86 -7.45 -0.01 22.91
N VAL B 87 -7.98 0.95 22.15
CA VAL B 87 -9.32 0.80 21.52
C VAL B 87 -9.16 0.02 20.21
N GLY B 88 -7.93 -0.12 19.71
CA GLY B 88 -7.68 -0.94 18.51
C GLY B 88 -7.27 -0.12 17.31
N PHE B 89 -7.45 1.21 17.38
CA PHE B 89 -7.06 2.10 16.27
C PHE B 89 -6.86 3.51 16.83
N ASP B 90 -5.76 4.16 16.48
CA ASP B 90 -5.52 5.56 16.90
C ASP B 90 -5.31 6.38 15.62
N GLY B 91 -6.11 7.42 15.44
CA GLY B 91 -6.01 8.27 14.24
C GLY B 91 -4.67 8.98 14.17
N ARG B 92 -4.14 9.38 15.33
CA ARG B 92 -2.86 10.15 15.36
C ARG B 92 -1.69 9.27 14.92
N THR B 93 -1.77 7.96 15.14
CA THR B 93 -0.62 7.06 14.86
C THR B 93 -0.95 6.09 13.71
N CYS B 94 -2.14 6.22 13.11
CA CYS B 94 -2.56 5.29 12.04
C CYS B 94 -1.81 5.63 10.74
N GLY B 95 -1.79 4.69 9.79
CA GLY B 95 -1.17 4.96 8.48
C GLY B 95 -2.18 5.48 7.50
N VAL B 96 -1.75 6.37 6.60
CA VAL B 96 -2.67 6.92 5.55
C VAL B 96 -1.97 6.84 4.19
N SER B 97 -2.54 6.09 3.27
CA SER B 97 -1.97 5.91 1.91
C SER B 97 -2.95 6.52 0.91
N VAL B 98 -2.46 7.31 -0.03
CA VAL B 98 -3.38 8.04 -0.94
C VAL B 98 -3.06 7.71 -2.40
N SER B 99 -4.03 7.12 -3.10
CA SER B 99 -3.86 6.80 -4.53
C SER B 99 -5.00 7.47 -5.30
N ILE B 100 -4.84 8.76 -5.61
CA ILE B 100 -5.92 9.53 -6.28
C ILE B 100 -5.35 10.20 -7.54
N GLY B 101 -6.15 10.26 -8.60
CA GLY B 101 -5.71 10.94 -9.83
C GLY B 101 -6.87 11.55 -10.60
N GLU B 102 -6.73 11.67 -11.93
CA GLU B 102 -7.81 12.23 -12.80
C GLU B 102 -7.89 13.75 -12.64
N GLN B 103 -6.76 14.44 -12.45
CA GLN B 103 -6.80 15.92 -12.40
C GLN B 103 -7.01 16.43 -13.83
N SER B 104 -8.18 16.16 -14.41
CA SER B 104 -8.45 16.57 -15.81
C SER B 104 -7.70 15.64 -16.77
N GLN B 105 -6.39 15.48 -16.56
CA GLN B 105 -5.60 14.54 -17.39
C GLN B 105 -6.29 13.17 -17.33
N GLU B 106 -6.44 12.49 -18.47
CA GLU B 106 -7.20 11.22 -18.49
C GLU B 106 -6.55 10.20 -19.44
N ASP B 122 -18.61 23.41 -16.24
CA ASP B 122 -18.90 22.02 -15.85
C ASP B 122 -20.22 21.57 -16.48
N VAL B 123 -20.26 20.35 -17.03
CA VAL B 123 -21.49 19.84 -17.71
C VAL B 123 -22.61 19.73 -16.67
N GLU B 124 -22.27 19.54 -15.40
CA GLU B 124 -23.28 19.46 -14.31
C GLU B 124 -24.11 20.75 -14.28
N GLU B 125 -23.53 21.88 -14.71
CA GLU B 125 -24.25 23.17 -14.74
C GLU B 125 -25.29 23.18 -15.89
N ASP B 126 -24.92 22.67 -17.06
CA ASP B 126 -25.84 22.65 -18.23
C ASP B 126 -26.94 21.60 -18.01
N ASP B 127 -28.21 22.01 -18.09
CA ASP B 127 -29.35 21.09 -17.78
C ASP B 127 -29.52 20.03 -18.88
N ARG B 128 -28.96 20.27 -20.07
CA ARG B 128 -29.11 19.32 -21.21
C ARG B 128 -27.93 18.33 -21.18
N ALA B 129 -27.02 18.50 -20.22
CA ALA B 129 -25.83 17.63 -20.09
C ALA B 129 -26.25 16.20 -19.70
N GLY B 130 -25.54 15.23 -20.26
CA GLY B 130 -25.80 13.78 -20.14
C GLY B 130 -25.37 13.26 -18.78
N ALA B 131 -26.09 12.26 -18.26
CA ALA B 131 -25.72 11.50 -17.04
C ALA B 131 -24.24 11.09 -17.18
N GLY B 132 -23.54 10.98 -16.05
CA GLY B 132 -22.13 10.55 -16.07
C GLY B 132 -22.01 9.05 -16.18
N ASP B 133 -23.13 8.34 -16.13
CA ASP B 133 -23.11 6.86 -16.19
C ASP B 133 -24.51 6.29 -16.35
N GLN B 134 -24.62 5.01 -16.70
CA GLN B 134 -25.94 4.34 -16.73
C GLN B 134 -26.28 3.98 -15.27
N GLY B 135 -27.48 3.48 -14.99
CA GLY B 135 -27.80 3.02 -13.63
C GLY B 135 -29.26 3.14 -13.23
N LEU B 136 -29.64 2.48 -12.14
CA LEU B 136 -31.03 2.55 -11.61
C LEU B 136 -30.97 3.14 -10.20
N MET B 137 -32.01 3.88 -9.81
CA MET B 137 -32.03 4.53 -8.47
C MET B 137 -33.47 4.50 -7.91
N PHE B 138 -33.60 4.18 -6.62
CA PHE B 138 -34.94 4.06 -5.99
C PHE B 138 -35.11 5.07 -4.85
N GLY B 139 -36.34 5.57 -4.66
CA GLY B 139 -36.65 6.48 -3.54
C GLY B 139 -37.96 6.05 -2.91
N TYR B 140 -38.14 6.26 -1.60
CA TYR B 140 -39.35 5.72 -0.93
C TYR B 140 -39.76 6.60 0.26
N ALA B 141 -41.06 6.64 0.55
CA ALA B 141 -41.59 7.44 1.68
C ALA B 141 -42.83 6.74 2.25
N THR B 142 -43.10 6.95 3.54
CA THR B 142 -44.25 6.28 4.22
C THR B 142 -44.73 7.16 5.37
N ASN B 143 -46.04 7.30 5.52
CA ASN B 143 -46.61 8.17 6.58
C ASN B 143 -46.59 7.45 7.93
N GLU B 144 -45.92 6.30 8.02
CA GLU B 144 -45.80 5.53 9.29
C GLU B 144 -45.12 6.38 10.35
N THR B 145 -44.22 7.28 9.93
CA THR B 145 -43.46 8.09 10.90
C THR B 145 -43.48 9.57 10.51
N GLU B 146 -43.16 10.46 11.46
CA GLU B 146 -43.07 11.90 11.13
C GLU B 146 -42.03 12.08 10.03
N GLU B 147 -40.94 11.33 10.10
CA GLU B 147 -39.83 11.50 9.12
C GLU B 147 -40.13 10.76 7.81
N TYR B 148 -41.37 10.29 7.65
CA TYR B 148 -41.77 9.60 6.40
C TYR B 148 -40.86 8.40 6.15
N MET B 149 -40.48 7.69 7.20
CA MET B 149 -39.54 6.55 7.07
C MET B 149 -40.17 5.27 7.60
N PRO B 150 -39.77 4.08 7.13
CA PRO B 150 -40.28 2.83 7.69
C PRO B 150 -39.82 2.72 9.15
N LEU B 151 -40.65 2.14 10.02
CA LEU B 151 -40.34 2.04 11.47
C LEU B 151 -39.06 1.23 11.73
N PRO B 152 -38.87 0.04 11.11
CA PRO B 152 -37.71 -0.79 11.42
C PRO B 152 -36.37 -0.05 11.32
N ILE B 153 -36.10 0.60 10.19
CA ILE B 153 -34.82 1.34 9.99
C ILE B 153 -34.78 2.59 10.88
N ALA B 154 -35.92 3.27 11.02
CA ALA B 154 -35.99 4.48 11.85
C ALA B 154 -35.58 4.15 13.28
N LEU B 155 -36.11 3.05 13.84
CA LEU B 155 -35.78 2.63 15.22
C LEU B 155 -34.30 2.22 15.28
N ALA B 156 -33.83 1.43 14.31
CA ALA B 156 -32.42 0.97 14.29
C ALA B 156 -31.47 2.17 14.23
N HIS B 157 -31.77 3.16 13.40
CA HIS B 157 -30.93 4.38 13.28
C HIS B 157 -30.93 5.15 14.61
N ARG B 158 -32.09 5.30 15.23
CA ARG B 158 -32.19 6.02 16.53
C ARG B 158 -31.35 5.29 17.57
N LEU B 159 -31.42 3.96 17.58
CA LEU B 159 -30.65 3.15 18.58
C LEU B 159 -29.14 3.31 18.34
N SER B 160 -28.69 3.28 17.08
CA SER B 160 -27.25 3.46 16.77
C SER B 160 -26.79 4.88 17.12
N ARG B 161 -27.62 5.87 16.82
CA ARG B 161 -27.29 7.28 17.16
C ARG B 161 -27.20 7.44 18.68
N ARG B 162 -28.12 6.83 19.43
CA ARG B 162 -28.12 6.91 20.91
C ARG B 162 -26.93 6.15 21.48
N LEU B 163 -26.54 5.03 20.86
CA LEU B 163 -25.34 4.25 21.31
C LEU B 163 -24.11 5.17 21.25
N THR B 164 -23.89 5.80 20.10
CA THR B 164 -22.75 6.74 19.95
C THR B 164 -22.93 7.89 20.94
N GLN B 165 -24.16 8.38 21.09
CA GLN B 165 -24.42 9.56 21.94
C GLN B 165 -24.12 9.29 23.42
N VAL B 166 -24.54 8.15 23.95
CA VAL B 166 -24.35 7.89 25.41
C VAL B 166 -22.86 7.68 25.69
N ARG B 167 -22.07 7.37 24.66
CA ARG B 167 -20.61 7.20 24.84
C ARG B 167 -19.91 8.57 24.79
N LYS B 168 -20.18 9.37 23.76
CA LYS B 168 -19.49 10.67 23.58
C LYS B 168 -19.83 11.65 24.71
N GLU B 169 -21.05 11.55 25.25
CA GLU B 169 -21.52 12.48 26.32
C GLU B 169 -21.30 11.85 27.70
N GLY B 170 -20.82 10.61 27.76
CA GLY B 170 -20.55 9.96 29.04
C GLY B 170 -21.81 9.69 29.84
N ILE B 171 -22.91 9.39 29.16
CA ILE B 171 -24.17 9.01 29.88
C ILE B 171 -23.98 7.55 30.28
N VAL B 172 -23.26 6.78 29.46
CA VAL B 172 -22.91 5.38 29.81
C VAL B 172 -21.39 5.25 29.63
N PRO B 173 -20.62 5.01 30.71
CA PRO B 173 -19.16 4.88 30.60
C PRO B 173 -18.61 3.55 30.09
N HIS B 174 -17.32 3.51 29.70
CA HIS B 174 -16.64 2.25 29.31
C HIS B 174 -17.04 1.74 27.92
N LEU B 175 -17.79 2.54 27.15
CA LEU B 175 -18.21 2.13 25.79
C LEU B 175 -17.12 2.46 24.77
N ARG B 176 -17.10 1.76 23.63
CA ARG B 176 -16.14 2.05 22.55
C ARG B 176 -16.92 2.34 21.26
N PRO B 177 -16.32 2.93 20.21
CA PRO B 177 -17.08 3.38 19.02
C PRO B 177 -17.83 2.34 18.19
N ASP B 178 -17.22 1.18 17.90
CA ASP B 178 -17.84 0.16 17.02
C ASP B 178 -19.09 -0.41 17.69
N GLY B 179 -20.17 -0.56 16.92
CA GLY B 179 -21.44 -1.09 17.44
C GLY B 179 -22.42 -1.43 16.33
N LYS B 180 -23.36 -2.32 16.59
CA LYS B 180 -24.42 -2.65 15.60
C LYS B 180 -25.77 -2.73 16.31
N THR B 181 -26.82 -2.27 15.65
CA THR B 181 -28.20 -2.32 16.23
C THR B 181 -29.10 -3.06 15.25
N GLN B 182 -30.05 -3.84 15.76
CA GLN B 182 -31.01 -4.53 14.87
C GLN B 182 -32.41 -4.46 15.49
N VAL B 183 -33.44 -4.28 14.66
CA VAL B 183 -34.83 -4.16 15.16
C VAL B 183 -35.75 -5.06 14.33
N THR B 184 -36.51 -5.92 15.00
CA THR B 184 -37.47 -6.81 14.31
C THR B 184 -38.89 -6.42 14.76
N PHE B 185 -39.79 -6.23 13.80
CA PHE B 185 -41.18 -5.83 14.12
C PHE B 185 -42.16 -6.89 13.64
N ALA B 186 -43.16 -7.20 14.45
CA ALA B 186 -44.21 -8.14 14.00
C ALA B 186 -45.12 -7.36 13.04
N TYR B 187 -45.45 -7.96 11.91
CA TYR B 187 -46.26 -7.24 10.90
C TYR B 187 -47.62 -7.92 10.76
N ASP B 188 -48.68 -7.13 10.62
CA ASP B 188 -50.04 -7.67 10.50
C ASP B 188 -50.22 -8.23 9.08
N ALA B 189 -51.43 -8.68 8.74
CA ALA B 189 -51.67 -9.32 7.44
C ALA B 189 -51.77 -8.27 6.33
N GLN B 190 -52.02 -7.01 6.69
CA GLN B 190 -52.04 -5.95 5.64
C GLN B 190 -50.69 -5.25 5.62
N ASP B 191 -49.61 -5.98 5.87
CA ASP B 191 -48.21 -5.44 5.76
C ASP B 191 -48.01 -4.16 6.57
N ARG B 192 -48.54 -4.12 7.79
CA ARG B 192 -48.31 -2.94 8.65
C ARG B 192 -47.61 -3.36 9.96
N PRO B 193 -46.65 -2.57 10.47
CA PRO B 193 -46.02 -2.89 11.75
C PRO B 193 -47.06 -2.99 12.88
N SER B 194 -46.90 -3.95 13.79
CA SER B 194 -47.93 -4.16 14.84
C SER B 194 -47.29 -4.27 16.22
N HIS B 195 -46.02 -4.67 16.30
CA HIS B 195 -45.40 -4.89 17.63
C HIS B 195 -43.88 -4.99 17.52
N LEU B 196 -43.16 -4.37 18.45
CA LEU B 196 -41.68 -4.53 18.48
C LEU B 196 -41.40 -5.92 19.04
N ASP B 197 -40.71 -6.77 18.28
CA ASP B 197 -40.49 -8.17 18.72
C ASP B 197 -39.07 -8.35 19.25
N THR B 198 -38.06 -7.93 18.48
CA THR B 198 -36.66 -8.20 18.93
C THR B 198 -35.76 -6.98 18.75
N VAL B 199 -34.97 -6.67 19.76
CA VAL B 199 -33.99 -5.55 19.67
C VAL B 199 -32.61 -6.13 19.92
N VAL B 200 -31.67 -5.90 19.02
CA VAL B 200 -30.27 -6.35 19.24
C VAL B 200 -29.34 -5.15 19.36
N ILE B 201 -28.45 -5.15 20.35
CA ILE B 201 -27.42 -4.07 20.42
C ILE B 201 -26.07 -4.71 20.76
N SER B 202 -25.14 -4.66 19.81
CA SER B 202 -23.76 -5.15 20.08
C SER B 202 -22.85 -3.92 20.13
N THR B 203 -22.07 -3.76 21.21
CA THR B 203 -21.24 -2.54 21.35
C THR B 203 -19.80 -2.88 21.74
N GLN B 204 -18.83 -2.19 21.15
CA GLN B 204 -17.45 -2.36 21.61
C GLN B 204 -17.39 -1.72 22.99
N HIS B 205 -16.61 -2.29 23.91
CA HIS B 205 -16.59 -1.77 25.29
C HIS B 205 -15.23 -2.00 25.94
N ASP B 206 -14.96 -1.28 27.04
CA ASP B 206 -13.70 -1.47 27.80
C ASP B 206 -13.73 -2.83 28.49
N PRO B 207 -12.57 -3.47 28.72
CA PRO B 207 -12.54 -4.82 29.30
C PRO B 207 -13.10 -4.97 30.73
N GLU B 208 -13.16 -3.89 31.50
CA GLU B 208 -13.58 -4.02 32.92
C GLU B 208 -15.10 -3.85 33.09
N VAL B 209 -15.92 -4.47 32.24
CA VAL B 209 -17.38 -4.21 32.31
C VAL B 209 -18.15 -5.52 32.49
N ASP B 210 -19.04 -5.58 33.49
CA ASP B 210 -19.89 -6.79 33.70
C ASP B 210 -21.11 -6.68 32.78
N ARG B 211 -21.44 -7.76 32.07
CA ARG B 211 -22.57 -7.74 31.10
C ARG B 211 -23.84 -7.20 31.76
N ALA B 212 -24.11 -7.58 33.01
CA ALA B 212 -25.36 -7.16 33.66
C ALA B 212 -25.44 -5.64 33.73
N TRP B 213 -24.34 -4.99 34.11
CA TRP B 213 -24.32 -3.50 34.22
C TRP B 213 -24.56 -2.90 32.83
N LEU B 214 -23.92 -3.46 31.81
CA LEU B 214 -24.09 -3.00 30.42
C LEU B 214 -25.53 -3.25 29.97
N GLU B 215 -26.05 -4.45 30.24
CA GLU B 215 -27.43 -4.80 29.85
C GLU B 215 -28.36 -3.75 30.45
N THR B 216 -28.22 -3.46 31.73
CA THR B 216 -29.13 -2.50 32.42
C THR B 216 -28.91 -1.09 31.88
N GLN B 217 -27.64 -0.71 31.66
CA GLN B 217 -27.32 0.65 31.15
C GLN B 217 -27.93 0.85 29.77
N LEU B 218 -27.74 -0.10 28.87
CA LEU B 218 -28.22 0.07 27.47
C LEU B 218 -29.75 -0.03 27.43
N ARG B 219 -30.33 -0.91 28.23
CA ARG B 219 -31.80 -1.05 28.29
C ARG B 219 -32.40 0.29 28.71
N GLU B 220 -31.84 0.90 29.76
CA GLU B 220 -32.41 2.16 30.30
C GLU B 220 -32.03 3.37 29.46
N HIS B 221 -30.73 3.56 29.19
CA HIS B 221 -30.28 4.80 28.51
C HIS B 221 -30.37 4.71 26.98
N VAL B 222 -30.56 3.53 26.41
CA VAL B 222 -30.55 3.47 24.91
C VAL B 222 -31.90 2.96 24.38
N ILE B 223 -32.30 1.73 24.73
CA ILE B 223 -33.54 1.14 24.16
C ILE B 223 -34.78 1.84 24.70
N ASP B 224 -34.93 1.90 26.03
CA ASP B 224 -36.15 2.49 26.65
C ASP B 224 -36.24 3.95 26.22
N TRP B 225 -35.10 4.63 26.19
CA TRP B 225 -35.05 6.07 25.83
C TRP B 225 -35.56 6.27 24.40
N VAL B 226 -35.13 5.42 23.47
CA VAL B 226 -35.53 5.56 22.04
C VAL B 226 -37.02 5.25 21.87
N ILE B 227 -37.52 4.24 22.58
CA ILE B 227 -38.95 3.84 22.46
C ILE B 227 -39.85 5.01 22.89
N LYS B 228 -39.36 5.86 23.80
CA LYS B 228 -40.15 7.06 24.22
C LYS B 228 -39.91 8.20 23.24
N ASP B 229 -38.65 8.46 22.88
CA ASP B 229 -38.30 9.56 21.96
C ASP B 229 -39.02 9.33 20.62
N ALA B 230 -39.14 8.07 20.21
CA ALA B 230 -39.78 7.73 18.92
C ALA B 230 -41.30 7.68 19.09
N GLY B 231 -41.78 7.69 20.33
CA GLY B 231 -43.22 7.67 20.60
C GLY B 231 -43.88 6.37 20.13
N ILE B 232 -43.28 5.23 20.45
CA ILE B 232 -43.82 3.92 20.01
C ILE B 232 -43.97 2.99 21.22
N GLU B 233 -44.23 3.55 22.40
CA GLU B 233 -44.50 2.70 23.59
C GLU B 233 -45.79 1.93 23.33
N ASP B 234 -46.65 2.47 22.46
CA ASP B 234 -47.91 1.80 22.03
C ASP B 234 -47.59 0.46 21.36
N LEU B 235 -46.40 0.35 20.77
CA LEU B 235 -46.03 -0.88 20.01
C LEU B 235 -45.01 -1.71 20.81
N ALA B 236 -44.68 -1.29 22.03
CA ALA B 236 -43.63 -2.00 22.78
C ALA B 236 -44.16 -2.46 24.15
N THR B 237 -45.40 -2.94 24.17
CA THR B 237 -45.96 -3.52 25.42
C THR B 237 -45.63 -5.00 25.49
N GLY B 238 -45.70 -5.60 26.68
CA GLY B 238 -45.52 -7.06 26.80
C GLY B 238 -44.11 -7.57 26.61
N GLU B 239 -43.98 -8.80 26.15
CA GLU B 239 -42.65 -9.46 26.05
C GLU B 239 -41.88 -8.99 24.81
N ILE B 240 -40.73 -8.35 25.02
CA ILE B 240 -39.85 -7.95 23.88
C ILE B 240 -38.50 -8.65 24.05
N THR B 241 -38.05 -9.37 23.03
CA THR B 241 -36.72 -10.02 23.11
C THR B 241 -35.62 -8.97 22.98
N VAL B 242 -34.72 -8.91 23.97
CA VAL B 242 -33.60 -7.92 23.95
C VAL B 242 -32.27 -8.68 24.02
N LEU B 243 -31.49 -8.61 22.94
CA LEU B 243 -30.15 -9.26 22.92
C LEU B 243 -29.07 -8.18 22.97
N ILE B 244 -28.24 -8.20 24.01
CA ILE B 244 -27.16 -7.18 24.18
C ILE B 244 -25.82 -7.92 24.25
N ASN B 245 -24.91 -7.62 23.31
CA ASN B 245 -23.63 -8.35 23.25
C ASN B 245 -23.97 -9.84 23.36
N PRO B 246 -24.90 -10.34 22.53
CA PRO B 246 -25.36 -11.73 22.64
C PRO B 246 -24.28 -12.74 22.25
N SER B 247 -23.19 -12.26 21.65
CA SER B 247 -22.11 -13.17 21.19
C SER B 247 -20.73 -12.65 21.58
N GLY B 248 -19.93 -13.47 22.26
CA GLY B 248 -18.53 -13.11 22.55
C GLY B 248 -18.31 -11.81 23.29
N SER B 249 -17.05 -11.38 23.35
CA SER B 249 -16.69 -10.12 24.06
C SER B 249 -16.26 -9.09 23.01
N PHE B 250 -16.87 -7.90 23.06
CA PHE B 250 -16.57 -6.84 22.06
C PHE B 250 -15.62 -5.82 22.68
N ILE B 251 -14.31 -6.13 22.71
CA ILE B 251 -13.30 -5.20 23.31
C ILE B 251 -12.52 -4.51 22.19
N LEU B 252 -12.24 -5.24 21.12
CA LEU B 252 -11.55 -4.61 19.96
C LEU B 252 -12.61 -4.33 18.89
N GLY B 253 -12.39 -3.30 18.08
CA GLY B 253 -13.40 -2.92 17.09
C GLY B 253 -12.83 -2.03 16.02
N GLY B 254 -13.68 -1.44 15.19
CA GLY B 254 -13.20 -0.64 14.06
C GLY B 254 -12.38 -1.52 13.13
N PRO B 255 -11.35 -0.98 12.45
CA PRO B 255 -10.56 -1.76 11.50
C PRO B 255 -9.73 -2.92 12.07
N MET B 256 -9.53 -2.98 13.39
CA MET B 256 -8.78 -4.11 14.01
C MET B 256 -9.46 -5.44 13.68
N GLY B 257 -8.82 -6.28 12.86
CA GLY B 257 -9.36 -7.60 12.50
C GLY B 257 -10.70 -7.56 11.78
N ASP B 258 -11.01 -6.46 11.08
CA ASP B 258 -12.32 -6.32 10.41
C ASP B 258 -12.20 -5.28 9.30
N ALA B 259 -12.04 -5.72 8.05
CA ALA B 259 -11.82 -4.78 6.94
C ALA B 259 -13.09 -3.96 6.64
N GLY B 260 -12.93 -2.65 6.46
CA GLY B 260 -14.06 -1.77 6.11
C GLY B 260 -13.88 -1.20 4.71
N LEU B 261 -14.98 -0.91 4.01
CA LEU B 261 -14.92 -0.35 2.64
C LEU B 261 -16.06 0.64 2.42
N THR B 262 -15.80 1.67 1.61
CA THR B 262 -16.87 2.65 1.27
C THR B 262 -17.93 1.93 0.44
N GLY B 263 -19.21 2.13 0.75
CA GLY B 263 -20.30 1.56 -0.06
C GLY B 263 -20.68 0.14 0.27
N ARG B 264 -20.46 -0.28 1.52
CA ARG B 264 -20.80 -1.67 1.95
C ARG B 264 -21.92 -1.59 3.00
N LYS B 265 -22.67 -0.49 3.03
CA LYS B 265 -23.81 -0.31 3.99
C LYS B 265 -24.90 0.50 3.30
N ILE B 266 -25.24 0.19 2.05
CA ILE B 266 -26.21 0.99 1.24
C ILE B 266 -27.66 0.75 1.65
N ILE B 267 -27.96 -0.39 2.26
CA ILE B 267 -29.33 -0.66 2.77
C ILE B 267 -29.51 0.09 4.09
N VAL B 268 -28.46 0.15 4.92
CA VAL B 268 -28.51 0.94 6.18
C VAL B 268 -28.58 2.42 5.80
N ASP B 269 -27.96 2.79 4.68
CA ASP B 269 -27.91 4.21 4.23
C ASP B 269 -29.26 4.61 3.61
N THR B 270 -30.14 3.65 3.37
CA THR B 270 -31.39 3.97 2.63
C THR B 270 -32.70 3.72 3.39
N TYR B 271 -33.28 2.53 3.25
CA TYR B 271 -34.62 2.28 3.85
C TYR B 271 -34.60 0.96 4.63
N GLY B 272 -33.42 0.38 4.88
CA GLY B 272 -33.30 -0.82 5.73
C GLY B 272 -33.91 -2.09 5.16
N GLY B 273 -34.05 -2.17 3.84
CA GLY B 273 -34.61 -3.37 3.18
C GLY B 273 -36.09 -3.22 2.90
N MET B 274 -36.72 -2.16 3.41
CA MET B 274 -38.17 -1.96 3.21
C MET B 274 -38.42 -1.56 1.77
N ALA B 275 -37.48 -0.84 1.16
CA ALA B 275 -37.66 -0.38 -0.23
C ALA B 275 -36.59 -1.01 -1.12
N ARG B 276 -36.77 -0.95 -2.43
CA ARG B 276 -35.79 -1.53 -3.38
C ARG B 276 -34.58 -0.60 -3.50
N HIS B 277 -33.54 -1.03 -4.21
CA HIS B 277 -32.29 -0.23 -4.34
C HIS B 277 -31.64 -0.53 -5.71
N GLY B 278 -31.03 0.48 -6.32
CA GLY B 278 -30.39 0.32 -7.64
C GLY B 278 -28.98 -0.23 -7.56
N GLY B 279 -28.39 -0.27 -6.36
CA GLY B 279 -27.06 -0.89 -6.18
C GLY B 279 -25.91 0.08 -6.01
N GLY B 280 -26.13 1.37 -6.23
CA GLY B 280 -25.04 2.36 -6.18
C GLY B 280 -24.78 2.90 -4.79
N ALA B 281 -23.51 3.15 -4.46
CA ALA B 281 -23.16 3.75 -3.15
C ALA B 281 -23.31 5.26 -3.22
N PHE B 282 -23.33 5.93 -2.06
CA PHE B 282 -23.54 7.40 -2.03
C PHE B 282 -22.25 8.12 -1.63
N SER B 283 -21.57 7.66 -0.59
CA SER B 283 -20.41 8.38 -0.02
C SER B 283 -19.19 8.40 -0.97
N GLY B 284 -18.45 9.50 -0.97
CA GLY B 284 -17.27 9.66 -1.85
C GLY B 284 -17.64 10.19 -3.22
N LYS B 285 -18.92 10.46 -3.45
CA LYS B 285 -19.37 10.90 -4.81
C LYS B 285 -19.96 12.31 -4.77
N ASP B 286 -19.49 13.18 -5.66
CA ASP B 286 -20.03 14.57 -5.76
C ASP B 286 -21.42 14.51 -6.38
N PRO B 287 -22.27 15.55 -6.22
CA PRO B 287 -23.64 15.52 -6.73
C PRO B 287 -23.78 15.22 -8.22
N SER B 288 -22.69 15.26 -8.99
CA SER B 288 -22.73 14.92 -10.44
C SER B 288 -22.91 13.41 -10.62
N LYS B 289 -22.73 12.63 -9.55
CA LYS B 289 -22.95 11.16 -9.63
C LYS B 289 -24.46 10.88 -9.54
N VAL B 290 -25.05 10.38 -10.63
CA VAL B 290 -26.52 10.09 -10.67
C VAL B 290 -26.87 9.08 -9.58
N ASP B 291 -25.97 8.15 -9.27
CA ASP B 291 -26.18 7.13 -8.22
C ASP B 291 -26.66 7.78 -6.92
N ARG B 292 -26.20 9.00 -6.64
CA ARG B 292 -26.55 9.67 -5.37
C ARG B 292 -27.62 10.75 -5.62
N SER B 293 -27.40 11.64 -6.59
CA SER B 293 -28.32 12.77 -6.85
C SER B 293 -29.73 12.29 -7.22
N ALA B 294 -29.84 11.27 -8.07
CA ALA B 294 -31.14 10.75 -8.53
C ALA B 294 -31.82 9.98 -7.38
N ALA B 295 -31.05 9.27 -6.57
CA ALA B 295 -31.62 8.58 -5.40
C ALA B 295 -32.16 9.61 -4.41
N TYR B 296 -31.43 10.70 -4.19
CA TYR B 296 -31.94 11.79 -3.32
C TYR B 296 -33.18 12.40 -3.98
N ALA B 297 -33.16 12.54 -5.31
CA ALA B 297 -34.31 13.08 -6.06
C ALA B 297 -35.53 12.18 -5.87
N MET B 298 -35.36 10.87 -6.01
CA MET B 298 -36.49 9.91 -5.86
C MET B 298 -37.01 9.97 -4.43
N ARG B 299 -36.14 10.17 -3.44
CA ARG B 299 -36.60 10.35 -2.04
C ARG B 299 -37.51 11.58 -2.03
N TRP B 300 -37.10 12.64 -2.72
CA TRP B 300 -37.89 13.90 -2.80
C TRP B 300 -39.24 13.62 -3.45
N VAL B 301 -39.21 13.00 -4.63
CA VAL B 301 -40.47 12.72 -5.39
C VAL B 301 -41.40 11.88 -4.50
N ALA B 302 -40.89 10.81 -3.89
CA ALA B 302 -41.72 9.89 -3.08
C ALA B 302 -42.30 10.63 -1.86
N LYS B 303 -41.48 11.42 -1.18
CA LYS B 303 -41.95 12.10 0.06
C LYS B 303 -43.05 13.10 -0.32
N ASN B 304 -42.87 13.78 -1.45
CA ASN B 304 -43.87 14.77 -1.93
C ASN B 304 -45.14 14.06 -2.42
N ILE B 305 -45.04 12.82 -2.87
CA ILE B 305 -46.26 12.04 -3.27
C ILE B 305 -47.07 11.64 -2.03
N VAL B 306 -46.39 11.37 -0.91
CA VAL B 306 -47.09 10.93 0.34
C VAL B 306 -47.56 12.16 1.12
N ALA B 307 -46.80 13.25 1.05
CA ALA B 307 -47.17 14.50 1.74
C ALA B 307 -48.41 15.12 1.08
N ALA B 308 -48.57 14.88 -0.22
CA ALA B 308 -49.71 15.44 -0.95
C ALA B 308 -50.93 14.49 -0.87
N GLY B 309 -50.83 13.46 -0.04
CA GLY B 309 -51.95 12.51 0.16
C GLY B 309 -52.36 11.79 -1.10
N LEU B 310 -51.43 11.53 -2.00
CA LEU B 310 -51.74 10.73 -3.21
C LEU B 310 -51.59 9.25 -2.87
N ALA B 311 -50.95 8.96 -1.74
CA ALA B 311 -50.74 7.55 -1.32
C ALA B 311 -50.20 7.53 0.11
N ASP B 312 -50.24 6.37 0.75
CA ASP B 312 -49.67 6.24 2.12
C ASP B 312 -48.20 5.83 1.98
N ARG B 313 -47.88 5.06 0.94
CA ARG B 313 -46.48 4.67 0.68
C ARG B 313 -46.22 4.79 -0.82
N ALA B 314 -45.01 5.23 -1.18
CA ALA B 314 -44.68 5.34 -2.61
C ALA B 314 -43.23 4.92 -2.86
N GLU B 315 -43.00 4.23 -3.96
CA GLU B 315 -41.61 3.84 -4.34
C GLU B 315 -41.41 4.26 -5.80
N VAL B 316 -40.39 5.08 -6.06
CA VAL B 316 -40.15 5.56 -7.45
C VAL B 316 -38.76 5.10 -7.89
N GLN B 317 -38.68 4.49 -9.08
CA GLN B 317 -37.38 4.09 -9.63
C GLN B 317 -37.09 4.98 -10.83
N VAL B 318 -35.82 5.34 -11.02
CA VAL B 318 -35.45 6.12 -12.22
C VAL B 318 -34.19 5.46 -12.78
N ALA B 319 -33.96 5.66 -14.08
CA ALA B 319 -32.77 5.05 -14.72
C ALA B 319 -32.25 5.99 -15.80
N TYR B 320 -30.96 5.90 -16.08
CA TYR B 320 -30.34 6.81 -17.06
C TYR B 320 -29.36 6.05 -17.92
N ALA B 321 -29.09 6.60 -19.11
CA ALA B 321 -28.05 6.02 -19.96
C ALA B 321 -26.89 7.01 -19.95
N ILE B 322 -25.66 6.51 -19.89
CA ILE B 322 -24.49 7.44 -19.93
C ILE B 322 -24.66 8.33 -21.17
N GLY B 323 -24.43 9.65 -21.01
CA GLY B 323 -24.38 10.63 -22.11
C GLY B 323 -25.74 11.13 -22.50
N ARG B 324 -26.74 11.02 -21.61
CA ARG B 324 -28.18 11.25 -21.91
C ARG B 324 -28.84 11.93 -20.71
N ALA B 325 -29.36 13.16 -20.90
CA ALA B 325 -29.93 14.00 -19.80
C ALA B 325 -31.27 13.41 -19.34
N LYS B 326 -32.20 13.13 -20.25
CA LYS B 326 -33.55 12.64 -19.86
C LYS B 326 -33.46 11.17 -19.46
N PRO B 327 -34.03 10.80 -18.30
CA PRO B 327 -34.02 9.41 -17.86
C PRO B 327 -34.50 8.42 -18.93
N VAL B 328 -33.91 7.22 -18.99
CA VAL B 328 -34.38 6.10 -19.86
C VAL B 328 -35.68 5.51 -19.29
N GLY B 329 -35.94 5.68 -17.98
CA GLY B 329 -37.09 5.04 -17.32
C GLY B 329 -37.52 5.71 -16.03
N LEU B 330 -38.73 5.38 -15.60
CA LEU B 330 -39.36 5.87 -14.35
C LEU B 330 -40.53 4.94 -13.99
N TYR B 331 -40.65 4.59 -12.71
CA TYR B 331 -41.59 3.57 -12.21
C TYR B 331 -42.14 4.01 -10.85
N VAL B 332 -43.43 4.36 -10.80
CA VAL B 332 -44.15 4.77 -9.56
C VAL B 332 -44.97 3.56 -9.08
N GLU B 333 -44.71 3.08 -7.86
CA GLU B 333 -45.53 2.06 -7.16
C GLU B 333 -46.05 2.72 -5.89
N THR B 334 -47.31 2.48 -5.53
CA THR B 334 -47.90 2.95 -4.25
C THR B 334 -48.55 1.79 -3.49
N PHE B 335 -48.30 0.53 -3.87
CA PHE B 335 -48.60 -0.71 -3.07
C PHE B 335 -50.09 -0.83 -2.73
N ASP B 336 -50.97 -0.46 -3.68
CA ASP B 336 -52.44 -0.42 -3.48
C ASP B 336 -52.83 0.70 -2.49
N THR B 337 -51.93 1.63 -2.12
CA THR B 337 -52.21 2.72 -1.16
C THR B 337 -52.56 4.03 -1.88
N ASN B 338 -52.56 4.05 -3.22
CA ASN B 338 -53.07 5.19 -4.02
C ASN B 338 -54.45 5.65 -3.49
N LYS B 339 -54.64 6.97 -3.45
CA LYS B 339 -55.85 7.66 -2.93
C LYS B 339 -56.42 8.51 -4.04
N GLU B 340 -57.55 9.17 -3.78
CA GLU B 340 -58.24 10.07 -4.75
C GLU B 340 -58.62 9.26 -5.99
N GLY B 341 -58.66 7.92 -5.89
CA GLY B 341 -58.82 6.99 -7.01
C GLY B 341 -57.95 7.31 -8.22
N LEU B 342 -56.67 7.67 -8.02
CA LEU B 342 -55.69 7.77 -9.14
C LEU B 342 -54.92 6.44 -9.22
N SER B 343 -54.62 5.98 -10.43
CA SER B 343 -53.64 4.90 -10.71
C SER B 343 -52.21 5.43 -10.51
N ASP B 344 -51.26 4.50 -10.54
CA ASP B 344 -49.80 4.78 -10.43
C ASP B 344 -49.34 5.41 -11.74
N GLU B 345 -50.03 5.11 -12.86
CA GLU B 345 -49.68 5.70 -14.19
C GLU B 345 -50.10 7.18 -14.23
N GLN B 346 -51.07 7.59 -13.41
CA GLN B 346 -51.57 9.00 -13.32
C GLN B 346 -50.64 9.83 -12.43
N ILE B 347 -50.27 9.32 -11.26
CA ILE B 347 -49.31 9.99 -10.32
C ILE B 347 -47.97 10.18 -11.05
N GLN B 348 -47.56 9.24 -11.90
CA GLN B 348 -46.30 9.31 -12.68
C GLN B 348 -46.40 10.45 -13.71
N ALA B 349 -47.53 10.58 -14.42
CA ALA B 349 -47.80 11.72 -15.35
C ALA B 349 -47.62 13.05 -14.62
N ALA B 350 -48.13 13.17 -13.39
CA ALA B 350 -47.99 14.38 -12.52
C ALA B 350 -46.50 14.62 -12.18
N VAL B 351 -45.77 13.55 -11.88
CA VAL B 351 -44.32 13.56 -11.48
C VAL B 351 -43.50 14.17 -12.62
N LEU B 352 -43.79 13.79 -13.88
CA LEU B 352 -43.00 14.22 -15.06
C LEU B 352 -43.29 15.69 -15.38
N GLU B 353 -44.54 16.12 -15.16
CA GLU B 353 -45.02 17.52 -15.31
C GLU B 353 -44.31 18.42 -14.29
N VAL B 354 -43.99 17.92 -13.09
CA VAL B 354 -43.60 18.74 -11.91
C VAL B 354 -42.09 18.70 -11.62
N PHE B 355 -41.45 17.54 -11.81
CA PHE B 355 -40.03 17.30 -11.45
C PHE B 355 -39.18 17.26 -12.70
N ASP B 356 -38.08 17.98 -12.66
CA ASP B 356 -37.03 17.91 -13.69
C ASP B 356 -36.01 16.90 -13.15
N LEU B 357 -35.93 15.72 -13.79
CA LEU B 357 -35.08 14.58 -13.33
C LEU B 357 -33.83 14.48 -14.21
N ARG B 358 -33.55 15.48 -15.06
CA ARG B 358 -32.20 15.57 -15.66
C ARG B 358 -31.25 15.87 -14.49
N PRO B 359 -30.03 15.30 -14.49
CA PRO B 359 -29.14 15.37 -13.34
C PRO B 359 -28.85 16.83 -12.97
N ALA B 360 -28.44 17.63 -13.95
CA ALA B 360 -28.07 19.06 -13.82
C ALA B 360 -29.18 19.85 -13.10
N ALA B 361 -30.43 19.56 -13.46
CA ALA B 361 -31.66 20.18 -12.90
C ALA B 361 -31.85 19.77 -11.44
N ILE B 362 -31.56 18.50 -11.11
CA ILE B 362 -31.65 17.96 -9.72
C ILE B 362 -30.69 18.75 -8.82
N ILE B 363 -29.44 18.85 -9.25
CA ILE B 363 -28.33 19.52 -8.53
C ILE B 363 -28.75 20.94 -8.15
N ARG B 364 -29.38 21.65 -9.09
CA ARG B 364 -29.88 23.05 -8.91
C ARG B 364 -31.16 23.06 -8.09
N GLU B 365 -32.18 22.30 -8.50
CA GLU B 365 -33.45 22.21 -7.74
C GLU B 365 -33.12 22.07 -6.24
N LEU B 366 -32.08 21.29 -5.90
CA LEU B 366 -31.82 20.83 -4.51
C LEU B 366 -30.56 21.49 -3.95
N ASP B 367 -29.91 22.36 -4.72
CA ASP B 367 -28.77 23.20 -4.27
C ASP B 367 -27.75 22.28 -3.58
N LEU B 368 -27.20 21.35 -4.35
CA LEU B 368 -26.44 20.17 -3.84
C LEU B 368 -24.94 20.49 -3.74
N LEU B 369 -24.45 21.54 -4.40
CA LEU B 369 -23.00 21.85 -4.41
C LEU B 369 -22.67 22.63 -3.13
N ARG B 370 -22.84 21.98 -1.98
CA ARG B 370 -22.49 22.50 -0.63
C ARG B 370 -21.91 21.36 0.19
N PRO B 371 -21.06 21.65 1.19
CA PRO B 371 -20.47 20.59 2.02
C PRO B 371 -21.45 20.07 3.08
N ILE B 372 -22.43 19.26 2.68
CA ILE B 372 -23.47 18.79 3.63
C ILE B 372 -23.51 17.26 3.71
N TYR B 373 -22.50 16.54 3.17
CA TYR B 373 -22.54 15.08 2.91
C TYR B 373 -21.93 14.27 4.06
N ALA B 374 -20.95 14.79 4.79
CA ALA B 374 -20.30 14.09 5.92
C ALA B 374 -21.37 13.61 6.93
N ASP B 375 -22.38 14.43 7.21
CA ASP B 375 -23.42 14.13 8.23
C ASP B 375 -24.31 12.97 7.79
N THR B 376 -24.33 12.65 6.50
CA THR B 376 -25.19 11.58 5.93
C THR B 376 -24.50 10.22 6.05
N ALA B 377 -23.18 10.21 6.18
CA ALA B 377 -22.32 9.01 6.10
C ALA B 377 -22.58 8.02 7.26
N ALA B 378 -23.21 8.42 8.34
CA ALA B 378 -23.72 7.43 9.32
C ALA B 378 -25.15 7.82 9.73
N TYR B 379 -25.97 6.84 10.16
CA TYR B 379 -27.33 7.05 10.73
C TYR B 379 -28.38 7.38 9.65
N GLY B 380 -28.03 7.32 8.36
CA GLY B 380 -29.00 7.32 7.25
C GLY B 380 -28.94 8.58 6.39
N HIS B 381 -29.21 8.46 5.10
CA HIS B 381 -29.32 9.62 4.20
C HIS B 381 -30.72 10.24 4.25
N PHE B 382 -31.70 9.54 4.85
CA PHE B 382 -33.15 9.82 4.72
C PHE B 382 -33.82 9.82 6.09
N GLY B 383 -34.75 10.77 6.26
CA GLY B 383 -35.58 10.97 7.45
C GLY B 383 -34.76 11.52 8.60
N ARG B 384 -33.89 12.47 8.31
CA ARG B 384 -32.91 12.93 9.32
C ARG B 384 -33.41 14.24 9.91
N THR B 385 -34.29 14.16 10.91
CA THR B 385 -34.86 15.32 11.62
C THR B 385 -33.74 16.10 12.32
N ASP B 386 -32.66 15.43 12.75
CA ASP B 386 -31.44 16.07 13.33
C ASP B 386 -30.76 17.03 12.31
N LEU B 387 -30.90 16.78 11.00
CA LEU B 387 -30.27 17.56 9.91
C LEU B 387 -31.35 18.26 9.10
N ASP B 388 -30.96 19.01 8.08
CA ASP B 388 -31.92 19.79 7.27
C ASP B 388 -31.58 19.59 5.80
N LEU B 389 -31.92 18.44 5.26
CA LEU B 389 -31.37 18.03 3.96
C LEU B 389 -32.36 18.48 2.90
N PRO B 390 -31.86 19.04 1.78
CA PRO B 390 -32.75 19.59 0.76
C PRO B 390 -33.71 18.58 0.13
N TRP B 391 -33.35 17.28 0.14
CA TRP B 391 -34.18 16.22 -0.50
C TRP B 391 -35.22 15.70 0.50
N GLU B 392 -35.26 16.25 1.71
CA GLU B 392 -36.31 15.96 2.72
C GLU B 392 -37.43 17.03 2.71
N ALA B 393 -37.43 18.01 1.78
CA ALA B 393 -38.34 19.17 1.81
C ALA B 393 -39.67 18.87 1.10
N ILE B 394 -40.79 19.15 1.77
CA ILE B 394 -42.18 19.02 1.25
C ILE B 394 -42.59 20.31 0.51
N ASP B 395 -41.99 20.60 -0.64
CA ASP B 395 -42.10 21.93 -1.31
C ASP B 395 -42.56 21.76 -2.78
N ARG B 396 -43.22 20.64 -3.10
CA ARG B 396 -43.71 20.34 -4.47
C ARG B 396 -45.13 19.72 -4.42
N VAL B 397 -45.73 19.64 -3.23
CA VAL B 397 -47.11 19.16 -2.94
C VAL B 397 -48.17 19.96 -3.74
N ASP B 398 -48.17 21.28 -3.59
CA ASP B 398 -49.19 22.11 -4.28
C ASP B 398 -49.09 21.87 -5.80
N GLU B 399 -47.88 21.84 -6.35
CA GLU B 399 -47.70 21.68 -7.82
C GLU B 399 -48.21 20.30 -8.27
N LEU B 400 -47.99 19.26 -7.46
CA LEU B 400 -48.46 17.90 -7.82
C LEU B 400 -49.99 17.84 -7.79
N ARG B 401 -50.60 18.36 -6.72
CA ARG B 401 -52.09 18.34 -6.58
C ARG B 401 -52.70 19.16 -7.71
N ALA B 402 -52.05 20.26 -8.08
CA ALA B 402 -52.54 21.10 -9.18
C ALA B 402 -52.64 20.28 -10.47
N ALA B 403 -51.55 19.61 -10.85
CA ALA B 403 -51.53 18.85 -12.12
C ALA B 403 -52.45 17.64 -12.03
N LEU B 404 -52.93 17.32 -10.83
CA LEU B 404 -53.91 16.21 -10.69
C LEU B 404 -55.32 16.81 -10.56
N LYS B 405 -55.48 18.06 -11.02
CA LYS B 405 -56.82 18.71 -10.99
C LYS B 405 -57.39 18.61 -9.58
N LEU B 406 -56.57 18.95 -8.58
CA LEU B 406 -57.01 18.90 -7.16
C LEU B 406 -56.43 20.11 -6.45
N ALA B 407 -56.72 20.26 -5.16
CA ALA B 407 -56.12 21.37 -4.37
C ALA B 407 -56.32 21.11 -2.89
N ALA C 2 62.14 -15.23 -2.49
CA ALA C 2 61.39 -15.80 -1.33
C ALA C 2 59.88 -15.74 -1.61
N GLN C 3 59.09 -15.06 -0.75
CA GLN C 3 57.60 -15.25 -0.66
C GLN C 3 56.92 -14.69 -1.90
N PRO C 4 55.99 -15.44 -2.54
CA PRO C 4 55.41 -15.04 -3.83
C PRO C 4 54.47 -13.82 -3.72
N THR C 5 54.32 -13.07 -4.82
CA THR C 5 53.50 -11.82 -4.91
C THR C 5 52.24 -12.08 -5.77
N ALA C 6 51.11 -11.42 -5.44
CA ALA C 6 49.82 -11.52 -6.15
C ALA C 6 49.38 -10.12 -6.60
N VAL C 7 49.19 -9.89 -7.90
CA VAL C 7 48.80 -8.54 -8.43
C VAL C 7 47.49 -8.09 -7.76
N ARG C 8 47.48 -6.91 -7.15
CA ARG C 8 46.30 -6.40 -6.40
C ARG C 8 45.30 -5.88 -7.44
N LEU C 9 44.04 -6.30 -7.30
CA LEU C 9 42.95 -5.99 -8.27
C LEU C 9 41.76 -5.35 -7.54
N PHE C 10 41.43 -4.13 -7.92
CA PHE C 10 40.42 -3.27 -7.26
C PHE C 10 39.25 -3.04 -8.24
N THR C 11 38.03 -3.19 -7.73
CA THR C 11 36.78 -3.12 -8.54
C THR C 11 35.88 -1.97 -8.05
N SER C 12 35.19 -1.36 -9.01
CA SER C 12 34.06 -0.43 -8.79
C SER C 12 32.95 -0.76 -9.79
N GLU C 13 31.70 -0.47 -9.44
CA GLU C 13 30.49 -0.86 -10.20
C GLU C 13 29.57 0.35 -10.36
N SER C 14 28.77 0.34 -11.41
CA SER C 14 27.75 1.38 -11.68
C SER C 14 26.52 0.68 -12.27
N VAL C 15 25.45 1.45 -12.47
CA VAL C 15 24.13 0.91 -12.89
C VAL C 15 23.47 1.96 -13.78
N THR C 16 22.61 1.51 -14.69
CA THR C 16 21.86 2.46 -15.57
C THR C 16 20.73 3.11 -14.78
N GLU C 17 20.12 4.15 -15.34
CA GLU C 17 18.92 4.79 -14.76
C GLU C 17 17.80 3.75 -14.67
N GLY C 18 17.95 2.64 -15.40
CA GLY C 18 16.91 1.58 -15.49
C GLY C 18 16.95 0.63 -14.30
N HIS C 19 18.08 0.56 -13.60
CA HIS C 19 18.23 -0.30 -12.39
C HIS C 19 17.17 0.15 -11.38
N PRO C 20 16.41 -0.79 -10.76
CA PRO C 20 15.29 -0.44 -9.88
C PRO C 20 15.64 0.53 -8.75
N ASP C 21 16.83 0.40 -8.15
CA ASP C 21 17.28 1.30 -7.05
C ASP C 21 17.49 2.73 -7.54
N LYS C 22 18.01 2.92 -8.75
CA LYS C 22 18.23 4.26 -9.38
C LYS C 22 16.90 4.83 -9.85
N ILE C 23 15.99 3.99 -10.34
CA ILE C 23 14.60 4.43 -10.66
C ILE C 23 14.10 5.24 -9.46
N CYS C 24 14.30 4.70 -8.25
CA CYS C 24 13.85 5.29 -6.95
C CYS C 24 14.57 6.61 -6.66
N ASP C 25 15.90 6.61 -6.66
CA ASP C 25 16.74 7.83 -6.48
C ASP C 25 16.28 8.91 -7.48
N ALA C 26 16.09 8.58 -8.76
CA ALA C 26 15.70 9.56 -9.80
C ALA C 26 14.31 10.14 -9.52
N ILE C 27 13.37 9.31 -9.07
CA ILE C 27 11.96 9.76 -8.80
C ILE C 27 12.03 10.71 -7.61
N SER C 28 12.73 10.26 -6.56
CA SER C 28 12.88 11.03 -5.30
C SER C 28 13.41 12.42 -5.65
N ASP C 29 14.32 12.53 -6.62
CA ASP C 29 15.03 13.81 -6.93
C ASP C 29 14.21 14.59 -7.96
N THR C 30 13.40 13.94 -8.81
CA THR C 30 12.38 14.58 -9.69
C THR C 30 11.37 15.29 -8.80
N ILE C 31 10.97 14.68 -7.67
CA ILE C 31 9.96 15.27 -6.76
C ILE C 31 10.61 16.45 -6.06
N LEU C 32 11.84 16.27 -5.58
CA LEU C 32 12.66 17.37 -4.99
C LEU C 32 12.78 18.52 -6.01
N ASP C 33 13.26 18.25 -7.22
CA ASP C 33 13.50 19.34 -8.20
C ASP C 33 12.18 20.09 -8.35
N ALA C 34 11.07 19.37 -8.63
CA ALA C 34 9.73 19.92 -8.88
C ALA C 34 9.26 20.76 -7.70
N LEU C 35 9.66 20.46 -6.46
CA LEU C 35 9.24 21.32 -5.30
C LEU C 35 10.08 22.62 -5.25
N LEU C 36 11.38 22.54 -5.57
CA LEU C 36 12.31 23.70 -5.55
C LEU C 36 12.01 24.64 -6.74
N GLU C 37 11.65 24.09 -7.92
CA GLU C 37 11.20 24.89 -9.11
C GLU C 37 10.10 25.86 -8.63
N LYS C 38 9.17 25.39 -7.79
CA LYS C 38 8.02 26.19 -7.30
C LYS C 38 8.36 26.83 -5.94
N ASP C 39 9.25 26.25 -5.15
CA ASP C 39 9.55 26.78 -3.80
C ASP C 39 10.94 26.32 -3.32
N PRO C 40 11.96 27.20 -3.39
CA PRO C 40 13.34 26.83 -3.05
C PRO C 40 13.56 26.47 -1.58
N GLN C 41 12.67 26.86 -0.68
CA GLN C 41 12.83 26.57 0.77
C GLN C 41 12.14 25.26 1.16
N SER C 42 11.58 24.50 0.20
CA SER C 42 10.82 23.24 0.46
C SER C 42 11.65 22.33 1.38
N ARG C 43 11.06 21.76 2.42
CA ARG C 43 11.76 20.70 3.19
C ARG C 43 11.34 19.35 2.60
N VAL C 44 12.31 18.57 2.08
CA VAL C 44 12.01 17.28 1.40
C VAL C 44 12.88 16.16 1.97
N ALA C 45 12.22 15.07 2.32
CA ALA C 45 12.82 13.78 2.74
C ALA C 45 11.97 12.65 2.15
N VAL C 46 12.03 12.46 0.83
CA VAL C 46 11.14 11.54 0.09
C VAL C 46 11.89 10.27 -0.35
N GLU C 47 11.48 9.14 0.24
CA GLU C 47 11.83 7.75 -0.12
C GLU C 47 10.93 7.24 -1.23
N THR C 48 11.51 6.58 -2.24
CA THR C 48 10.75 5.83 -3.26
C THR C 48 11.06 4.34 -3.15
N VAL C 49 10.02 3.53 -3.28
CA VAL C 49 10.07 2.04 -3.31
C VAL C 49 9.43 1.62 -4.63
N VAL C 50 10.05 0.70 -5.37
CA VAL C 50 9.37 0.09 -6.56
C VAL C 50 9.45 -1.41 -6.37
N THR C 51 8.34 -2.07 -6.67
CA THR C 51 8.24 -3.54 -6.78
C THR C 51 7.31 -3.76 -7.95
N THR C 52 7.03 -5.03 -8.27
CA THR C 52 6.20 -5.40 -9.42
C THR C 52 4.95 -4.52 -9.44
N GLY C 53 4.81 -3.68 -10.49
CA GLY C 53 3.62 -2.89 -10.88
C GLY C 53 3.35 -1.61 -10.08
N ILE C 54 4.15 -1.29 -9.06
CA ILE C 54 3.73 -0.25 -8.07
C ILE C 54 4.92 0.66 -7.69
N VAL C 55 4.68 1.95 -7.68
CA VAL C 55 5.66 2.90 -7.07
C VAL C 55 5.01 3.45 -5.81
N HIS C 56 5.66 3.23 -4.68
CA HIS C 56 5.27 3.86 -3.39
C HIS C 56 6.19 5.07 -3.19
N VAL C 57 5.60 6.24 -2.94
CA VAL C 57 6.33 7.45 -2.48
C VAL C 57 6.02 7.69 -1.00
N VAL C 58 7.01 7.69 -0.11
CA VAL C 58 6.82 7.97 1.36
C VAL C 58 7.81 9.04 1.88
N GLY C 59 7.43 9.71 2.96
CA GLY C 59 8.34 10.55 3.76
C GLY C 59 7.69 11.87 4.13
N GLU C 60 8.49 12.92 4.33
CA GLU C 60 7.97 14.15 4.95
C GLU C 60 8.33 15.32 4.05
N VAL C 61 7.44 16.30 3.98
CA VAL C 61 7.56 17.52 3.13
C VAL C 61 6.98 18.71 3.91
N ARG C 62 7.64 19.88 3.82
CA ARG C 62 7.05 21.22 4.02
C ARG C 62 7.24 22.02 2.72
N THR C 63 6.13 22.35 2.05
CA THR C 63 6.20 23.16 0.82
C THR C 63 4.98 24.07 0.77
N SER C 64 5.07 25.16 0.02
CA SER C 64 3.91 26.06 -0.17
C SER C 64 3.34 25.76 -1.54
N ALA C 65 3.95 24.77 -2.22
CA ALA C 65 3.54 24.46 -3.60
C ALA C 65 2.83 23.12 -3.70
N TYR C 66 2.14 22.89 -4.81
CA TYR C 66 1.55 21.57 -5.06
C TYR C 66 2.25 20.97 -6.27
N VAL C 67 2.61 19.70 -6.19
CA VAL C 67 3.26 19.02 -7.34
C VAL C 67 2.45 17.76 -7.64
N GLU C 68 2.24 17.46 -8.92
CA GLU C 68 1.51 16.23 -9.32
C GLU C 68 2.48 15.05 -9.23
N ILE C 69 2.62 14.45 -8.04
CA ILE C 69 3.61 13.35 -7.83
C ILE C 69 3.35 12.19 -8.80
N PRO C 70 2.09 11.72 -8.97
CA PRO C 70 1.84 10.56 -9.84
C PRO C 70 2.28 10.81 -11.28
N GLN C 71 2.13 12.04 -11.77
CA GLN C 71 2.51 12.35 -13.17
C GLN C 71 4.04 12.47 -13.27
N LEU C 72 4.66 13.20 -12.36
CA LEU C 72 6.14 13.28 -12.34
C LEU C 72 6.69 11.85 -12.42
N VAL C 73 6.13 10.92 -11.63
CA VAL C 73 6.54 9.50 -11.51
C VAL C 73 6.36 8.79 -12.86
N ARG C 74 5.15 8.85 -13.43
CA ARG C 74 4.83 8.10 -14.68
C ARG C 74 5.72 8.67 -15.79
N ASN C 75 5.80 10.00 -15.90
CA ASN C 75 6.72 10.70 -16.85
C ASN C 75 8.16 10.19 -16.67
N LYS C 76 8.66 10.14 -15.45
CA LYS C 76 10.06 9.73 -15.18
C LYS C 76 10.24 8.24 -15.52
N LEU C 77 9.18 7.42 -15.53
CA LEU C 77 9.33 6.03 -16.01
C LEU C 77 9.33 6.00 -17.55
N ILE C 78 8.57 6.89 -18.21
CA ILE C 78 8.54 6.93 -19.70
C ILE C 78 9.91 7.35 -20.22
N GLU C 79 10.56 8.33 -19.57
CA GLU C 79 11.89 8.84 -20.00
C GLU C 79 12.93 7.73 -19.82
N ILE C 80 12.92 7.04 -18.67
CA ILE C 80 13.86 5.93 -18.36
C ILE C 80 13.70 4.83 -19.42
N GLY C 81 12.49 4.65 -19.96
CA GLY C 81 12.22 3.75 -21.11
C GLY C 81 11.22 2.66 -20.80
N PHE C 82 10.67 2.63 -19.57
CA PHE C 82 9.64 1.69 -19.07
C PHE C 82 8.26 2.21 -19.45
N ASN C 83 7.79 1.80 -20.63
CA ASN C 83 6.59 2.38 -21.30
C ASN C 83 5.77 1.25 -21.92
N SER C 84 5.96 0.01 -21.44
CA SER C 84 5.19 -1.20 -21.84
C SER C 84 5.32 -2.32 -20.80
N SER C 85 4.30 -3.17 -20.71
CA SER C 85 4.30 -4.45 -19.96
C SER C 85 5.31 -5.42 -20.61
N GLU C 86 5.58 -5.21 -21.91
CA GLU C 86 6.52 -6.02 -22.72
C GLU C 86 7.90 -5.97 -22.05
N VAL C 87 8.31 -4.78 -21.64
CA VAL C 87 9.63 -4.53 -20.99
C VAL C 87 9.56 -4.86 -19.49
N GLY C 88 8.34 -5.01 -18.95
CA GLY C 88 8.12 -5.46 -17.56
C GLY C 88 7.65 -4.33 -16.63
N PHE C 89 7.51 -3.11 -17.15
CA PHE C 89 7.00 -1.97 -16.35
C PHE C 89 6.58 -0.83 -17.27
N ASP C 90 5.34 -0.34 -17.13
CA ASP C 90 4.87 0.82 -17.92
C ASP C 90 4.44 1.95 -16.97
N GLY C 91 5.11 3.09 -17.05
CA GLY C 91 4.79 4.24 -16.18
C GLY C 91 3.36 4.69 -16.34
N ARG C 92 2.81 4.57 -17.54
CA ARG C 92 1.43 5.07 -17.80
C ARG C 92 0.38 4.21 -17.09
N THR C 93 0.64 2.92 -16.90
CA THR C 93 -0.38 2.01 -16.32
C THR C 93 0.08 1.50 -14.95
N CYS C 94 1.20 2.01 -14.45
CA CYS C 94 1.77 1.49 -13.18
C CYS C 94 0.98 2.00 -11.98
N GLY C 95 1.30 1.46 -10.80
CA GLY C 95 0.65 1.93 -9.57
C GLY C 95 1.46 3.01 -8.88
N VAL C 96 0.77 4.02 -8.33
CA VAL C 96 1.37 5.11 -7.54
C VAL C 96 0.51 5.31 -6.30
N SER C 97 1.15 5.17 -5.16
CA SER C 97 0.65 5.32 -3.78
C SER C 97 1.57 6.29 -3.05
N VAL C 98 0.99 7.16 -2.25
CA VAL C 98 1.69 8.34 -1.66
C VAL C 98 1.37 8.43 -0.18
N SER C 99 2.41 8.39 0.64
CA SER C 99 2.24 8.55 2.11
C SER C 99 3.23 9.63 2.56
N ILE C 100 2.86 10.90 2.39
CA ILE C 100 3.74 12.04 2.79
C ILE C 100 3.02 12.87 3.85
N GLY C 101 3.76 13.39 4.83
CA GLY C 101 3.17 14.21 5.90
C GLY C 101 4.06 15.35 6.36
N GLU C 102 3.81 15.89 7.55
CA GLU C 102 4.57 17.05 8.11
C GLU C 102 4.15 18.02 7.02
N GLN C 103 2.85 18.24 6.86
CA GLN C 103 2.12 19.43 6.34
C GLN C 103 3.13 20.57 6.18
N GLU C 124 24.36 35.50 15.25
CA GLU C 124 24.69 35.00 13.88
C GLU C 124 23.70 33.90 13.46
N GLU C 125 22.48 33.90 14.02
CA GLU C 125 21.48 32.79 13.93
C GLU C 125 21.32 32.28 12.48
N ASP C 126 21.39 33.17 11.49
CA ASP C 126 21.21 32.83 10.06
C ASP C 126 22.23 31.77 9.65
N ASP C 127 23.42 31.81 10.23
CA ASP C 127 24.44 30.76 9.95
C ASP C 127 24.65 29.98 11.24
N ARG C 128 24.04 30.46 12.33
CA ARG C 128 24.10 29.71 13.60
C ARG C 128 22.93 28.72 13.58
N ALA C 129 22.27 28.60 12.42
CA ALA C 129 21.19 27.60 12.26
C ALA C 129 21.82 26.22 12.36
N GLY C 130 21.40 25.41 13.33
CA GLY C 130 22.01 24.10 13.58
C GLY C 130 21.63 23.12 12.50
N ALA C 131 22.42 22.05 12.37
CA ALA C 131 22.21 20.94 11.41
C ALA C 131 21.03 20.08 11.89
N GLY C 132 20.23 19.58 10.95
CA GLY C 132 18.99 18.81 11.21
C GLY C 132 19.27 17.47 11.86
N ASP C 133 20.49 16.97 11.79
CA ASP C 133 20.80 15.63 12.32
C ASP C 133 22.27 15.59 12.72
N GLN C 134 22.64 14.57 13.49
CA GLN C 134 24.04 14.12 13.65
C GLN C 134 24.47 13.46 12.32
N GLY C 135 25.75 13.15 12.16
CA GLY C 135 26.25 12.28 11.06
C GLY C 135 27.66 12.60 10.62
N LEU C 136 28.24 11.69 9.82
CA LEU C 136 29.58 11.79 9.20
C LEU C 136 29.42 11.75 7.68
N MET C 137 30.17 12.57 6.96
CA MET C 137 30.13 12.69 5.49
C MET C 137 31.58 12.73 4.97
N PHE C 138 31.84 12.14 3.80
CA PHE C 138 33.19 11.97 3.23
C PHE C 138 33.24 12.63 1.87
N GLY C 139 34.40 13.20 1.57
CA GLY C 139 34.68 13.85 0.28
C GLY C 139 36.03 13.37 -0.20
N TYR C 140 36.18 13.20 -1.51
CA TYR C 140 37.38 12.60 -2.11
C TYR C 140 37.70 13.34 -3.40
N ALA C 141 39.00 13.44 -3.68
CA ALA C 141 39.55 13.90 -4.98
C ALA C 141 40.84 13.13 -5.26
N THR C 142 41.15 12.94 -6.55
CA THR C 142 42.40 12.29 -7.02
C THR C 142 42.78 12.92 -8.36
N ASN C 143 44.06 13.12 -8.61
CA ASN C 143 44.52 13.73 -9.88
C ASN C 143 44.53 12.67 -10.98
N GLU C 144 44.19 11.42 -10.64
CA GLU C 144 44.18 10.31 -11.63
C GLU C 144 43.35 10.71 -12.85
N THR C 145 42.32 11.52 -12.65
CA THR C 145 41.41 11.87 -13.77
C THR C 145 41.24 13.39 -13.83
N GLU C 146 40.91 13.91 -15.01
CA GLU C 146 40.64 15.36 -15.15
C GLU C 146 39.43 15.72 -14.29
N GLU C 147 38.47 14.78 -14.18
CA GLU C 147 37.28 15.00 -13.33
C GLU C 147 37.68 14.75 -11.87
N TYR C 148 38.95 14.44 -11.62
CA TYR C 148 39.47 14.23 -10.24
C TYR C 148 38.71 13.10 -9.52
N MET C 149 38.35 12.07 -10.26
CA MET C 149 37.64 10.87 -9.74
C MET C 149 38.58 9.69 -9.86
N PRO C 150 38.44 8.66 -8.98
CA PRO C 150 39.11 7.39 -9.20
C PRO C 150 38.81 6.81 -10.60
N LEU C 151 39.83 6.25 -11.24
CA LEU C 151 39.79 5.57 -12.57
C LEU C 151 38.64 4.56 -12.62
N PRO C 152 38.49 3.66 -11.64
CA PRO C 152 37.49 2.61 -11.71
C PRO C 152 36.01 3.04 -11.69
N ILE C 153 35.58 3.91 -10.75
CA ILE C 153 34.18 4.42 -10.70
C ILE C 153 33.95 5.38 -11.89
N ALA C 154 34.94 6.18 -12.29
CA ALA C 154 34.84 7.06 -13.48
C ALA C 154 34.55 6.19 -14.71
N LEU C 155 35.33 5.13 -14.89
CA LEU C 155 35.17 4.30 -16.10
C LEU C 155 33.78 3.66 -16.01
N ALA C 156 33.48 3.05 -14.85
CA ALA C 156 32.19 2.42 -14.52
C ALA C 156 31.03 3.32 -14.95
N HIS C 157 31.03 4.56 -14.48
CA HIS C 157 29.97 5.57 -14.78
C HIS C 157 29.91 5.73 -16.29
N ARG C 158 31.05 5.88 -16.96
CA ARG C 158 31.14 6.13 -18.44
C ARG C 158 30.51 4.94 -19.18
N LEU C 159 30.76 3.73 -18.69
CA LEU C 159 30.21 2.46 -19.25
C LEU C 159 28.68 2.40 -19.13
N SER C 160 28.11 2.57 -17.93
CA SER C 160 26.64 2.57 -17.70
C SER C 160 25.98 3.78 -18.40
N ARG C 161 26.60 4.98 -18.40
CA ARG C 161 26.10 6.15 -19.17
C ARG C 161 26.06 5.81 -20.66
N ARG C 162 27.09 5.14 -21.18
CA ARG C 162 27.22 4.81 -22.63
C ARG C 162 26.16 3.77 -23.00
N LEU C 163 25.98 2.74 -22.16
CA LEU C 163 24.98 1.65 -22.32
C LEU C 163 23.56 2.22 -22.46
N THR C 164 23.25 3.29 -21.73
CA THR C 164 21.94 4.00 -21.77
C THR C 164 21.84 4.80 -23.07
N GLN C 165 22.89 5.56 -23.39
CA GLN C 165 23.00 6.49 -24.57
C GLN C 165 22.80 5.72 -25.89
N VAL C 166 23.39 4.53 -25.97
CA VAL C 166 23.37 3.61 -27.15
C VAL C 166 21.95 3.13 -27.45
N ARG C 167 21.15 2.82 -26.41
CA ARG C 167 19.72 2.40 -26.49
C ARG C 167 18.83 3.60 -26.84
N LYS C 168 19.08 4.77 -26.26
CA LYS C 168 18.22 5.97 -26.45
C LYS C 168 18.51 6.67 -27.78
N GLU C 169 19.64 6.38 -28.44
CA GLU C 169 20.03 7.01 -29.73
C GLU C 169 19.96 6.01 -30.90
N GLY C 170 19.76 4.72 -30.62
CA GLY C 170 19.59 3.69 -31.67
C GLY C 170 20.90 3.08 -32.17
N ILE C 171 22.02 3.49 -31.57
CA ILE C 171 23.39 3.02 -31.96
C ILE C 171 23.44 1.48 -31.86
N VAL C 172 23.03 0.92 -30.72
CA VAL C 172 22.66 -0.52 -30.60
C VAL C 172 21.14 -0.58 -30.44
N PRO C 173 20.43 -1.41 -31.24
CA PRO C 173 18.99 -1.65 -31.05
C PRO C 173 18.76 -2.86 -30.12
N HIS C 174 17.50 -3.09 -29.73
CA HIS C 174 16.99 -4.30 -29.02
C HIS C 174 17.38 -4.31 -27.53
N LEU C 175 17.77 -3.15 -26.99
CA LEU C 175 18.23 -3.03 -25.60
C LEU C 175 17.06 -2.54 -24.75
N ARG C 176 17.13 -2.83 -23.45
CA ARG C 176 16.11 -2.41 -22.45
C ARG C 176 16.83 -1.71 -21.27
N PRO C 177 16.11 -0.86 -20.50
CA PRO C 177 16.76 0.13 -19.62
C PRO C 177 17.64 -0.42 -18.48
N ASP C 178 17.27 -1.53 -17.84
CA ASP C 178 17.98 -2.06 -16.64
C ASP C 178 19.35 -2.58 -17.11
N GLY C 179 20.39 -2.32 -16.33
CA GLY C 179 21.76 -2.71 -16.65
C GLY C 179 22.71 -2.36 -15.52
N LYS C 180 23.79 -3.11 -15.44
CA LYS C 180 24.89 -2.93 -14.48
C LYS C 180 26.22 -3.04 -15.23
N THR C 181 27.18 -2.23 -14.83
CA THR C 181 28.56 -2.23 -15.37
C THR C 181 29.47 -2.38 -14.16
N GLN C 182 30.62 -3.01 -14.35
CA GLN C 182 31.64 -3.27 -13.30
C GLN C 182 33.02 -3.22 -13.96
N VAL C 183 34.01 -2.76 -13.20
CA VAL C 183 35.36 -2.44 -13.73
C VAL C 183 36.39 -2.77 -12.64
N THR C 184 37.34 -3.64 -13.01
CA THR C 184 38.41 -4.06 -12.09
C THR C 184 39.75 -3.62 -12.69
N PHE C 185 40.62 -3.03 -11.88
CA PHE C 185 41.91 -2.53 -12.40
C PHE C 185 43.06 -3.12 -11.59
N ALA C 186 44.13 -3.56 -12.28
CA ALA C 186 45.34 -4.01 -11.56
C ALA C 186 46.05 -2.76 -11.05
N TYR C 187 46.69 -2.84 -9.88
CA TYR C 187 47.29 -1.63 -9.30
C TYR C 187 48.79 -1.82 -9.04
N ASP C 188 49.55 -0.72 -9.00
CA ASP C 188 51.00 -0.78 -8.70
C ASP C 188 51.18 -0.98 -7.20
N ALA C 189 52.43 -1.05 -6.73
CA ALA C 189 52.68 -1.31 -5.29
C ALA C 189 52.51 0.00 -4.51
N GLN C 190 52.19 1.09 -5.22
CA GLN C 190 52.04 2.41 -4.56
C GLN C 190 50.55 2.80 -4.57
N ASP C 191 49.66 1.80 -4.61
CA ASP C 191 48.20 2.08 -4.62
C ASP C 191 47.87 2.95 -5.83
N ARG C 192 48.62 2.82 -6.92
CA ARG C 192 48.33 3.61 -8.16
C ARG C 192 47.86 2.66 -9.26
N PRO C 193 46.80 3.01 -10.03
CA PRO C 193 46.24 2.11 -11.04
C PRO C 193 47.26 1.73 -12.14
N SER C 194 47.17 0.51 -12.66
CA SER C 194 48.16 0.03 -13.66
C SER C 194 47.47 -0.39 -14.98
N HIS C 195 46.52 -1.33 -14.91
CA HIS C 195 45.91 -1.86 -16.16
C HIS C 195 44.44 -2.28 -15.94
N LEU C 196 43.65 -2.30 -17.01
CA LEU C 196 42.25 -2.78 -16.91
C LEU C 196 42.24 -4.32 -17.06
N ASP C 197 41.86 -5.03 -16.01
CA ASP C 197 41.87 -6.52 -16.03
C ASP C 197 40.54 -7.04 -16.57
N THR C 198 39.42 -6.56 -16.02
CA THR C 198 38.07 -7.05 -16.41
C THR C 198 37.03 -5.93 -16.43
N VAL C 199 36.32 -5.75 -17.56
CA VAL C 199 35.04 -4.99 -17.62
C VAL C 199 33.88 -6.00 -17.76
N VAL C 200 32.87 -5.91 -16.89
CA VAL C 200 31.63 -6.74 -16.98
C VAL C 200 30.46 -5.79 -17.26
N ILE C 201 29.53 -6.22 -18.10
CA ILE C 201 28.33 -5.42 -18.52
C ILE C 201 27.17 -6.37 -18.73
N SER C 202 26.25 -6.45 -17.78
CA SER C 202 24.93 -7.10 -17.91
C SER C 202 23.88 -6.05 -18.32
N THR C 203 23.17 -6.29 -19.43
CA THR C 203 22.09 -5.42 -19.90
C THR C 203 20.81 -6.23 -20.12
N GLN C 204 19.66 -5.58 -19.92
CA GLN C 204 18.33 -6.02 -20.36
C GLN C 204 18.26 -5.87 -21.89
N HIS C 205 17.55 -6.77 -22.56
CA HIS C 205 17.44 -6.74 -24.03
C HIS C 205 16.13 -7.36 -24.50
N ASP C 206 15.69 -7.03 -25.72
CA ASP C 206 14.48 -7.67 -26.29
C ASP C 206 14.80 -9.16 -26.48
N PRO C 207 13.82 -10.08 -26.33
CA PRO C 207 14.12 -11.51 -26.41
C PRO C 207 14.54 -11.95 -27.83
N GLU C 208 14.51 -11.03 -28.79
CA GLU C 208 14.92 -11.34 -30.18
C GLU C 208 16.43 -11.10 -30.39
N VAL C 209 17.25 -11.29 -29.34
CA VAL C 209 18.71 -10.99 -29.45
C VAL C 209 19.52 -12.04 -28.70
N ASP C 210 20.74 -12.34 -29.18
CA ASP C 210 21.62 -13.37 -28.56
C ASP C 210 22.77 -12.69 -27.84
N ARG C 211 23.33 -13.34 -26.81
CA ARG C 211 24.50 -12.80 -26.08
C ARG C 211 25.62 -12.54 -27.08
N ALA C 212 25.75 -13.40 -28.09
CA ALA C 212 26.82 -13.26 -29.11
C ALA C 212 26.66 -11.92 -29.83
N TRP C 213 25.43 -11.63 -30.28
CA TRP C 213 25.18 -10.35 -30.99
C TRP C 213 25.52 -9.19 -30.06
N LEU C 214 25.00 -9.22 -28.84
CA LEU C 214 25.27 -8.13 -27.86
C LEU C 214 26.76 -8.07 -27.59
N GLU C 215 27.38 -9.20 -27.28
CA GLU C 215 28.82 -9.23 -26.92
C GLU C 215 29.60 -8.37 -27.92
N THR C 216 29.35 -8.57 -29.21
CA THR C 216 30.11 -7.82 -30.24
C THR C 216 29.61 -6.37 -30.25
N GLN C 217 28.29 -6.17 -30.21
CA GLN C 217 27.73 -4.80 -30.32
C GLN C 217 28.17 -3.92 -29.14
N LEU C 218 28.18 -4.49 -27.93
CA LEU C 218 28.53 -3.71 -26.71
C LEU C 218 30.05 -3.49 -26.67
N ARG C 219 30.82 -4.50 -27.07
CA ARG C 219 32.30 -4.37 -27.15
C ARG C 219 32.64 -3.22 -28.13
N GLU C 220 31.96 -3.16 -29.28
CA GLU C 220 32.21 -2.12 -30.30
C GLU C 220 31.79 -0.75 -29.76
N HIS C 221 30.50 -0.60 -29.45
CA HIS C 221 29.78 0.70 -29.35
C HIS C 221 29.69 1.22 -27.91
N VAL C 222 29.96 0.37 -26.92
CA VAL C 222 30.00 0.75 -25.46
C VAL C 222 31.45 0.68 -24.96
N ILE C 223 32.05 -0.50 -24.82
CA ILE C 223 33.39 -0.66 -24.17
C ILE C 223 34.49 0.06 -24.99
N ASP C 224 34.63 -0.24 -26.28
CA ASP C 224 35.75 0.30 -27.11
C ASP C 224 35.58 1.81 -27.30
N TRP C 225 34.35 2.30 -27.57
CA TRP C 225 34.04 3.75 -27.64
C TRP C 225 34.41 4.44 -26.32
N VAL C 226 34.13 3.81 -25.18
CA VAL C 226 34.34 4.46 -23.84
C VAL C 226 35.85 4.48 -23.53
N ILE C 227 36.55 3.38 -23.82
CA ILE C 227 38.02 3.28 -23.57
C ILE C 227 38.72 4.42 -24.32
N LYS C 228 38.25 4.73 -25.55
CA LYS C 228 38.76 5.84 -26.38
C LYS C 228 38.29 7.17 -25.79
N ASP C 229 36.99 7.34 -25.60
CA ASP C 229 36.40 8.62 -25.15
C ASP C 229 37.04 9.06 -23.82
N ALA C 230 37.56 8.09 -23.05
CA ALA C 230 38.14 8.27 -21.69
C ALA C 230 39.60 8.73 -21.78
N GLY C 231 40.30 8.31 -22.83
CA GLY C 231 41.72 8.63 -23.03
C GLY C 231 42.57 7.69 -22.20
N ILE C 232 42.20 6.41 -22.24
CA ILE C 232 42.65 5.36 -21.27
C ILE C 232 43.21 4.16 -22.05
N GLU C 233 43.50 4.33 -23.36
CA GLU C 233 43.92 3.24 -24.30
C GLU C 233 45.35 2.78 -23.98
N ASP C 234 46.18 3.64 -23.40
CA ASP C 234 47.49 3.27 -22.80
C ASP C 234 47.30 2.34 -21.58
N LEU C 235 46.12 2.25 -20.98
CA LEU C 235 45.81 1.25 -19.91
C LEU C 235 45.01 0.07 -20.46
N ALA C 236 44.68 0.09 -21.76
CA ALA C 236 43.73 -0.84 -22.42
C ALA C 236 44.47 -2.00 -23.10
N THR C 237 45.80 -1.89 -23.23
CA THR C 237 46.64 -2.83 -24.01
C THR C 237 46.66 -4.19 -23.28
N GLY C 238 46.99 -5.24 -24.03
CA GLY C 238 47.07 -6.62 -23.52
C GLY C 238 45.72 -7.31 -23.59
N GLU C 239 45.60 -8.45 -22.90
CA GLU C 239 44.35 -9.24 -22.73
C GLU C 239 43.48 -8.55 -21.67
N ILE C 240 42.28 -8.12 -22.07
CA ILE C 240 41.17 -7.60 -21.21
C ILE C 240 40.15 -8.71 -21.06
N THR C 241 39.85 -9.19 -19.84
CA THR C 241 38.73 -10.16 -19.67
C THR C 241 37.42 -9.38 -19.83
N VAL C 242 36.56 -9.78 -20.78
CA VAL C 242 35.23 -9.13 -20.99
C VAL C 242 34.12 -10.17 -20.74
N LEU C 243 33.30 -9.90 -19.73
CA LEU C 243 32.09 -10.66 -19.37
C LEU C 243 30.84 -9.82 -19.72
N ILE C 244 30.19 -10.13 -20.85
CA ILE C 244 28.95 -9.47 -21.31
C ILE C 244 27.78 -10.43 -21.10
N ASN C 245 26.71 -9.95 -20.49
CA ASN C 245 25.59 -10.77 -19.94
C ASN C 245 26.11 -12.16 -19.57
N PRO C 246 27.08 -12.26 -18.64
CA PRO C 246 27.71 -13.55 -18.30
C PRO C 246 26.82 -14.61 -17.64
N SER C 247 25.53 -14.32 -17.45
CA SER C 247 24.60 -15.23 -16.73
C SER C 247 23.16 -15.00 -17.19
N GLY C 248 22.38 -16.09 -17.24
CA GLY C 248 20.93 -16.11 -17.49
C GLY C 248 20.55 -15.31 -18.73
N SER C 249 19.28 -14.94 -18.85
CA SER C 249 18.79 -14.00 -19.89
C SER C 249 18.15 -12.79 -19.21
N PHE C 250 18.69 -11.60 -19.51
CA PHE C 250 18.26 -10.29 -18.95
C PHE C 250 17.15 -9.73 -19.84
N ILE C 251 15.95 -10.31 -19.79
CA ILE C 251 14.80 -9.98 -20.69
C ILE C 251 13.83 -9.04 -19.96
N LEU C 252 13.53 -9.36 -18.70
CA LEU C 252 12.77 -8.44 -17.83
C LEU C 252 13.77 -7.74 -16.91
N GLY C 253 13.45 -6.53 -16.51
CA GLY C 253 14.16 -5.81 -15.45
C GLY C 253 13.29 -4.70 -14.90
N GLY C 254 13.90 -3.59 -14.48
CA GLY C 254 13.20 -2.59 -13.67
C GLY C 254 12.61 -3.32 -12.48
N PRO C 255 11.48 -2.84 -11.90
CA PRO C 255 11.03 -3.35 -10.62
C PRO C 255 10.51 -4.79 -10.70
N MET C 256 10.15 -5.26 -11.90
CA MET C 256 9.71 -6.66 -12.15
C MET C 256 10.71 -7.65 -11.53
N GLY C 257 10.25 -8.50 -10.60
CA GLY C 257 11.04 -9.51 -9.88
C GLY C 257 12.22 -8.96 -9.04
N ASP C 258 12.29 -7.64 -8.79
CA ASP C 258 13.52 -7.00 -8.24
C ASP C 258 13.23 -5.69 -7.49
N ALA C 259 12.98 -5.73 -6.19
CA ALA C 259 12.64 -4.54 -5.38
C ALA C 259 13.73 -3.47 -5.44
N GLY C 260 13.31 -2.22 -5.56
CA GLY C 260 14.15 -1.01 -5.52
C GLY C 260 13.72 -0.05 -4.42
N LEU C 261 14.67 0.68 -3.88
CA LEU C 261 14.52 1.59 -2.73
C LEU C 261 15.50 2.75 -2.96
N THR C 262 15.12 3.98 -2.62
CA THR C 262 15.98 5.17 -2.57
C THR C 262 17.10 4.88 -1.58
N GLY C 263 18.34 5.30 -1.85
CA GLY C 263 19.46 5.23 -0.87
C GLY C 263 20.12 3.86 -0.77
N ARG C 264 19.99 3.02 -1.81
CA ARG C 264 20.54 1.65 -1.91
C ARG C 264 21.76 1.56 -2.87
N LYS C 265 22.33 2.68 -3.31
CA LYS C 265 23.43 2.74 -4.31
C LYS C 265 24.41 3.85 -3.90
N ILE C 266 24.68 4.02 -2.60
CA ILE C 266 25.50 5.17 -2.10
C ILE C 266 26.94 5.13 -2.62
N ILE C 267 27.53 3.94 -2.73
CA ILE C 267 28.94 3.80 -3.21
C ILE C 267 28.99 4.13 -4.71
N VAL C 268 27.98 3.69 -5.46
CA VAL C 268 27.90 4.01 -6.92
C VAL C 268 27.73 5.51 -7.09
N ASP C 269 26.96 6.14 -6.19
CA ASP C 269 26.71 7.60 -6.27
C ASP C 269 27.95 8.38 -5.83
N THR C 270 28.90 7.73 -5.15
CA THR C 270 30.05 8.47 -4.58
C THR C 270 31.44 8.30 -5.23
N TYR C 271 32.16 7.24 -4.88
CA TYR C 271 33.56 7.11 -5.38
C TYR C 271 33.83 5.61 -5.64
N GLY C 272 32.77 4.78 -5.65
CA GLY C 272 32.93 3.35 -5.97
C GLY C 272 33.76 2.55 -4.99
N GLY C 273 33.80 2.97 -3.72
CA GLY C 273 34.53 2.21 -2.70
C GLY C 273 35.98 2.63 -2.60
N MET C 274 36.45 3.43 -3.57
CA MET C 274 37.84 3.95 -3.49
C MET C 274 37.91 4.86 -2.27
N ALA C 275 36.83 5.58 -2.00
CA ALA C 275 36.79 6.48 -0.83
C ALA C 275 35.89 5.89 0.26
N ARG C 276 35.90 6.50 1.44
CA ARG C 276 35.01 6.05 2.54
C ARG C 276 33.67 6.79 2.40
N HIS C 277 32.66 6.34 3.15
CA HIS C 277 31.27 6.87 3.13
C HIS C 277 30.77 6.99 4.58
N GLY C 278 29.92 8.00 4.85
CA GLY C 278 29.25 8.27 6.15
C GLY C 278 28.05 7.37 6.43
N GLY C 279 27.37 6.89 5.38
CA GLY C 279 26.17 6.04 5.53
C GLY C 279 24.90 6.67 4.95
N GLY C 280 24.89 8.00 4.77
CA GLY C 280 23.70 8.77 4.36
C GLY C 280 23.42 8.75 2.85
N ALA C 281 22.18 8.40 2.48
CA ALA C 281 21.62 8.55 1.12
C ALA C 281 21.53 10.03 0.75
N PHE C 282 21.62 10.35 -0.53
CA PHE C 282 21.55 11.74 -1.07
C PHE C 282 20.16 12.03 -1.64
N SER C 283 19.62 11.13 -2.46
CA SER C 283 18.43 11.40 -3.29
C SER C 283 17.20 11.51 -2.38
N GLY C 284 16.29 12.42 -2.70
CA GLY C 284 15.05 12.65 -1.94
C GLY C 284 15.22 13.66 -0.83
N LYS C 285 16.44 14.18 -0.64
CA LYS C 285 16.79 15.14 0.44
C LYS C 285 17.06 16.52 -0.17
N ASP C 286 16.39 17.54 0.39
CA ASP C 286 16.67 18.98 0.14
C ASP C 286 17.98 19.34 0.80
N PRO C 287 18.66 20.41 0.35
CA PRO C 287 20.02 20.69 0.80
C PRO C 287 20.22 21.04 2.29
N SER C 288 19.14 21.21 3.07
CA SER C 288 19.20 21.37 4.55
C SER C 288 19.59 20.04 5.22
N LYS C 289 19.40 18.94 4.50
CA LYS C 289 19.80 17.59 4.94
C LYS C 289 21.32 17.49 4.78
N VAL C 290 22.01 17.51 5.91
CA VAL C 290 23.48 17.62 5.97
C VAL C 290 24.08 16.34 5.37
N ASP C 291 23.32 15.24 5.36
CA ASP C 291 23.79 13.96 4.77
C ASP C 291 24.27 14.28 3.35
N ARG C 292 23.49 15.11 2.66
CA ARG C 292 23.76 15.50 1.25
C ARG C 292 24.75 16.68 1.24
N SER C 293 24.37 17.80 1.86
CA SER C 293 25.05 19.10 1.68
C SER C 293 26.47 19.04 2.25
N ALA C 294 26.73 18.24 3.28
CA ALA C 294 28.08 18.11 3.87
C ALA C 294 28.96 17.26 2.94
N ALA C 295 28.47 16.11 2.47
CA ALA C 295 29.20 15.29 1.46
C ALA C 295 29.48 16.15 0.21
N TYR C 296 28.55 16.96 -0.28
CA TYR C 296 28.81 17.91 -1.40
C TYR C 296 29.96 18.86 -0.99
N ALA C 297 29.87 19.48 0.18
CA ALA C 297 30.91 20.40 0.72
C ALA C 297 32.26 19.69 0.67
N MET C 298 32.29 18.48 1.20
CA MET C 298 33.54 17.72 1.42
C MET C 298 34.10 17.23 0.06
N ARG C 299 33.26 17.00 -0.95
CA ARG C 299 33.79 16.80 -2.32
C ARG C 299 34.55 18.07 -2.73
N TRP C 300 33.96 19.24 -2.49
CA TRP C 300 34.47 20.58 -2.92
C TRP C 300 35.83 20.87 -2.29
N VAL C 301 35.96 20.63 -0.98
CA VAL C 301 37.21 20.82 -0.19
C VAL C 301 38.27 19.87 -0.77
N ALA C 302 38.01 18.57 -0.72
CA ALA C 302 38.92 17.55 -1.32
C ALA C 302 39.37 17.99 -2.71
N LYS C 303 38.44 18.38 -3.59
CA LYS C 303 38.79 18.73 -5.00
C LYS C 303 39.73 19.94 -4.99
N ASN C 304 39.51 20.87 -4.06
CA ASN C 304 40.26 22.14 -4.00
C ASN C 304 41.63 21.84 -3.39
N ILE C 305 41.71 20.83 -2.53
CA ILE C 305 43.00 20.40 -1.93
C ILE C 305 43.89 19.83 -3.05
N VAL C 306 43.33 19.04 -3.98
CA VAL C 306 44.13 18.28 -4.98
C VAL C 306 44.46 19.23 -6.15
N ALA C 307 43.56 20.16 -6.45
CA ALA C 307 43.75 21.17 -7.51
C ALA C 307 44.67 22.29 -7.01
N ALA C 308 44.85 22.42 -5.70
CA ALA C 308 45.73 23.44 -5.08
C ALA C 308 47.19 22.97 -5.16
N GLY C 309 47.42 21.70 -5.49
CA GLY C 309 48.74 21.04 -5.46
C GLY C 309 49.16 20.69 -4.04
N LEU C 310 48.23 20.37 -3.14
CA LEU C 310 48.55 20.13 -1.71
C LEU C 310 48.59 18.62 -1.42
N ALA C 311 48.23 17.80 -2.41
CA ALA C 311 48.24 16.32 -2.37
C ALA C 311 47.68 15.82 -3.70
N ASP C 312 47.98 14.58 -4.02
CA ASP C 312 47.55 13.93 -5.29
C ASP C 312 46.16 13.32 -5.00
N ARG C 313 46.05 12.56 -3.90
CA ARG C 313 44.82 11.96 -3.32
C ARG C 313 44.49 12.68 -1.99
N ALA C 314 43.26 13.18 -1.82
CA ALA C 314 42.78 13.78 -0.55
C ALA C 314 41.39 13.27 -0.20
N GLU C 315 41.18 12.85 1.05
CA GLU C 315 39.86 12.45 1.62
C GLU C 315 39.58 13.24 2.89
N VAL C 316 38.41 13.90 3.00
CA VAL C 316 38.02 14.66 4.22
C VAL C 316 36.73 14.09 4.82
N GLN C 317 36.73 13.88 6.14
CA GLN C 317 35.54 13.53 6.93
C GLN C 317 35.13 14.74 7.78
N VAL C 318 33.84 15.07 7.77
CA VAL C 318 33.21 16.09 8.66
C VAL C 318 32.05 15.43 9.39
N ALA C 319 31.82 15.81 10.64
CA ALA C 319 30.71 15.29 11.47
C ALA C 319 30.02 16.47 12.18
N TYR C 320 28.69 16.38 12.26
CA TYR C 320 27.79 17.36 12.90
C TYR C 320 27.05 16.67 14.03
N ALA C 321 26.61 17.46 15.00
CA ALA C 321 25.68 17.06 16.06
C ALA C 321 24.38 17.81 15.80
N ILE C 322 23.22 17.15 15.92
CA ILE C 322 21.88 17.76 15.71
C ILE C 322 21.80 18.99 16.62
N GLY C 323 21.50 20.15 16.03
CA GLY C 323 21.31 21.42 16.76
C GLY C 323 22.52 22.33 16.66
N ARG C 324 23.72 21.78 16.44
CA ARG C 324 24.98 22.59 16.41
C ARG C 324 25.39 22.81 14.94
N ALA C 325 25.45 24.09 14.52
CA ALA C 325 25.97 24.57 13.22
C ALA C 325 27.46 24.20 13.05
N LYS C 326 28.24 24.23 14.12
CA LYS C 326 29.71 23.99 14.08
C LYS C 326 29.96 22.49 13.98
N PRO C 327 30.66 22.00 12.94
CA PRO C 327 31.01 20.58 12.87
C PRO C 327 31.66 20.21 14.21
N VAL C 328 31.39 19.04 14.76
CA VAL C 328 32.06 18.53 16.00
C VAL C 328 33.37 17.82 15.63
N GLY C 329 33.55 17.48 14.34
CA GLY C 329 34.73 16.75 13.82
C GLY C 329 35.08 17.18 12.40
N LEU C 330 36.35 17.05 12.07
CA LEU C 330 36.94 17.24 10.72
C LEU C 330 38.25 16.42 10.70
N TYR C 331 38.59 15.83 9.55
CA TYR C 331 39.69 14.84 9.45
C TYR C 331 40.18 14.78 8.02
N VAL C 332 41.30 15.46 7.72
CA VAL C 332 41.96 15.47 6.38
C VAL C 332 42.95 14.31 6.32
N GLU C 333 42.98 13.61 5.19
CA GLU C 333 43.85 12.44 4.95
C GLU C 333 44.26 12.45 3.48
N THR C 334 45.57 12.33 3.22
CA THR C 334 46.18 12.43 1.87
C THR C 334 46.95 11.15 1.53
N PHE C 335 46.92 10.16 2.43
CA PHE C 335 47.47 8.79 2.19
C PHE C 335 48.96 8.91 1.82
N ASP C 336 49.68 9.78 2.53
CA ASP C 336 51.14 10.08 2.42
C ASP C 336 51.49 10.70 1.04
N THR C 337 50.55 11.34 0.33
CA THR C 337 50.78 11.95 -1.02
C THR C 337 50.79 13.48 -0.91
N ASN C 338 50.89 14.00 0.32
CA ASN C 338 51.11 15.44 0.66
C ASN C 338 52.23 16.02 -0.19
N LYS C 339 52.17 17.31 -0.48
CA LYS C 339 53.21 18.03 -1.28
C LYS C 339 53.57 19.36 -0.59
N GLU C 340 54.79 19.84 -0.82
CA GLU C 340 55.36 21.07 -0.23
C GLU C 340 55.51 20.88 1.28
N GLY C 341 55.91 19.67 1.69
CA GLY C 341 56.26 19.30 3.07
C GLY C 341 55.17 19.67 4.07
N LEU C 342 53.91 19.65 3.64
CA LEU C 342 52.73 20.01 4.47
C LEU C 342 52.19 18.74 5.10
N SER C 343 51.85 18.78 6.38
CA SER C 343 51.20 17.65 7.08
C SER C 343 49.69 17.76 6.82
N ASP C 344 48.96 16.68 7.10
CA ASP C 344 47.49 16.68 7.00
C ASP C 344 46.98 17.73 8.01
N GLU C 345 47.44 17.67 9.27
CA GLU C 345 47.08 18.68 10.32
C GLU C 345 47.25 20.09 9.72
N GLN C 346 48.35 20.34 9.02
CA GLN C 346 48.67 21.68 8.48
C GLN C 346 47.60 22.03 7.44
N ILE C 347 47.36 21.11 6.48
CA ILE C 347 46.31 21.29 5.43
C ILE C 347 44.96 21.46 6.14
N GLN C 348 44.72 20.69 7.22
CA GLN C 348 43.39 20.75 7.90
C GLN C 348 43.15 22.13 8.48
N ALA C 349 44.16 22.80 9.04
CA ALA C 349 43.99 24.15 9.65
C ALA C 349 43.73 25.17 8.53
N ALA C 350 44.35 24.95 7.37
CA ALA C 350 44.13 25.70 6.12
C ALA C 350 42.67 25.57 5.68
N VAL C 351 42.10 24.37 5.70
CA VAL C 351 40.69 24.10 5.28
C VAL C 351 39.75 24.96 6.16
N LEU C 352 39.89 24.86 7.48
CA LEU C 352 39.02 25.57 8.48
C LEU C 352 39.02 27.08 8.18
N GLU C 353 40.14 27.63 7.71
CA GLU C 353 40.35 29.09 7.45
C GLU C 353 39.62 29.51 6.18
N VAL C 354 39.58 28.62 5.18
CA VAL C 354 39.04 28.92 3.83
C VAL C 354 37.56 28.52 3.77
N PHE C 355 37.15 27.50 4.53
CA PHE C 355 35.85 26.82 4.37
C PHE C 355 34.96 27.04 5.59
N ASP C 356 33.83 27.74 5.37
CA ASP C 356 32.66 27.74 6.26
C ASP C 356 31.87 26.43 6.09
N LEU C 357 32.01 25.53 7.05
CA LEU C 357 31.39 24.18 7.02
C LEU C 357 30.21 24.14 7.97
N ARG C 358 29.46 25.25 8.07
CA ARG C 358 28.17 25.28 8.80
C ARG C 358 27.09 25.05 7.76
N PRO C 359 26.02 24.28 8.10
CA PRO C 359 25.00 23.92 7.11
C PRO C 359 24.55 25.10 6.25
N ALA C 360 24.15 26.22 6.89
CA ALA C 360 23.54 27.40 6.22
C ALA C 360 24.54 28.06 5.24
N ALA C 361 25.79 28.23 5.70
CA ALA C 361 26.93 28.67 4.88
C ALA C 361 27.06 27.79 3.63
N ILE C 362 27.11 26.47 3.81
CA ILE C 362 27.30 25.49 2.71
C ILE C 362 26.24 25.76 1.65
N ILE C 363 24.98 25.94 2.09
CA ILE C 363 23.82 26.22 1.19
C ILE C 363 24.09 27.50 0.40
N ARG C 364 24.55 28.56 1.06
CA ARG C 364 24.89 29.88 0.45
C ARG C 364 26.09 29.71 -0.50
N GLU C 365 27.18 29.12 0.00
CA GLU C 365 28.45 28.92 -0.75
C GLU C 365 28.17 28.29 -2.13
N LEU C 366 27.44 27.18 -2.15
CA LEU C 366 27.26 26.34 -3.36
C LEU C 366 25.91 26.63 -4.05
N ASP C 367 25.11 27.55 -3.53
CA ASP C 367 23.82 27.96 -4.16
C ASP C 367 22.98 26.68 -4.41
N LEU C 368 22.65 25.95 -3.35
CA LEU C 368 22.00 24.61 -3.48
C LEU C 368 20.48 24.67 -3.65
N LEU C 369 19.83 25.80 -3.34
CA LEU C 369 18.35 25.86 -3.42
C LEU C 369 17.90 26.05 -4.87
N ARG C 370 18.31 25.14 -5.76
CA ARG C 370 17.87 25.19 -7.18
C ARG C 370 17.55 23.76 -7.65
N PRO C 371 16.69 23.58 -8.68
CA PRO C 371 16.32 22.25 -9.17
C PRO C 371 17.40 21.61 -10.04
N ILE C 372 18.44 21.04 -9.44
CA ILE C 372 19.59 20.49 -10.19
C ILE C 372 19.92 19.08 -9.72
N TYR C 373 18.99 18.42 -9.02
CA TYR C 373 19.33 17.11 -8.39
C TYR C 373 18.88 15.89 -9.21
N ALA C 374 17.79 15.99 -9.97
CA ALA C 374 17.36 14.85 -10.81
C ALA C 374 18.56 14.33 -11.61
N ASP C 375 19.39 15.24 -12.12
CA ASP C 375 20.58 14.90 -12.92
C ASP C 375 21.57 14.07 -12.11
N THR C 376 21.68 14.28 -10.80
CA THR C 376 22.68 13.61 -9.94
C THR C 376 22.25 12.17 -9.61
N ALA C 377 21.02 11.76 -9.94
CA ALA C 377 20.33 10.56 -9.38
C ALA C 377 20.76 9.28 -10.11
N ALA C 378 21.34 9.39 -11.30
CA ALA C 378 22.08 8.28 -11.95
C ALA C 378 23.48 8.74 -12.39
N TYR C 379 24.42 7.80 -12.51
CA TYR C 379 25.74 7.99 -13.17
C TYR C 379 26.72 8.78 -12.27
N GLY C 380 26.38 9.02 -11.00
CA GLY C 380 27.29 9.62 -10.00
C GLY C 380 27.00 11.09 -9.66
N HIS C 381 27.34 11.48 -8.42
CA HIS C 381 27.08 12.85 -7.91
C HIS C 381 28.31 13.72 -8.15
N PHE C 382 29.47 13.08 -8.33
CA PHE C 382 30.79 13.73 -8.38
C PHE C 382 31.42 13.48 -9.76
N GLY C 383 32.48 14.23 -10.07
CA GLY C 383 33.18 14.23 -11.37
C GLY C 383 32.25 14.17 -12.56
N ARG C 384 31.20 14.98 -12.59
CA ARG C 384 30.24 14.97 -13.72
C ARG C 384 30.66 16.07 -14.69
N THR C 385 31.43 15.68 -15.70
CA THR C 385 31.91 16.56 -16.79
C THR C 385 30.71 17.07 -17.59
N ASP C 386 29.66 16.25 -17.73
CA ASP C 386 28.44 16.52 -18.55
C ASP C 386 27.46 17.44 -17.82
N LEU C 387 27.83 17.99 -16.66
CA LEU C 387 26.95 18.80 -15.78
C LEU C 387 27.72 20.04 -15.35
N ASP C 388 27.13 20.89 -14.50
CA ASP C 388 27.72 22.15 -14.02
C ASP C 388 27.47 22.28 -12.51
N LEU C 389 27.93 21.29 -11.74
CA LEU C 389 27.64 21.17 -10.29
C LEU C 389 28.53 22.12 -9.50
N PRO C 390 27.93 22.95 -8.61
CA PRO C 390 28.68 23.89 -7.78
C PRO C 390 29.81 23.29 -6.93
N TRP C 391 29.64 22.04 -6.43
CA TRP C 391 30.61 21.37 -5.51
C TRP C 391 31.78 20.82 -6.34
N GLU C 392 31.70 20.94 -7.66
CA GLU C 392 32.77 20.50 -8.59
C GLU C 392 33.59 21.71 -9.06
N ALA C 393 33.35 22.91 -8.52
CA ALA C 393 34.02 24.19 -8.88
C ALA C 393 35.38 24.30 -8.19
N ILE C 394 36.45 24.50 -8.97
CA ILE C 394 37.87 24.60 -8.51
C ILE C 394 38.16 26.08 -8.26
N ASP C 395 37.65 26.65 -7.17
CA ASP C 395 37.54 28.13 -7.02
C ASP C 395 37.89 28.54 -5.58
N ARG C 396 38.69 27.72 -4.88
CA ARG C 396 39.30 28.10 -3.58
C ARG C 396 40.79 27.77 -3.58
N VAL C 397 41.35 27.57 -4.78
CA VAL C 397 42.80 27.25 -5.02
C VAL C 397 43.62 28.39 -4.42
N ASP C 398 43.40 29.64 -4.86
CA ASP C 398 44.13 30.84 -4.34
C ASP C 398 44.07 30.88 -2.81
N GLU C 399 42.86 30.89 -2.23
CA GLU C 399 42.68 31.13 -0.77
C GLU C 399 43.30 29.99 0.02
N LEU C 400 43.43 28.80 -0.58
CA LEU C 400 44.07 27.64 0.12
C LEU C 400 45.59 27.84 0.16
N ARG C 401 46.20 28.17 -0.98
CA ARG C 401 47.66 28.44 -1.10
C ARG C 401 48.01 29.56 -0.11
N ALA C 402 47.44 30.76 -0.31
CA ALA C 402 47.67 31.98 0.49
C ALA C 402 47.72 31.59 1.96
N ALA C 403 46.66 30.98 2.49
CA ALA C 403 46.55 30.62 3.92
C ALA C 403 47.71 29.71 4.34
N LEU C 404 48.44 29.16 3.37
CA LEU C 404 49.56 28.22 3.67
C LEU C 404 50.89 28.87 3.27
N LYS C 405 50.89 30.19 3.07
CA LYS C 405 52.13 30.91 2.65
C LYS C 405 52.72 30.22 1.42
N LEU C 406 51.90 29.96 0.41
CA LEU C 406 52.40 29.37 -0.85
C LEU C 406 52.12 30.34 -2.00
N ALA C 407 52.82 30.17 -3.13
CA ALA C 407 52.67 31.08 -4.28
C ALA C 407 51.38 30.74 -5.06
N ALA D 2 56.58 27.62 9.21
CA ALA D 2 56.06 26.85 10.39
C ALA D 2 54.54 27.04 10.49
N GLN D 3 53.82 26.61 9.45
CA GLN D 3 52.35 26.78 9.30
C GLN D 3 51.62 26.14 10.50
N PRO D 4 50.47 26.71 10.92
CA PRO D 4 49.70 26.17 12.06
C PRO D 4 49.12 24.78 11.76
N THR D 5 48.96 23.99 12.82
CA THR D 5 48.36 22.62 12.79
C THR D 5 46.93 22.71 13.33
N ALA D 6 46.09 21.72 13.00
CA ALA D 6 44.78 21.43 13.65
C ALA D 6 44.75 19.94 14.01
N VAL D 7 44.23 19.57 15.17
CA VAL D 7 44.11 18.11 15.50
C VAL D 7 43.01 17.53 14.62
N ARG D 8 43.24 16.31 14.14
CA ARG D 8 42.30 15.60 13.24
C ARG D 8 41.30 14.90 14.17
N LEU D 9 40.00 15.03 13.83
CA LEU D 9 38.86 14.47 14.60
C LEU D 9 38.01 13.62 13.65
N PHE D 10 37.97 12.31 13.96
CA PHE D 10 37.29 11.23 13.21
C PHE D 10 36.08 10.77 14.02
N THR D 11 34.96 10.53 13.33
CA THR D 11 33.65 10.26 13.98
C THR D 11 33.01 8.98 13.47
N SER D 12 32.31 8.28 14.36
CA SER D 12 31.45 7.12 14.04
C SER D 12 30.14 7.28 14.81
N GLU D 13 29.06 6.73 14.26
CA GLU D 13 27.72 6.79 14.87
C GLU D 13 27.19 5.38 14.94
N SER D 14 26.27 5.16 15.87
CA SER D 14 25.36 3.99 15.84
C SER D 14 23.95 4.48 16.22
N VAL D 15 22.94 3.59 16.11
CA VAL D 15 21.51 3.87 16.45
C VAL D 15 20.97 2.68 17.25
N THR D 16 19.93 2.87 18.07
CA THR D 16 19.35 1.74 18.85
C THR D 16 18.62 0.81 17.90
N GLU D 17 18.11 -0.29 18.43
CA GLU D 17 17.18 -1.21 17.73
C GLU D 17 15.84 -0.53 17.41
N GLY D 18 15.54 0.58 18.09
CA GLY D 18 14.30 1.37 17.91
C GLY D 18 14.35 2.34 16.74
N HIS D 19 15.52 2.65 16.17
CA HIS D 19 15.63 3.61 15.04
C HIS D 19 14.90 3.01 13.85
N PRO D 20 14.05 3.78 13.14
CA PRO D 20 13.16 3.21 12.14
C PRO D 20 13.89 2.39 11.06
N ASP D 21 15.10 2.81 10.66
CA ASP D 21 15.91 2.06 9.66
C ASP D 21 16.37 0.71 10.25
N LYS D 22 16.83 0.69 11.50
CA LYS D 22 17.23 -0.59 12.16
C LYS D 22 15.99 -1.42 12.51
N ILE D 23 14.80 -0.82 12.53
CA ILE D 23 13.56 -1.62 12.69
C ILE D 23 13.46 -2.57 11.50
N CYS D 24 13.51 -1.99 10.31
CA CYS D 24 13.41 -2.69 9.01
C CYS D 24 14.46 -3.79 8.90
N ASP D 25 15.73 -3.45 9.12
CA ASP D 25 16.87 -4.41 9.09
C ASP D 25 16.55 -5.60 10.00
N ALA D 26 16.02 -5.32 11.19
CA ALA D 26 15.76 -6.32 12.23
C ALA D 26 14.59 -7.19 11.81
N ILE D 27 13.54 -6.57 11.25
CA ILE D 27 12.34 -7.30 10.78
C ILE D 27 12.76 -8.17 9.59
N SER D 28 13.63 -7.68 8.72
CA SER D 28 14.06 -8.36 7.47
C SER D 28 14.85 -9.64 7.82
N ASP D 29 15.57 -9.56 8.93
CA ASP D 29 16.50 -10.60 9.40
C ASP D 29 15.73 -11.57 10.32
N THR D 30 14.69 -11.09 11.02
CA THR D 30 13.71 -11.95 11.74
C THR D 30 12.97 -12.86 10.70
N ILE D 31 12.65 -12.34 9.51
CA ILE D 31 11.98 -13.13 8.44
C ILE D 31 13.02 -14.15 7.93
N LEU D 32 14.20 -13.70 7.52
CA LEU D 32 15.32 -14.58 7.09
C LEU D 32 15.47 -15.73 8.10
N ASP D 33 15.72 -15.43 9.37
CA ASP D 33 15.91 -16.45 10.46
C ASP D 33 14.70 -17.40 10.51
N ALA D 34 13.48 -16.87 10.61
CA ALA D 34 12.27 -17.70 10.69
C ALA D 34 12.23 -18.66 9.49
N LEU D 35 12.74 -18.25 8.32
CA LEU D 35 12.72 -19.15 7.14
C LEU D 35 13.87 -20.17 7.19
N LEU D 36 15.10 -19.75 7.57
CA LEU D 36 16.30 -20.64 7.68
C LEU D 36 16.05 -21.71 8.75
N GLU D 37 15.29 -21.33 9.78
CA GLU D 37 14.84 -22.21 10.88
C GLU D 37 14.10 -23.40 10.28
N LYS D 38 13.29 -23.19 9.25
CA LYS D 38 12.47 -24.31 8.71
C LYS D 38 13.11 -24.85 7.43
N ASP D 39 13.69 -23.97 6.61
CA ASP D 39 14.36 -24.41 5.36
C ASP D 39 15.71 -23.70 5.24
N PRO D 40 16.83 -24.36 5.58
CA PRO D 40 18.15 -23.72 5.55
C PRO D 40 18.58 -23.29 4.15
N GLN D 41 17.95 -23.83 3.11
CA GLN D 41 18.33 -23.49 1.71
C GLN D 41 17.40 -22.38 1.19
N SER D 42 16.56 -21.83 2.06
CA SER D 42 15.60 -20.77 1.66
C SER D 42 16.32 -19.62 0.94
N ARG D 43 15.80 -19.20 -0.21
CA ARG D 43 16.38 -18.03 -0.91
C ARG D 43 15.58 -16.80 -0.47
N VAL D 44 16.23 -15.85 0.22
CA VAL D 44 15.49 -14.69 0.80
C VAL D 44 16.08 -13.36 0.37
N ALA D 45 15.27 -12.50 -0.24
CA ALA D 45 15.70 -11.12 -0.59
C ALA D 45 14.54 -10.22 -0.15
N VAL D 46 14.41 -10.00 1.16
CA VAL D 46 13.24 -9.26 1.70
C VAL D 46 13.59 -7.85 2.17
N GLU D 47 12.86 -6.84 1.69
CA GLU D 47 12.98 -5.44 2.18
C GLU D 47 11.83 -5.11 3.13
N THR D 48 12.12 -4.38 4.20
CA THR D 48 11.10 -3.80 5.10
C THR D 48 11.08 -2.27 4.92
N VAL D 49 9.87 -1.70 4.88
CA VAL D 49 9.61 -0.22 4.83
C VAL D 49 8.67 0.12 5.97
N VAL D 50 8.94 1.21 6.68
CA VAL D 50 8.15 1.53 7.88
C VAL D 50 7.86 3.02 7.87
N THR D 51 6.59 3.36 7.85
CA THR D 51 6.10 4.75 7.95
C THR D 51 4.97 4.75 8.96
N THR D 52 4.43 5.93 9.27
CA THR D 52 3.37 6.11 10.29
C THR D 52 2.41 4.91 10.20
N GLY D 53 2.35 4.13 11.26
CA GLY D 53 1.35 3.07 11.46
C GLY D 53 1.51 1.83 10.57
N ILE D 54 2.48 1.73 9.65
CA ILE D 54 2.48 0.61 8.65
C ILE D 54 3.90 0.03 8.40
N VAL D 55 3.99 -1.30 8.31
CA VAL D 55 5.19 -2.08 7.88
C VAL D 55 4.87 -2.67 6.52
N HIS D 56 5.61 -2.32 5.46
CA HIS D 56 5.53 -2.99 4.13
C HIS D 56 6.68 -4.00 4.06
N VAL D 57 6.36 -5.26 3.82
CA VAL D 57 7.36 -6.33 3.54
C VAL D 57 7.29 -6.67 2.05
N VAL D 58 8.46 -6.66 1.41
CA VAL D 58 8.62 -6.60 -0.06
C VAL D 58 9.83 -7.46 -0.48
N GLY D 59 9.75 -7.98 -1.70
CA GLY D 59 10.88 -8.63 -2.37
C GLY D 59 10.57 -10.08 -2.70
N GLU D 60 11.62 -10.91 -2.78
CA GLU D 60 11.61 -12.22 -3.47
C GLU D 60 11.95 -13.29 -2.44
N VAL D 61 11.26 -14.42 -2.45
CA VAL D 61 11.67 -15.57 -1.60
C VAL D 61 11.28 -16.88 -2.30
N ARG D 62 12.19 -17.87 -2.22
CA ARG D 62 11.97 -19.29 -2.62
C ARG D 62 12.20 -20.16 -1.39
N THR D 63 11.16 -20.78 -0.85
CA THR D 63 11.21 -21.63 0.36
C THR D 63 10.10 -22.68 0.28
N SER D 64 10.34 -23.84 0.88
CA SER D 64 9.35 -24.92 1.09
C SER D 64 8.58 -24.63 2.37
N ALA D 65 8.98 -23.60 3.11
CA ALA D 65 8.43 -23.29 4.46
C ALA D 65 7.31 -22.25 4.36
N TYR D 66 6.49 -22.12 5.39
CA TYR D 66 5.53 -21.00 5.54
C TYR D 66 5.79 -20.35 6.90
N VAL D 67 5.93 -19.03 6.95
CA VAL D 67 6.09 -18.28 8.24
C VAL D 67 5.01 -17.21 8.29
N GLU D 68 4.48 -16.93 9.48
CA GLU D 68 3.41 -15.95 9.75
C GLU D 68 4.05 -14.56 9.81
N ILE D 69 4.30 -13.97 8.63
CA ILE D 69 5.09 -12.72 8.54
C ILE D 69 4.44 -11.70 9.47
N PRO D 70 3.12 -11.49 9.42
CA PRO D 70 2.49 -10.48 10.28
C PRO D 70 2.84 -10.73 11.75
N GLN D 71 2.76 -12.00 12.18
CA GLN D 71 3.07 -12.41 13.56
C GLN D 71 4.55 -12.06 13.84
N LEU D 72 5.47 -12.40 12.92
CA LEU D 72 6.92 -12.07 13.08
C LEU D 72 7.09 -10.55 13.20
N VAL D 73 6.29 -9.75 12.49
CA VAL D 73 6.48 -8.26 12.42
C VAL D 73 6.06 -7.67 13.78
N ARG D 74 4.82 -7.92 14.20
CA ARG D 74 4.16 -7.37 15.41
C ARG D 74 4.98 -7.68 16.66
N ASN D 75 5.42 -8.94 16.80
CA ASN D 75 6.27 -9.46 17.90
C ASN D 75 7.65 -8.78 17.91
N LYS D 76 8.29 -8.65 16.75
CA LYS D 76 9.61 -7.98 16.70
C LYS D 76 9.42 -6.55 17.20
N LEU D 77 8.35 -5.89 16.75
CA LEU D 77 8.08 -4.49 17.14
C LEU D 77 7.83 -4.40 18.65
N ILE D 78 7.23 -5.43 19.25
CA ILE D 78 6.90 -5.38 20.70
C ILE D 78 8.19 -5.58 21.49
N GLU D 79 9.04 -6.54 21.08
CA GLU D 79 10.36 -6.83 21.73
C GLU D 79 11.21 -5.56 21.74
N ILE D 80 11.20 -4.84 20.61
CA ILE D 80 11.93 -3.55 20.42
C ILE D 80 11.37 -2.56 21.43
N GLY D 81 10.09 -2.68 21.77
CA GLY D 81 9.41 -1.82 22.76
C GLY D 81 8.37 -0.88 22.16
N PHE D 82 8.07 -0.98 20.88
CA PHE D 82 6.95 -0.23 20.23
C PHE D 82 5.66 -1.03 20.49
N ASN D 83 5.00 -0.71 21.60
CA ASN D 83 3.91 -1.54 22.18
C ASN D 83 2.79 -0.62 22.65
N SER D 84 2.70 0.58 22.08
CA SER D 84 1.72 1.61 22.48
C SER D 84 1.60 2.69 21.39
N SER D 85 0.40 3.22 21.20
CA SER D 85 0.18 4.48 20.44
C SER D 85 0.91 5.61 21.18
N GLU D 86 0.98 5.53 22.52
CA GLU D 86 1.74 6.47 23.41
C GLU D 86 3.13 6.75 22.82
N VAL D 87 3.94 5.70 22.60
CA VAL D 87 5.38 5.82 22.20
C VAL D 87 5.47 6.04 20.67
N GLY D 88 4.33 6.00 19.96
CA GLY D 88 4.21 6.51 18.58
C GLY D 88 4.04 5.39 17.55
N PHE D 89 4.18 4.15 17.97
CA PHE D 89 4.00 2.93 17.15
C PHE D 89 3.79 1.74 18.09
N ASP D 90 2.80 0.89 17.80
CA ASP D 90 2.42 -0.30 18.60
C ASP D 90 2.42 -1.53 17.70
N GLY D 91 3.27 -2.49 18.00
CA GLY D 91 3.31 -3.78 17.29
C GLY D 91 1.94 -4.38 17.14
N ARG D 92 1.08 -4.29 18.16
CA ARG D 92 -0.16 -5.11 18.23
C ARG D 92 -1.22 -4.61 17.23
N THR D 93 -1.17 -3.32 16.85
CA THR D 93 -2.26 -2.62 16.09
C THR D 93 -1.75 -1.95 14.79
N CYS D 94 -0.48 -2.08 14.41
CA CYS D 94 0.01 -1.42 13.18
C CYS D 94 -0.40 -2.23 11.97
N GLY D 95 -0.34 -1.63 10.78
CA GLY D 95 -0.60 -2.33 9.52
C GLY D 95 0.57 -3.22 9.16
N VAL D 96 0.27 -4.32 8.48
CA VAL D 96 1.31 -5.15 7.81
C VAL D 96 0.78 -5.49 6.44
N SER D 97 1.53 -5.13 5.42
CA SER D 97 1.19 -5.46 4.02
C SER D 97 2.34 -6.30 3.45
N VAL D 98 2.02 -7.37 2.71
CA VAL D 98 3.08 -8.27 2.18
C VAL D 98 3.02 -8.31 0.66
N SER D 99 4.17 -8.13 0.01
CA SER D 99 4.25 -8.17 -1.47
C SER D 99 5.50 -8.95 -1.86
N ILE D 100 5.45 -10.27 -1.70
CA ILE D 100 6.64 -11.12 -2.00
C ILE D 100 6.28 -12.13 -3.10
N GLY D 101 7.29 -12.62 -3.82
CA GLY D 101 7.06 -13.64 -4.86
C GLY D 101 8.33 -14.40 -5.20
N GLU D 102 8.38 -15.02 -6.38
CA GLU D 102 9.57 -15.78 -6.86
C GLU D 102 9.74 -17.06 -6.05
N GLN D 103 8.66 -17.83 -5.86
CA GLN D 103 8.77 -19.13 -5.14
C GLN D 103 9.94 -19.94 -5.73
N VAL D 123 33.68 -28.89 -13.32
CA VAL D 123 33.89 -30.26 -12.73
C VAL D 123 33.58 -30.22 -11.23
N GLU D 124 34.04 -29.18 -10.52
CA GLU D 124 33.77 -28.99 -9.07
C GLU D 124 32.40 -28.34 -8.90
N GLU D 125 31.64 -28.76 -7.88
CA GLU D 125 30.27 -28.26 -7.56
C GLU D 125 30.32 -26.78 -7.17
N ASP D 126 31.19 -26.43 -6.22
CA ASP D 126 31.44 -25.04 -5.71
C ASP D 126 31.91 -24.11 -6.83
N ASP D 127 32.33 -24.66 -7.99
CA ASP D 127 32.72 -23.89 -9.20
C ASP D 127 31.47 -23.51 -10.02
N ARG D 128 30.46 -24.38 -10.03
CA ARG D 128 29.20 -24.18 -10.79
C ARG D 128 28.26 -23.29 -9.96
N ALA D 129 28.44 -23.26 -8.64
CA ALA D 129 27.81 -22.28 -7.73
C ALA D 129 28.50 -20.93 -7.97
N GLY D 130 28.24 -20.33 -9.14
CA GLY D 130 28.68 -18.97 -9.48
C GLY D 130 27.98 -17.93 -8.61
N ALA D 131 28.50 -16.71 -8.55
CA ALA D 131 27.96 -15.61 -7.73
C ALA D 131 26.54 -15.27 -8.21
N GLY D 132 25.62 -15.04 -7.29
CA GLY D 132 24.28 -14.48 -7.58
C GLY D 132 24.35 -13.19 -8.37
N ASP D 133 25.36 -12.33 -8.10
CA ASP D 133 25.46 -10.97 -8.68
C ASP D 133 26.94 -10.59 -8.88
N GLN D 134 27.17 -9.54 -9.67
CA GLN D 134 28.41 -8.73 -9.62
C GLN D 134 28.40 -7.96 -8.28
N GLY D 135 29.50 -7.27 -7.95
CA GLY D 135 29.65 -6.48 -6.72
C GLY D 135 31.03 -6.57 -6.08
N LEU D 136 31.43 -5.48 -5.40
CA LEU D 136 32.64 -5.37 -4.55
C LEU D 136 32.20 -5.48 -3.09
N MET D 137 33.02 -6.07 -2.22
CA MET D 137 32.76 -6.12 -0.74
C MET D 137 34.08 -5.87 -0.01
N PHE D 138 34.03 -5.35 1.22
CA PHE D 138 35.24 -4.91 1.98
C PHE D 138 35.28 -5.53 3.38
N GLY D 139 36.49 -5.80 3.84
CA GLY D 139 36.78 -6.36 5.17
C GLY D 139 37.81 -5.50 5.87
N TYR D 140 37.73 -5.44 7.19
CA TYR D 140 38.61 -4.59 8.02
C TYR D 140 38.84 -5.24 9.38
N ALA D 141 40.04 -5.04 9.90
CA ALA D 141 40.42 -5.40 11.29
C ALA D 141 41.60 -4.52 11.72
N THR D 142 41.77 -4.38 13.03
CA THR D 142 42.70 -3.40 13.65
C THR D 142 42.97 -3.82 15.10
N ASN D 143 44.22 -3.66 15.54
CA ASN D 143 44.78 -4.06 16.86
C ASN D 143 44.11 -3.31 18.01
N GLU D 144 43.52 -2.14 17.73
CA GLU D 144 43.15 -1.08 18.72
C GLU D 144 42.30 -1.64 19.88
N THR D 145 41.47 -2.66 19.64
CA THR D 145 40.53 -3.18 20.68
C THR D 145 40.60 -4.70 20.69
N GLU D 146 40.16 -5.28 21.81
CA GLU D 146 40.03 -6.76 22.02
C GLU D 146 39.17 -7.36 20.89
N GLU D 147 38.14 -6.65 20.40
CA GLU D 147 37.16 -7.19 19.42
C GLU D 147 37.65 -6.95 17.98
N TYR D 148 38.89 -6.49 17.81
CA TYR D 148 39.58 -6.20 16.53
C TYR D 148 38.81 -5.15 15.71
N MET D 149 38.25 -4.15 16.39
CA MET D 149 37.39 -3.10 15.76
C MET D 149 38.03 -1.74 15.95
N PRO D 150 37.81 -0.77 15.01
CA PRO D 150 38.21 0.62 15.21
C PRO D 150 37.53 1.14 16.48
N LEU D 151 38.15 2.14 17.12
CA LEU D 151 37.72 2.64 18.45
C LEU D 151 36.41 3.40 18.38
N PRO D 152 36.17 4.31 17.41
CA PRO D 152 34.94 5.09 17.39
C PRO D 152 33.67 4.22 17.26
N ILE D 153 33.54 3.49 16.15
CA ILE D 153 32.35 2.63 15.94
C ILE D 153 32.17 1.69 17.16
N ALA D 154 33.24 1.10 17.65
CA ALA D 154 33.22 0.24 18.86
C ALA D 154 32.55 0.99 20.02
N LEU D 155 32.93 2.24 20.26
CA LEU D 155 32.37 2.99 21.41
C LEU D 155 30.90 3.32 21.10
N ALA D 156 30.59 3.81 19.90
CA ALA D 156 29.22 4.19 19.48
C ALA D 156 28.24 3.01 19.63
N HIS D 157 28.59 1.84 19.11
CA HIS D 157 27.80 0.59 19.29
C HIS D 157 27.57 0.32 20.78
N ARG D 158 28.61 0.40 21.62
CA ARG D 158 28.50 0.08 23.07
C ARG D 158 27.56 1.07 23.75
N LEU D 159 27.66 2.36 23.40
CA LEU D 159 26.77 3.46 23.90
C LEU D 159 25.31 3.21 23.47
N SER D 160 25.07 2.95 22.18
CA SER D 160 23.72 2.66 21.64
C SER D 160 23.16 1.38 22.27
N ARG D 161 23.97 0.32 22.38
CA ARG D 161 23.59 -0.95 23.05
C ARG D 161 23.29 -0.65 24.52
N ARG D 162 24.19 0.09 25.19
CA ARG D 162 23.98 0.47 26.61
C ARG D 162 22.66 1.24 26.73
N LEU D 163 22.41 2.19 25.82
CA LEU D 163 21.23 3.11 25.84
C LEU D 163 19.92 2.30 25.80
N THR D 164 19.89 1.10 25.23
CA THR D 164 18.67 0.25 25.25
C THR D 164 18.67 -0.67 26.48
N GLN D 165 19.82 -1.22 26.85
CA GLN D 165 20.00 -2.02 28.11
C GLN D 165 19.32 -1.29 29.29
N VAL D 166 19.57 0.00 29.48
CA VAL D 166 19.14 0.74 30.70
C VAL D 166 17.62 1.01 30.64
N ARG D 167 17.03 1.03 29.44
CA ARG D 167 15.56 1.11 29.25
C ARG D 167 14.96 -0.27 29.60
N LYS D 168 15.44 -1.34 28.96
CA LYS D 168 14.84 -2.70 29.08
C LYS D 168 15.03 -3.24 30.50
N GLU D 169 16.04 -2.79 31.23
CA GLU D 169 16.39 -3.34 32.57
C GLU D 169 15.91 -2.37 33.68
N GLY D 170 15.30 -1.24 33.32
CA GLY D 170 14.69 -0.27 34.25
C GLY D 170 15.75 0.43 35.09
N ILE D 171 16.90 0.69 34.47
CA ILE D 171 18.12 1.24 35.12
C ILE D 171 18.06 2.76 35.00
N VAL D 172 17.42 3.22 33.92
CA VAL D 172 17.06 4.65 33.69
C VAL D 172 15.63 4.68 33.17
N PRO D 173 14.66 5.20 33.95
CA PRO D 173 13.26 5.21 33.53
C PRO D 173 12.92 6.29 32.49
N HIS D 174 11.71 6.22 31.92
CA HIS D 174 11.08 7.27 31.07
C HIS D 174 11.74 7.31 29.68
N LEU D 175 12.42 6.24 29.29
CA LEU D 175 13.10 6.14 27.96
C LEU D 175 12.16 5.41 26.99
N ARG D 176 12.20 5.80 25.71
CA ARG D 176 11.52 5.13 24.55
C ARG D 176 12.58 4.62 23.56
N PRO D 177 12.24 3.69 22.64
CA PRO D 177 13.24 2.89 21.92
C PRO D 177 14.13 3.62 20.91
N ASP D 178 13.62 4.66 20.23
CA ASP D 178 14.36 5.40 19.19
C ASP D 178 15.54 6.08 19.89
N GLY D 179 16.68 6.16 19.19
CA GLY D 179 17.99 6.46 19.80
C GLY D 179 19.10 6.53 18.78
N LYS D 180 19.98 7.52 18.97
CA LYS D 180 21.21 7.73 18.15
C LYS D 180 22.36 8.15 19.07
N THR D 181 23.56 7.59 18.81
CA THR D 181 24.84 7.83 19.53
C THR D 181 25.87 8.22 18.48
N GLN D 182 26.69 9.24 18.76
CA GLN D 182 27.86 9.63 17.92
C GLN D 182 29.10 9.76 18.80
N VAL D 183 30.27 9.52 18.24
CA VAL D 183 31.55 9.49 19.01
C VAL D 183 32.65 10.09 18.14
N THR D 184 33.24 11.17 18.61
CA THR D 184 34.40 11.82 17.97
C THR D 184 35.64 11.58 18.83
N PHE D 185 36.76 11.29 18.16
CA PHE D 185 38.08 10.96 18.74
C PHE D 185 39.10 11.84 18.05
N ALA D 186 39.94 12.53 18.82
CA ALA D 186 41.17 13.22 18.35
C ALA D 186 42.13 12.14 17.86
N TYR D 187 42.81 12.41 16.74
CA TYR D 187 43.86 11.53 16.19
C TYR D 187 45.21 12.26 16.23
N ASP D 188 46.24 11.54 16.71
CA ASP D 188 47.68 11.91 16.59
C ASP D 188 48.09 11.82 15.12
N ALA D 189 49.22 12.44 14.74
CA ALA D 189 49.70 12.63 13.35
C ALA D 189 49.90 11.29 12.61
N GLN D 190 50.10 10.17 13.33
CA GLN D 190 50.25 8.80 12.77
C GLN D 190 48.87 8.12 12.67
N ASP D 191 47.81 8.87 12.37
CA ASP D 191 46.41 8.36 12.21
C ASP D 191 46.09 7.37 13.34
N ARG D 192 46.46 7.67 14.60
CA ARG D 192 46.14 6.82 15.78
C ARG D 192 45.28 7.57 16.80
N PRO D 193 44.26 6.92 17.43
CA PRO D 193 43.40 7.58 18.41
C PRO D 193 44.13 7.99 19.71
N SER D 194 44.09 9.30 20.02
CA SER D 194 44.63 9.93 21.26
C SER D 194 43.53 10.11 22.32
N HIS D 195 42.54 10.99 22.07
CA HIS D 195 41.58 11.51 23.08
C HIS D 195 40.11 11.41 22.65
N LEU D 196 39.22 10.97 23.55
CA LEU D 196 37.74 11.02 23.40
C LEU D 196 37.24 12.46 23.54
N ASP D 197 37.02 13.15 22.42
CA ASP D 197 36.69 14.60 22.33
C ASP D 197 35.20 14.86 22.61
N THR D 198 34.29 14.34 21.76
CA THR D 198 32.83 14.69 21.78
C THR D 198 31.97 13.41 21.74
N VAL D 199 30.96 13.36 22.60
CA VAL D 199 29.94 12.27 22.61
C VAL D 199 28.55 12.89 22.48
N VAL D 200 27.83 12.52 21.41
CA VAL D 200 26.39 12.84 21.20
C VAL D 200 25.54 11.62 21.58
N ILE D 201 24.46 11.85 22.32
CA ILE D 201 23.34 10.86 22.45
C ILE D 201 22.01 11.60 22.38
N SER D 202 21.14 11.17 21.50
CA SER D 202 19.74 11.63 21.40
C SER D 202 18.85 10.40 21.56
N THR D 203 18.07 10.34 22.64
CA THR D 203 17.12 9.25 22.99
C THR D 203 15.67 9.73 22.96
N GLN D 204 14.79 8.87 22.49
CA GLN D 204 13.32 9.07 22.64
C GLN D 204 13.00 8.96 24.15
N HIS D 205 12.08 9.77 24.67
CA HIS D 205 11.68 9.73 26.11
C HIS D 205 10.19 10.08 26.28
N ASP D 206 9.59 9.62 27.39
CA ASP D 206 8.31 10.13 27.97
C ASP D 206 8.35 11.65 28.13
N PRO D 207 7.17 12.33 28.19
CA PRO D 207 7.11 13.76 28.52
C PRO D 207 7.41 14.07 30.00
N GLU D 208 7.39 13.05 30.87
CA GLU D 208 7.55 13.14 32.36
C GLU D 208 9.00 13.51 32.75
N VAL D 209 9.90 13.77 31.79
CA VAL D 209 11.30 14.24 32.03
C VAL D 209 11.65 15.18 30.88
N ASP D 210 12.81 15.83 30.97
CA ASP D 210 13.24 16.95 30.07
C ASP D 210 14.70 16.74 29.65
N ARG D 211 15.25 17.63 28.82
CA ARG D 211 16.66 17.58 28.35
C ARG D 211 17.61 17.48 29.57
N ALA D 212 17.39 18.32 30.61
CA ALA D 212 18.29 18.45 31.79
C ALA D 212 18.37 17.12 32.57
N TRP D 213 17.23 16.48 32.84
CA TRP D 213 17.18 15.22 33.62
C TRP D 213 17.98 14.14 32.89
N LEU D 214 17.87 14.12 31.56
CA LEU D 214 18.51 13.10 30.68
C LEU D 214 20.02 13.36 30.69
N GLU D 215 20.37 14.65 30.56
CA GLU D 215 21.75 15.18 30.60
C GLU D 215 22.55 14.42 31.67
N THR D 216 21.96 14.17 32.84
CA THR D 216 22.69 13.66 34.04
C THR D 216 22.49 12.14 34.15
N GLN D 217 21.29 11.64 33.89
CA GLN D 217 21.00 10.17 33.89
C GLN D 217 21.80 9.42 32.79
N LEU D 218 21.96 10.01 31.60
CA LEU D 218 22.68 9.33 30.49
C LEU D 218 24.20 9.34 30.72
N ARG D 219 24.75 10.50 31.16
CA ARG D 219 26.16 10.66 31.62
C ARG D 219 26.57 9.54 32.60
N GLU D 220 25.76 9.28 33.63
CA GLU D 220 26.15 8.43 34.79
C GLU D 220 26.00 6.95 34.42
N HIS D 221 24.84 6.56 33.86
CA HIS D 221 24.45 5.14 33.66
C HIS D 221 24.76 4.64 32.22
N VAL D 222 24.92 5.51 31.22
CA VAL D 222 25.32 5.08 29.83
C VAL D 222 26.80 5.42 29.59
N ILE D 223 27.15 6.71 29.46
CA ILE D 223 28.51 7.16 29.03
C ILE D 223 29.58 6.63 29.99
N ASP D 224 29.48 6.97 31.28
CA ASP D 224 30.51 6.67 32.29
C ASP D 224 30.58 5.15 32.44
N TRP D 225 29.44 4.47 32.49
CA TRP D 225 29.43 2.99 32.62
C TRP D 225 30.18 2.35 31.44
N VAL D 226 30.05 2.93 30.24
CA VAL D 226 30.68 2.32 29.03
C VAL D 226 32.19 2.58 29.04
N ILE D 227 32.61 3.79 29.41
CA ILE D 227 34.07 4.12 29.42
C ILE D 227 34.78 3.11 30.31
N LYS D 228 34.22 2.82 31.49
CA LYS D 228 34.81 1.77 32.36
C LYS D 228 34.69 0.41 31.67
N ASP D 229 33.50 0.07 31.17
CA ASP D 229 33.27 -1.26 30.56
C ASP D 229 34.24 -1.45 29.38
N ALA D 230 34.49 -0.39 28.63
CA ALA D 230 35.36 -0.49 27.43
C ALA D 230 36.83 -0.31 27.82
N GLY D 231 37.10 0.18 29.04
CA GLY D 231 38.48 0.36 29.50
C GLY D 231 39.20 1.46 28.76
N ILE D 232 38.57 2.63 28.65
CA ILE D 232 39.16 3.77 27.90
C ILE D 232 39.25 4.99 28.82
N GLU D 233 39.45 4.75 30.13
CA GLU D 233 39.52 5.85 31.13
C GLU D 233 40.64 6.81 30.71
N ASP D 234 41.74 6.21 30.19
CA ASP D 234 43.01 6.85 29.75
C ASP D 234 42.82 7.59 28.42
N LEU D 235 41.71 7.33 27.73
CA LEU D 235 41.29 8.15 26.56
C LEU D 235 40.24 9.17 27.04
N ALA D 236 39.73 9.00 28.27
CA ALA D 236 38.54 9.70 28.78
C ALA D 236 38.90 10.78 29.81
N THR D 237 40.18 11.20 29.87
CA THR D 237 40.67 12.25 30.80
C THR D 237 40.27 13.63 30.25
N GLY D 238 40.05 14.61 31.13
CA GLY D 238 39.98 16.04 30.78
C GLY D 238 38.58 16.52 30.46
N GLU D 239 38.45 17.31 29.39
CA GLU D 239 37.19 17.98 28.97
C GLU D 239 36.58 17.23 27.79
N ILE D 240 35.60 16.38 28.08
CA ILE D 240 34.75 15.72 27.05
C ILE D 240 33.52 16.60 26.85
N THR D 241 33.33 17.17 25.65
CA THR D 241 32.09 17.88 25.26
C THR D 241 31.00 16.80 25.05
N VAL D 242 30.02 16.74 25.96
CA VAL D 242 28.89 15.77 25.96
C VAL D 242 27.61 16.52 25.63
N LEU D 243 27.13 16.41 24.38
CA LEU D 243 25.81 16.92 23.88
C LEU D 243 24.78 15.81 24.06
N ILE D 244 23.71 16.06 24.84
CA ILE D 244 22.64 15.07 25.13
C ILE D 244 21.28 15.69 24.80
N ASN D 245 20.45 14.94 24.07
CA ASN D 245 19.23 15.44 23.38
C ASN D 245 19.40 16.92 23.07
N PRO D 246 20.44 17.29 22.30
CA PRO D 246 20.75 18.69 22.05
C PRO D 246 19.70 19.54 21.31
N SER D 247 18.64 18.92 20.77
CA SER D 247 17.74 19.61 19.81
C SER D 247 16.38 18.94 19.76
N GLY D 248 15.33 19.76 19.84
CA GLY D 248 13.92 19.33 19.80
C GLY D 248 13.56 18.48 21.00
N SER D 249 12.28 18.22 21.22
CA SER D 249 11.81 17.17 22.16
C SER D 249 11.68 15.85 21.37
N PHE D 250 12.37 14.81 21.82
CA PHE D 250 12.39 13.45 21.23
C PHE D 250 11.36 12.62 21.99
N ILE D 251 10.07 12.90 21.75
CA ILE D 251 8.96 12.30 22.54
C ILE D 251 8.34 11.15 21.73
N LEU D 252 8.01 11.42 20.46
CA LEU D 252 7.54 10.38 19.52
C LEU D 252 8.70 9.96 18.60
N GLY D 253 8.79 8.65 18.32
CA GLY D 253 9.90 8.04 17.56
C GLY D 253 9.47 6.80 16.79
N GLY D 254 10.47 6.01 16.40
CA GLY D 254 10.30 4.96 15.38
C GLY D 254 9.79 5.60 14.10
N PRO D 255 8.88 4.92 13.38
CA PRO D 255 8.36 5.44 12.12
C PRO D 255 7.41 6.63 12.21
N MET D 256 6.90 6.94 13.40
CA MET D 256 5.80 7.92 13.60
C MET D 256 5.94 9.10 12.62
N GLY D 257 7.12 9.69 12.45
CA GLY D 257 7.27 10.81 11.49
C GLY D 257 8.56 10.72 10.70
N ASP D 258 9.04 9.49 10.46
CA ASP D 258 10.41 9.23 9.99
C ASP D 258 10.43 7.86 9.32
N ALA D 259 10.44 7.85 7.99
CA ALA D 259 10.43 6.62 7.16
C ALA D 259 11.73 5.83 7.37
N GLY D 260 11.60 4.54 7.68
CA GLY D 260 12.71 3.56 7.69
C GLY D 260 12.65 2.58 6.53
N LEU D 261 13.80 2.20 5.97
CA LEU D 261 13.93 1.09 4.99
C LEU D 261 15.09 0.20 5.43
N THR D 262 15.13 -1.06 4.98
CA THR D 262 16.28 -1.96 5.18
C THR D 262 17.44 -1.44 4.32
N GLY D 263 18.68 -1.52 4.82
CA GLY D 263 19.90 -1.25 4.04
C GLY D 263 20.26 0.22 3.94
N ARG D 264 19.81 1.03 4.91
CA ARG D 264 20.10 2.49 4.97
C ARG D 264 21.02 2.81 6.18
N LYS D 265 21.67 1.82 6.77
CA LYS D 265 22.57 1.94 7.95
C LYS D 265 23.79 1.04 7.71
N ILE D 266 24.30 1.00 6.49
CA ILE D 266 25.27 -0.07 6.12
C ILE D 266 26.63 0.23 6.72
N ILE D 267 26.91 1.50 7.03
CA ILE D 267 28.21 1.92 7.62
C ILE D 267 28.15 1.68 9.14
N VAL D 268 27.01 1.94 9.76
CA VAL D 268 26.84 1.62 11.20
C VAL D 268 26.96 0.10 11.32
N ASP D 269 26.46 -0.61 10.31
CA ASP D 269 26.49 -2.09 10.31
C ASP D 269 27.92 -2.60 10.13
N THR D 270 28.82 -1.76 9.61
CA THR D 270 30.19 -2.23 9.29
C THR D 270 31.34 -1.73 10.18
N TYR D 271 31.83 -0.50 9.96
CA TYR D 271 33.04 -0.05 10.69
C TYR D 271 32.95 1.46 10.97
N GLY D 272 31.79 2.08 10.79
CA GLY D 272 31.62 3.50 11.14
C GLY D 272 32.44 4.44 10.27
N GLY D 273 32.62 4.11 9.00
CA GLY D 273 33.33 5.00 8.07
C GLY D 273 34.84 4.77 8.09
N MET D 274 35.32 4.04 9.09
CA MET D 274 36.79 3.85 9.21
C MET D 274 37.27 3.04 8.01
N ALA D 275 36.49 2.04 7.62
CA ALA D 275 36.84 1.19 6.45
C ALA D 275 36.00 1.62 5.24
N ARG D 276 36.34 1.09 4.07
CA ARG D 276 35.55 1.31 2.83
C ARG D 276 34.40 0.29 2.75
N HIS D 277 33.46 0.53 1.83
CA HIS D 277 32.24 -0.30 1.64
C HIS D 277 31.92 -0.45 0.15
N GLY D 278 31.40 -1.61 -0.26
CA GLY D 278 30.99 -1.90 -1.66
C GLY D 278 29.57 -1.44 -1.97
N GLY D 279 28.72 -1.39 -0.94
CA GLY D 279 27.47 -0.63 -0.97
C GLY D 279 26.26 -1.54 -0.97
N GLY D 280 26.48 -2.84 -0.80
CA GLY D 280 25.41 -3.82 -0.61
C GLY D 280 24.98 -3.85 0.84
N ALA D 281 23.66 -3.94 1.07
CA ALA D 281 23.06 -4.16 2.42
C ALA D 281 23.31 -5.60 2.79
N PHE D 282 23.16 -5.91 4.07
CA PHE D 282 23.21 -7.28 4.63
C PHE D 282 21.80 -7.83 4.90
N SER D 283 20.94 -7.03 5.51
CA SER D 283 19.72 -7.56 6.17
C SER D 283 18.67 -7.93 5.12
N GLY D 284 17.91 -8.98 5.42
CA GLY D 284 16.94 -9.56 4.48
C GLY D 284 17.57 -10.35 3.34
N LYS D 285 18.90 -10.55 3.29
CA LYS D 285 19.57 -11.36 2.22
C LYS D 285 20.05 -12.70 2.81
N ASP D 286 19.75 -13.81 2.14
CA ASP D 286 20.23 -15.17 2.54
C ASP D 286 21.72 -15.24 2.21
N PRO D 287 22.49 -16.18 2.81
CA PRO D 287 23.94 -16.22 2.61
C PRO D 287 24.40 -16.48 1.18
N SER D 288 23.50 -16.87 0.29
CA SER D 288 23.82 -17.00 -1.15
C SER D 288 24.10 -15.62 -1.76
N LYS D 289 23.69 -14.50 -1.13
CA LYS D 289 24.01 -13.14 -1.65
C LYS D 289 25.42 -12.77 -1.20
N VAL D 290 26.32 -12.54 -2.15
CA VAL D 290 27.78 -12.30 -1.90
C VAL D 290 27.98 -10.97 -1.16
N ASP D 291 27.17 -9.93 -1.47
CA ASP D 291 27.08 -8.62 -0.76
C ASP D 291 27.19 -8.84 0.75
N ARG D 292 26.56 -9.91 1.22
CA ARG D 292 26.58 -10.29 2.64
C ARG D 292 27.72 -11.30 2.90
N SER D 293 27.76 -12.43 2.21
CA SER D 293 28.59 -13.61 2.57
C SER D 293 30.08 -13.27 2.38
N ALA D 294 30.42 -12.60 1.27
CA ALA D 294 31.78 -12.13 0.95
C ALA D 294 32.27 -11.11 2.00
N ALA D 295 31.49 -10.06 2.32
CA ALA D 295 31.82 -9.09 3.40
C ALA D 295 32.15 -9.83 4.71
N TYR D 296 31.29 -10.77 5.11
CA TYR D 296 31.54 -11.56 6.35
C TYR D 296 32.91 -12.26 6.21
N ALA D 297 33.13 -12.93 5.07
CA ALA D 297 34.38 -13.65 4.72
C ALA D 297 35.58 -12.71 4.82
N MET D 298 35.41 -11.51 4.27
CA MET D 298 36.47 -10.49 4.17
C MET D 298 36.81 -9.98 5.57
N ARG D 299 35.82 -9.83 6.44
CA ARG D 299 36.06 -9.50 7.87
C ARG D 299 36.91 -10.64 8.45
N TRP D 300 36.56 -11.87 8.11
CA TRP D 300 37.21 -13.10 8.61
C TRP D 300 38.67 -13.14 8.16
N VAL D 301 38.91 -12.89 6.86
CA VAL D 301 40.25 -12.77 6.20
C VAL D 301 41.09 -11.71 6.94
N ALA D 302 40.56 -10.49 7.07
CA ALA D 302 41.29 -9.34 7.64
C ALA D 302 41.54 -9.58 9.12
N LYS D 303 40.58 -10.18 9.84
CA LYS D 303 40.72 -10.39 11.29
C LYS D 303 41.79 -11.45 11.59
N ASN D 304 42.11 -12.29 10.60
CA ASN D 304 43.14 -13.36 10.68
C ASN D 304 44.50 -12.79 10.26
N ILE D 305 44.53 -11.89 9.26
CA ILE D 305 45.75 -11.20 8.79
C ILE D 305 46.37 -10.48 9.99
N VAL D 306 45.53 -9.87 10.81
CA VAL D 306 45.95 -9.00 11.93
C VAL D 306 46.30 -9.87 13.14
N ALA D 307 45.57 -10.96 13.41
CA ALA D 307 45.80 -11.79 14.62
C ALA D 307 46.97 -12.74 14.37
N ALA D 308 47.45 -12.84 13.13
CA ALA D 308 48.61 -13.66 12.72
C ALA D 308 49.88 -12.79 12.72
N GLY D 309 49.87 -11.69 13.47
CA GLY D 309 51.01 -10.75 13.60
C GLY D 309 51.40 -10.10 12.28
N LEU D 310 50.74 -10.44 11.17
CA LEU D 310 51.15 -10.03 9.78
C LEU D 310 50.95 -8.52 9.58
N ALA D 311 50.14 -7.86 10.41
CA ALA D 311 49.90 -6.40 10.35
C ALA D 311 49.07 -5.96 11.54
N ASP D 312 48.93 -4.65 11.71
CA ASP D 312 48.16 -3.99 12.80
C ASP D 312 46.74 -3.74 12.26
N ARG D 313 46.62 -3.05 11.11
CA ARG D 313 45.35 -2.75 10.42
C ARG D 313 45.37 -3.47 9.05
N ALA D 314 44.30 -4.18 8.70
CA ALA D 314 44.13 -4.89 7.41
C ALA D 314 42.74 -4.58 6.84
N GLU D 315 42.72 -4.13 5.59
CA GLU D 315 41.49 -3.91 4.76
C GLU D 315 41.61 -4.81 3.53
N VAL D 316 40.57 -5.56 3.18
CA VAL D 316 40.57 -6.41 1.96
C VAL D 316 39.29 -6.18 1.15
N GLN D 317 39.45 -5.97 -0.16
CA GLN D 317 38.34 -5.87 -1.12
C GLN D 317 38.31 -7.14 -1.98
N VAL D 318 37.15 -7.77 -2.08
CA VAL D 318 36.88 -8.84 -3.07
C VAL D 318 35.73 -8.35 -3.98
N ALA D 319 35.68 -8.85 -5.22
CA ALA D 319 34.69 -8.46 -6.25
C ALA D 319 34.35 -9.68 -7.11
N TYR D 320 33.13 -9.73 -7.64
CA TYR D 320 32.59 -10.89 -8.38
C TYR D 320 31.97 -10.38 -9.68
N ALA D 321 31.86 -11.26 -10.67
CA ALA D 321 30.92 -11.18 -11.81
C ALA D 321 29.85 -12.25 -11.57
N ILE D 322 28.61 -11.93 -11.95
CA ILE D 322 27.46 -12.89 -11.95
C ILE D 322 27.80 -14.06 -12.89
N GLY D 323 27.61 -15.29 -12.41
CA GLY D 323 27.96 -16.51 -13.16
C GLY D 323 29.30 -17.10 -12.74
N ARG D 324 30.27 -16.26 -12.35
CA ARG D 324 31.66 -16.67 -12.03
C ARG D 324 31.76 -16.92 -10.52
N ALA D 325 32.13 -18.16 -10.15
CA ALA D 325 32.44 -18.57 -8.76
C ALA D 325 33.80 -18.01 -8.33
N LYS D 326 34.72 -17.80 -9.28
CA LYS D 326 36.07 -17.21 -9.00
C LYS D 326 35.96 -15.68 -8.98
N PRO D 327 36.35 -15.04 -7.86
CA PRO D 327 36.44 -13.60 -7.78
C PRO D 327 37.11 -13.00 -9.01
N VAL D 328 36.60 -11.85 -9.46
CA VAL D 328 37.18 -11.03 -10.55
C VAL D 328 38.14 -10.00 -9.93
N GLY D 329 38.14 -9.86 -8.60
CA GLY D 329 38.94 -8.89 -7.85
C GLY D 329 39.35 -9.38 -6.46
N LEU D 330 40.58 -9.10 -6.06
CA LEU D 330 41.06 -9.17 -4.65
C LEU D 330 42.11 -8.09 -4.43
N TYR D 331 42.11 -7.46 -3.25
CA TYR D 331 42.92 -6.27 -2.93
C TYR D 331 43.15 -6.28 -1.42
N VAL D 332 44.36 -6.62 -0.98
CA VAL D 332 44.77 -6.48 0.45
C VAL D 332 45.53 -5.16 0.60
N GLU D 333 45.21 -4.43 1.67
CA GLU D 333 45.82 -3.13 2.04
C GLU D 333 46.06 -3.16 3.56
N THR D 334 47.31 -2.92 4.00
CA THR D 334 47.71 -2.95 5.45
C THR D 334 48.19 -1.55 5.92
N PHE D 335 48.13 -0.52 5.06
CA PHE D 335 48.31 0.90 5.46
C PHE D 335 49.68 1.12 6.14
N ASP D 336 50.74 0.41 5.71
CA ASP D 336 52.12 0.53 6.24
C ASP D 336 52.14 0.15 7.75
N THR D 337 51.39 -0.88 8.11
CA THR D 337 51.43 -1.46 9.47
C THR D 337 51.87 -2.90 9.26
N ASN D 338 52.26 -3.21 8.01
CA ASN D 338 52.72 -4.57 7.65
C ASN D 338 53.97 -4.93 8.45
N LYS D 339 54.05 -6.16 8.94
CA LYS D 339 55.19 -6.57 9.80
C LYS D 339 56.07 -7.61 9.12
N GLU D 340 57.27 -7.83 9.63
CA GLU D 340 58.20 -8.86 9.09
C GLU D 340 58.52 -8.56 7.63
N GLY D 341 58.64 -7.27 7.29
CA GLY D 341 59.02 -6.89 5.92
C GLY D 341 58.23 -7.67 4.88
N LEU D 342 56.90 -7.69 5.02
CA LEU D 342 56.03 -8.38 4.03
C LEU D 342 55.25 -7.33 3.24
N SER D 343 55.24 -7.45 1.92
CA SER D 343 54.46 -6.52 1.06
C SER D 343 52.99 -6.93 1.07
N ASP D 344 52.08 -5.99 0.80
CA ASP D 344 50.64 -6.30 0.73
C ASP D 344 50.42 -7.43 -0.28
N GLU D 345 51.12 -7.37 -1.42
CA GLU D 345 50.98 -8.39 -2.49
C GLU D 345 51.33 -9.78 -1.93
N GLN D 346 52.35 -9.87 -1.08
CA GLN D 346 52.79 -11.19 -0.55
C GLN D 346 51.74 -11.71 0.44
N ILE D 347 51.17 -10.83 1.26
CA ILE D 347 50.08 -11.24 2.19
C ILE D 347 48.89 -11.71 1.36
N GLN D 348 48.61 -11.01 0.25
CA GLN D 348 47.48 -11.39 -0.63
C GLN D 348 47.71 -12.80 -1.19
N ALA D 349 48.95 -13.09 -1.60
CA ALA D 349 49.27 -14.42 -2.16
C ALA D 349 48.88 -15.51 -1.18
N ALA D 350 49.23 -15.35 0.10
CA ALA D 350 48.90 -16.35 1.14
C ALA D 350 47.38 -16.38 1.39
N VAL D 351 46.74 -15.21 1.34
CA VAL D 351 45.26 -15.14 1.52
C VAL D 351 44.63 -16.05 0.47
N LEU D 352 45.07 -15.92 -0.78
CA LEU D 352 44.49 -16.72 -1.88
C LEU D 352 44.67 -18.21 -1.59
N GLU D 353 45.85 -18.61 -1.13
CA GLU D 353 46.14 -20.05 -0.91
C GLU D 353 45.35 -20.60 0.28
N VAL D 354 45.14 -19.80 1.31
CA VAL D 354 44.49 -20.32 2.56
C VAL D 354 42.96 -20.13 2.51
N PHE D 355 42.46 -19.20 1.70
CA PHE D 355 41.01 -18.91 1.74
C PHE D 355 40.33 -19.20 0.39
N ASP D 356 39.23 -19.95 0.43
CA ASP D 356 38.44 -20.20 -0.81
C ASP D 356 37.31 -19.16 -0.83
N LEU D 357 37.38 -18.21 -1.76
CA LEU D 357 36.38 -17.10 -1.78
C LEU D 357 35.27 -17.40 -2.79
N ARG D 358 35.08 -18.67 -3.16
CA ARG D 358 33.95 -19.04 -4.04
C ARG D 358 32.68 -19.03 -3.18
N PRO D 359 31.58 -18.42 -3.64
CA PRO D 359 30.38 -18.27 -2.81
C PRO D 359 29.99 -19.49 -1.98
N ALA D 360 29.93 -20.67 -2.60
CA ALA D 360 29.47 -21.88 -1.88
C ALA D 360 30.46 -22.28 -0.80
N ALA D 361 31.76 -22.11 -1.07
CA ALA D 361 32.79 -22.49 -0.10
C ALA D 361 32.70 -21.59 1.14
N ILE D 362 32.42 -20.32 0.94
CA ILE D 362 32.32 -19.37 2.08
C ILE D 362 31.16 -19.82 2.98
N ILE D 363 30.01 -20.12 2.37
CA ILE D 363 28.82 -20.56 3.17
C ILE D 363 29.22 -21.78 4.00
N ARG D 364 29.92 -22.74 3.39
CA ARG D 364 30.33 -23.98 4.10
C ARG D 364 31.40 -23.69 5.15
N GLU D 365 32.44 -22.92 4.80
CA GLU D 365 33.55 -22.62 5.74
C GLU D 365 33.00 -22.00 7.02
N LEU D 366 31.98 -21.14 6.91
CA LEU D 366 31.48 -20.40 8.09
C LEU D 366 30.09 -20.90 8.54
N ASP D 367 29.60 -22.00 7.97
CA ASP D 367 28.29 -22.57 8.40
C ASP D 367 27.23 -21.46 8.46
N LEU D 368 26.90 -20.87 7.32
CA LEU D 368 25.98 -19.69 7.32
C LEU D 368 24.50 -20.07 7.18
N LEU D 369 24.18 -21.36 7.05
CA LEU D 369 22.77 -21.77 6.87
C LEU D 369 22.14 -22.02 8.24
N ARG D 370 22.09 -20.98 9.08
CA ARG D 370 21.52 -21.11 10.45
C ARG D 370 20.82 -19.80 10.83
N PRO D 371 19.79 -19.85 11.69
CA PRO D 371 19.11 -18.64 12.15
C PRO D 371 19.98 -17.84 13.13
N ILE D 372 20.93 -17.05 12.62
CA ILE D 372 21.89 -16.30 13.47
C ILE D 372 21.83 -14.80 13.15
N TYR D 373 21.00 -14.40 12.17
CA TYR D 373 21.06 -13.06 11.51
C TYR D 373 20.29 -11.97 12.28
N ALA D 374 19.18 -12.26 12.94
CA ALA D 374 18.44 -11.14 13.60
C ALA D 374 19.34 -10.41 14.61
N ASP D 375 20.39 -11.06 15.11
CA ASP D 375 21.23 -10.45 16.18
C ASP D 375 22.25 -9.47 15.58
N THR D 376 22.48 -9.55 14.28
CA THR D 376 23.42 -8.62 13.59
C THR D 376 22.66 -7.39 13.10
N ALA D 377 21.32 -7.43 13.13
CA ALA D 377 20.50 -6.34 12.58
C ALA D 377 20.64 -5.04 13.38
N ALA D 378 21.24 -5.10 14.56
CA ALA D 378 21.50 -3.87 15.34
C ALA D 378 22.79 -4.03 16.14
N TYR D 379 23.48 -2.91 16.40
CA TYR D 379 24.69 -2.92 17.28
C TYR D 379 25.91 -3.45 16.49
N GLY D 380 25.78 -3.58 15.18
CA GLY D 380 26.92 -4.00 14.34
C GLY D 380 26.92 -5.45 13.95
N HIS D 381 27.46 -5.76 12.78
CA HIS D 381 27.58 -7.17 12.33
C HIS D 381 28.98 -7.66 12.69
N PHE D 382 29.88 -6.74 13.04
CA PHE D 382 31.29 -7.12 13.28
C PHE D 382 31.82 -6.63 14.64
N GLY D 383 32.73 -7.40 15.25
CA GLY D 383 33.36 -7.05 16.53
C GLY D 383 32.41 -7.28 17.68
N ARG D 384 31.73 -8.42 17.64
CA ARG D 384 30.50 -8.65 18.41
C ARG D 384 30.82 -9.69 19.49
N THR D 385 31.37 -9.24 20.61
CA THR D 385 31.85 -10.10 21.73
C THR D 385 30.66 -10.70 22.50
N ASP D 386 29.48 -10.09 22.38
CA ASP D 386 28.23 -10.57 23.02
C ASP D 386 27.64 -11.73 22.20
N LEU D 387 28.11 -11.97 20.97
CA LEU D 387 27.60 -13.07 20.10
C LEU D 387 28.80 -13.93 19.70
N ASP D 388 28.53 -14.98 18.91
CA ASP D 388 29.55 -15.99 18.52
C ASP D 388 29.42 -16.20 17.01
N LEU D 389 29.92 -15.24 16.25
CA LEU D 389 29.70 -15.20 14.78
C LEU D 389 30.84 -15.92 14.07
N PRO D 390 30.54 -16.89 13.20
CA PRO D 390 31.55 -17.58 12.40
C PRO D 390 32.71 -16.71 11.86
N TRP D 391 32.38 -15.59 11.20
CA TRP D 391 33.36 -14.72 10.49
C TRP D 391 34.22 -13.92 11.50
N GLU D 392 34.09 -14.19 12.81
CA GLU D 392 34.89 -13.54 13.88
C GLU D 392 35.98 -14.48 14.44
N ALA D 393 36.04 -15.75 14.03
CA ALA D 393 36.98 -16.75 14.58
C ALA D 393 38.38 -16.53 13.97
N ILE D 394 39.38 -16.31 14.81
CA ILE D 394 40.81 -16.16 14.39
C ILE D 394 41.40 -17.57 14.27
N ASP D 395 41.01 -18.29 13.22
CA ASP D 395 41.40 -19.73 13.10
C ASP D 395 42.08 -19.97 11.76
N ARG D 396 42.68 -18.95 11.17
CA ARG D 396 43.46 -19.15 9.92
C ARG D 396 44.85 -18.52 10.12
N VAL D 397 45.20 -18.22 11.36
CA VAL D 397 46.52 -17.58 11.66
C VAL D 397 47.64 -18.55 11.32
N ASP D 398 47.59 -19.77 11.89
CA ASP D 398 48.66 -20.77 11.68
C ASP D 398 48.85 -21.03 10.18
N GLU D 399 47.76 -21.27 9.46
CA GLU D 399 47.85 -21.61 8.02
C GLU D 399 48.43 -20.42 7.25
N LEU D 400 47.95 -19.21 7.53
CA LEU D 400 48.42 -18.02 6.77
C LEU D 400 49.93 -17.87 6.96
N ARG D 401 50.41 -18.06 8.19
CA ARG D 401 51.86 -17.93 8.48
C ARG D 401 52.61 -19.01 7.72
N ALA D 402 52.11 -20.25 7.77
CA ALA D 402 52.75 -21.36 7.04
C ALA D 402 52.98 -20.94 5.58
N ALA D 403 51.97 -20.32 4.96
CA ALA D 403 52.07 -19.94 3.54
C ALA D 403 53.21 -18.94 3.35
N LEU D 404 53.57 -18.22 4.42
CA LEU D 404 54.65 -17.20 4.34
C LEU D 404 55.92 -17.76 5.01
N LYS D 405 55.95 -19.07 5.28
CA LYS D 405 57.16 -19.73 5.86
C LYS D 405 57.50 -19.09 7.20
N LEU D 406 56.54 -19.04 8.13
CA LEU D 406 56.78 -18.43 9.46
C LEU D 406 56.46 -19.48 10.53
N ALA D 407 56.75 -19.17 11.80
CA ALA D 407 56.54 -20.16 12.88
C ALA D 407 55.21 -19.91 13.58
O5' ADN E . -17.12 5.31 -15.47
C5' ADN E . -17.78 4.36 -14.66
C4' ADN E . -17.81 2.92 -15.22
O4' ADN E . -18.54 2.91 -16.47
C3' ADN E . -16.45 2.28 -15.56
O3' ADN E . -15.93 1.47 -14.51
C2' ADN E . -16.77 1.37 -16.74
O2' ADN E . -17.26 0.11 -16.36
C1' ADN E . -17.84 2.19 -17.46
N9 ADN E . -17.30 3.08 -18.50
C8 ADN E . -16.02 3.57 -18.59
N7 ADN E . -15.82 4.34 -19.64
C5 ADN E . -17.04 4.35 -20.30
C6 ADN E . -17.46 4.97 -21.48
N6 ADN E . -16.68 5.72 -22.24
N1 ADN E . -18.76 4.76 -21.87
C2 ADN E . -19.54 4.00 -21.09
N3 ADN E . -19.25 3.37 -19.97
C4 ADN E . -17.96 3.58 -19.61
PG 3PO F . -19.97 1.67 -11.42
O1G 3PO F . -21.45 1.68 -11.22
O2G 3PO F . -19.58 1.35 -12.84
O3G 3PO F . -19.27 0.81 -10.35
PB 3PO F . -19.22 3.70 -9.46
O1B 3PO F . -19.19 5.17 -9.67
O2B 3PO F . -18.01 3.10 -8.84
O3B 3PO F . -19.42 3.14 -10.96
PA 3PO F . -21.04 1.76 -7.52
O1A 3PO F . -22.25 1.38 -8.25
O2A 3PO F . -20.00 0.68 -7.52
O3A 3PO F . -20.47 3.11 -8.54
O5' 3PO F . -21.31 2.26 -6.16
N SAM G . -0.22 -24.46 9.37
CA SAM G . 0.29 -24.76 8.01
C SAM G . 1.82 -24.85 8.05
O SAM G . 2.46 -24.86 9.10
OXT SAM G . 2.43 -24.90 6.99
CB SAM G . -0.10 -23.69 6.99
CG SAM G . -1.40 -22.93 7.27
SD SAM G . -1.15 -21.16 7.03
CE SAM G . -1.20 -21.00 5.26
C5' SAM G . -2.71 -20.53 7.60
C4' SAM G . -2.82 -19.07 8.00
O4' SAM G . -1.85 -18.19 7.36
C3' SAM G . -4.19 -18.53 7.59
O3' SAM G . -5.00 -18.91 8.70
C2' SAM G . -3.95 -17.04 7.28
O2' SAM G . -4.24 -16.19 8.37
C1' SAM G . -2.46 -16.97 6.96
N9 SAM G . -2.16 -16.76 5.54
C8 SAM G . -1.43 -15.73 5.03
N7 SAM G . -1.21 -15.83 3.74
C5 SAM G . -1.83 -17.02 3.40
C6 SAM G . -1.97 -17.67 2.17
N6 SAM G . -1.42 -17.24 1.04
N1 SAM G . -2.67 -18.83 2.16
C2 SAM G . -3.20 -19.27 3.29
N3 SAM G . -3.12 -18.74 4.51
C4 SAM G . -2.42 -17.60 4.49
C1 GOL H . -15.80 -14.06 -13.88
O1 GOL H . -14.72 -13.26 -13.38
C2 GOL H . -16.22 -15.16 -12.92
O2 GOL H . -15.12 -15.58 -12.10
C3 GOL H . -16.74 -16.39 -13.62
O3 GOL H . -17.87 -16.10 -14.44
P1 POP I . -0.37 -1.51 0.72
O1 POP I . -1.60 -1.93 -0.04
O2 POP I . -0.53 -1.70 2.24
O3 POP I . 0.93 -2.07 0.13
O POP I . -0.24 0.09 0.56
P2 POP I . -0.24 1.12 -0.67
O4 POP I . -1.65 1.67 -0.79
O5 POP I . 0.20 0.40 -1.93
O6 POP I . 0.78 2.13 -0.16
MG MG J . -18.04 0.83 -8.04
MG MG K . -22.69 -7.91 6.52
K K L . -15.22 4.65 -9.25
K K M . -14.89 -8.03 7.09
O5' ADN N . -17.97 -9.33 13.17
C5' ADN N . -18.46 -8.40 12.19
C4' ADN N . -18.84 -7.00 12.77
O4' ADN N . -19.67 -7.15 13.94
C3' ADN N . -17.70 -6.08 13.25
O3' ADN N . -17.22 -5.20 12.24
C2' ADN N . -18.32 -5.30 14.42
O2' ADN N . -19.10 -4.18 14.08
C1' ADN N . -19.25 -6.34 15.01
N9 ADN N . -18.64 -7.14 16.07
C8 ADN N . -17.30 -7.33 16.32
N7 ADN N . -17.07 -8.09 17.37
C5 ADN N . -18.35 -8.42 17.83
C6 ADN N . -18.80 -9.18 18.93
N6 ADN N . -17.99 -9.77 19.82
N1 ADN N . -20.13 -9.27 19.13
C2 ADN N . -20.95 -8.66 18.26
N3 ADN N . -20.65 -7.94 17.19
C4 ADN N . -19.32 -7.84 17.03
PG 3PO O . -21.28 -6.24 4.65
O1G 3PO O . -22.75 -6.31 4.76
O2G 3PO O . -20.97 -5.32 3.57
O3G 3PO O . -20.79 -7.54 4.19
PB 3PO O . -20.87 -6.24 8.06
O1B 3PO O . -22.17 -6.93 8.09
O2B 3PO O . -20.54 -5.47 9.25
O3B 3PO O . -20.71 -5.82 6.41
PA 3PO O . -19.10 -8.16 7.04
O1A 3PO O . -20.43 -8.71 6.48
O2A 3PO O . -18.16 -9.19 7.64
O3A 3PO O . -19.68 -7.28 8.28
O5' 3PO O . -18.39 -7.30 6.03
N SAM P . -4.31 23.82 -9.76
CA SAM P . -3.94 23.89 -8.33
C SAM P . -2.51 24.43 -8.20
O SAM P . -1.55 23.70 -7.96
OXT SAM P . -2.29 25.64 -8.33
CB SAM P . -4.04 22.50 -7.68
CG SAM P . -5.42 21.90 -7.78
SD SAM P . -5.49 20.20 -7.18
CE SAM P . -4.16 20.11 -5.98
C5' SAM P . -4.88 19.36 -8.66
C4' SAM P . -5.15 17.86 -8.70
O4' SAM P . -4.35 17.17 -7.72
C3' SAM P . -6.56 17.38 -8.36
O3' SAM P . -7.48 17.59 -9.43
C2' SAM P . -6.30 15.89 -8.05
O2' SAM P . -6.21 15.05 -9.18
C1' SAM P . -4.90 15.92 -7.42
N9 SAM P . -4.81 15.75 -5.98
C8 SAM P . -3.96 14.87 -5.34
N7 SAM P . -3.98 15.00 -4.03
C5 SAM P . -4.85 16.05 -3.80
C6 SAM P . -5.30 16.67 -2.62
N6 SAM P . -4.87 16.35 -1.41
N1 SAM P . -6.15 17.70 -2.74
C2 SAM P . -6.56 18.05 -3.96
N3 SAM P . -6.22 17.54 -5.13
C4 SAM P . -5.35 16.53 -4.99
C1 GOL Q . -20.00 10.39 11.42
O1 GOL Q . -18.65 9.92 11.34
C2 GOL Q . -20.53 10.82 10.07
O2 GOL Q . -19.53 11.53 9.34
C3 GOL Q . -21.77 11.69 10.19
O3 GOL Q . -22.38 11.59 11.47
MG MG R . -21.98 3.53 -10.29
MG MG S . -18.78 -5.00 6.02
O5' ADN T . 20.11 -9.78 -9.16
C5' ADN T . 19.30 -8.92 -9.95
C4' ADN T . 19.86 -7.50 -10.25
O4' ADN T . 20.95 -7.57 -11.19
C3' ADN T . 18.83 -6.55 -10.90
O3' ADN T . 18.57 -5.43 -10.07
C2' ADN T . 19.40 -6.16 -12.27
O2' ADN T . 19.90 -4.85 -12.39
C1' ADN T . 20.55 -7.14 -12.48
N9 ADN T . 20.14 -8.29 -13.28
C8 ADN T . 18.86 -8.73 -13.50
N7 ADN T . 18.79 -9.78 -14.25
C5 ADN T . 20.11 -10.08 -14.55
C6 ADN T . 20.71 -11.11 -15.32
N6 ADN T . 20.02 -12.06 -15.95
N1 ADN T . 22.06 -11.12 -15.43
C2 ADN T . 22.74 -10.17 -14.79
N3 ADN T . 22.30 -9.15 -14.05
C4 ADN T . 20.96 -9.17 -13.97
PG 3PO U . 22.05 -3.21 -2.91
O1G 3PO U . 20.66 -2.70 -3.15
O2G 3PO U . 22.90 -2.07 -2.50
O3G 3PO U . 22.06 -4.13 -1.73
PB 3PO U . 21.49 -4.37 -5.99
O1B 3PO U . 20.24 -3.55 -5.95
O2B 3PO U . 22.11 -4.55 -7.31
O3B 3PO U . 22.33 -3.92 -4.57
PA 3PO U . 20.35 -6.38 -4.45
O1A 3PO U . 19.64 -7.74 -4.61
O2A 3PO U . 19.37 -5.24 -4.14
O3A 3PO U . 21.02 -5.88 -5.84
O5' 3PO U . 21.53 -6.45 -3.49
N SAM V . -0.47 26.26 0.46
CA SAM V . -1.06 25.27 -0.49
C SAM V . -2.60 25.39 -0.46
O SAM V . -3.18 25.26 0.60
OXT SAM V . -3.29 25.59 -1.45
CB SAM V . -0.66 23.86 -0.07
CG SAM V . 0.83 23.68 0.05
SD SAM V . 1.37 21.95 0.13
CE SAM V . 0.26 21.13 -0.99
C5' SAM V . 0.85 21.57 1.82
C4' SAM V . 1.45 20.29 2.34
O4' SAM V . 0.90 19.19 1.59
C3' SAM V . 2.96 20.12 2.18
O3' SAM V . 3.64 20.67 3.30
C2' SAM V . 3.14 18.59 2.07
O2' SAM V . 3.50 18.00 3.29
C1' SAM V . 1.76 18.08 1.68
N9 SAM V . 1.68 17.41 0.39
C8 SAM V . 1.05 16.22 0.12
N7 SAM V . 1.08 15.90 -1.15
C5 SAM V . 1.74 16.94 -1.76
C6 SAM V . 2.09 17.20 -3.09
N6 SAM V . 1.77 16.40 -4.09
N1 SAM V . 2.78 18.33 -3.38
C2 SAM V . 3.08 19.16 -2.37
N3 SAM V . 2.79 19.03 -1.08
C4 SAM V . 2.12 17.89 -0.83
MG MG W . 19.18 -3.16 -4.35
MG MG X . 20.82 10.19 8.03
K K Y . 13.41 10.26 7.04
O5' ADN Z . 15.50 13.14 12.41
C5' ADN Z . 15.76 11.85 11.87
C4' ADN Z . 16.13 10.76 12.88
O4' ADN Z . 16.70 11.38 14.06
C3' ADN Z . 14.98 9.89 13.41
O3' ADN Z . 14.83 8.70 12.64
C2' ADN Z . 15.41 9.54 14.85
O2' ADN Z . 16.10 8.30 14.97
C1' ADN Z . 16.23 10.76 15.25
N9 ADN Z . 15.50 11.78 16.00
C8 ADN Z . 14.14 11.99 16.00
N7 ADN Z . 13.78 12.98 16.77
C5 ADN Z . 14.96 13.48 17.29
C6 ADN Z . 15.24 14.55 18.19
N6 ADN Z . 14.32 15.33 18.71
N1 ADN Z . 16.55 14.77 18.51
C2 ADN Z . 17.48 13.97 17.98
N3 ADN Z . 17.34 12.94 17.15
C4 ADN Z . 16.05 12.74 16.83
PG 3PO AA . 20.07 7.87 6.04
O1G 3PO AA . 19.22 6.68 6.40
O2G 3PO AA . 21.40 7.70 6.66
O3G 3PO AA . 20.20 8.06 4.56
PB 3PO AA . 17.80 9.81 7.38
O1B 3PO AA . 16.81 8.74 7.02
O2B 3PO AA . 17.36 11.24 7.21
O3B 3PO AA . 19.27 9.31 6.75
PA 3PO AA . 18.90 8.71 9.75
O1A 3PO AA . 18.47 7.39 9.09
O2A 3PO AA . 18.57 8.77 11.22
O3A 3PO AA . 18.02 9.79 8.96
O5' 3PO AA . 20.34 9.05 9.45
N SAM BA . 5.14 -25.67 -1.08
CA SAM BA . 4.43 -25.35 0.22
C SAM BA . 2.92 -25.73 0.16
O SAM BA . 2.30 -26.03 -0.85
OXT SAM BA . 2.22 -25.75 1.18
CB SAM BA . 4.54 -23.84 0.53
CG SAM BA . 5.95 -23.30 0.45
SD SAM BA . 6.03 -21.48 0.45
CE SAM BA . 4.45 -20.97 1.12
C5' SAM BA . 5.88 -21.20 -1.34
C4' SAM BA . 6.24 -19.76 -1.72
O4' SAM BA . 5.29 -18.86 -1.13
C3' SAM BA . 7.58 -19.23 -1.23
O3' SAM BA . 8.66 -19.73 -2.01
C2' SAM BA . 7.33 -17.72 -1.34
O2' SAM BA . 7.51 -17.20 -2.64
C1' SAM BA . 5.84 -17.57 -1.08
N9 SAM BA . 5.47 -16.97 0.20
C8 SAM BA . 4.59 -15.93 0.35
N7 SAM BA . 4.35 -15.62 1.59
C5 SAM BA . 5.13 -16.52 2.31
C6 SAM BA . 5.31 -16.70 3.70
N6 SAM BA . 4.67 -15.98 4.62
N1 SAM BA . 6.13 -17.71 4.11
C2 SAM BA . 6.75 -18.43 3.16
N3 SAM BA . 6.65 -18.33 1.84
C4 SAM BA . 5.81 -17.36 1.47
MG MG CA . 23.75 -5.48 -4.77
MG MG DA . 17.39 6.97 7.47
K K EA . 16.31 -7.21 -4.71
#